data_2QFY
#
_entry.id   2QFY
#
_cell.length_a   74.900
_cell.length_b   98.480
_cell.length_c   190.600
_cell.angle_alpha   90.000
_cell.angle_beta   98.400
_cell.angle_gamma   90.000
#
_symmetry.space_group_name_H-M   'P 1 21 1'
#
loop_
_entity.id
_entity.type
_entity.pdbx_description
1 polymer 'Isocitrate dehydrogenase [NADP]'
2 non-polymer '2-OXOGLUTARIC ACID'
3 water water
#
_entity_poly.entity_id   1
_entity_poly.type   'polypeptide(L)'
_entity_poly.pdbx_seq_one_letter_code
;MHHHHHHAMGIPGHAFSKIKVKQPVVELDGDEMTRIIWDKIKKKLILPYLDVDLKYYDLSVESRDATSDKITQDAAEAIK
KYGVGIKCATITPDEARVKEFNLHKMWKSPNGTIRNILGGTVFREPIVIPRIPRLVPRWEKPIIIGRHAHGDQYKATDTL
IPGPGSLELVYKPSDPTTAQPQTLKVYDYKGSGVAMAMYNTDESIEGFAHSSFKLAIDKKLNLFLSTKNTILKKYDGRFK
DIFQEVYEAQYKSKFEQLGIHYEHRLIDDMVAQMIKSKGGFIMALKNYDGDVQSDIVAQGFGSLGLMTSILVTPDGKTFE
SEAAHGTVTRHYRKYQKGEETSTNSIASIFAWSRGLLKRGELDNTPALCKFANILESATLNTVQQDGIMTKDLALACGNN
ERSAYVTTEEFLDAVEKRLQKEIKSIE
;
_entity_poly.pdbx_strand_id   A,B,C,D,E,F
#
loop_
_chem_comp.id
_chem_comp.type
_chem_comp.name
_chem_comp.formula
AKG non-polymer '2-OXOGLUTARIC ACID' 'C5 H6 O5'
#
# COMPACT_ATOMS: atom_id res chain seq x y z
N PHE A 16 -31.50 -15.08 -35.53
CA PHE A 16 -30.23 -15.71 -35.07
C PHE A 16 -30.50 -16.92 -34.17
N SER A 17 -29.78 -18.01 -34.42
CA SER A 17 -29.94 -19.23 -33.63
C SER A 17 -29.14 -19.08 -32.34
N LYS A 18 -29.85 -18.96 -31.22
CA LYS A 18 -29.23 -18.77 -29.91
C LYS A 18 -28.25 -19.83 -29.42
N ILE A 19 -27.16 -19.36 -28.83
CA ILE A 19 -26.14 -20.25 -28.28
C ILE A 19 -26.63 -20.78 -26.95
N LYS A 20 -26.54 -22.09 -26.77
CA LYS A 20 -26.99 -22.74 -25.55
C LYS A 20 -25.93 -22.78 -24.46
N VAL A 21 -26.12 -21.98 -23.41
CA VAL A 21 -25.19 -21.98 -22.28
C VAL A 21 -25.60 -23.19 -21.45
N LYS A 22 -24.64 -24.08 -21.19
CA LYS A 22 -24.92 -25.30 -20.44
C LYS A 22 -25.27 -25.08 -18.98
N GLN A 23 -24.38 -24.44 -18.24
CA GLN A 23 -24.59 -24.19 -16.82
C GLN A 23 -25.14 -22.78 -16.58
N PRO A 24 -25.90 -22.61 -15.49
CA PRO A 24 -26.45 -21.28 -15.20
C PRO A 24 -25.37 -20.25 -14.85
N VAL A 25 -25.71 -18.98 -14.98
CA VAL A 25 -24.79 -17.92 -14.66
C VAL A 25 -25.44 -17.11 -13.56
N VAL A 26 -24.65 -16.77 -12.54
CA VAL A 26 -25.17 -15.97 -11.43
C VAL A 26 -24.99 -14.50 -11.79
N GLU A 27 -26.07 -13.74 -11.74
CA GLU A 27 -26.08 -12.33 -12.07
C GLU A 27 -26.38 -11.48 -10.85
N LEU A 28 -25.54 -10.50 -10.55
CA LEU A 28 -25.78 -9.63 -9.39
C LEU A 28 -26.05 -8.22 -9.92
N ASP A 29 -27.31 -7.79 -9.81
CA ASP A 29 -27.70 -6.47 -10.28
C ASP A 29 -27.17 -5.41 -9.32
N GLY A 30 -26.94 -4.21 -9.85
CA GLY A 30 -26.38 -3.14 -9.04
C GLY A 30 -27.23 -1.91 -8.83
N ASP A 31 -26.55 -0.76 -8.78
CA ASP A 31 -27.22 0.50 -8.52
C ASP A 31 -27.23 1.56 -9.61
N GLU A 32 -28.25 2.40 -9.50
CA GLU A 32 -28.48 3.57 -10.33
C GLU A 32 -28.10 3.54 -11.80
N MET A 33 -27.20 4.42 -12.21
CA MET A 33 -26.80 4.52 -13.60
C MET A 33 -26.24 3.22 -14.17
N THR A 34 -25.35 2.56 -13.42
CA THR A 34 -24.80 1.31 -13.93
C THR A 34 -25.90 0.24 -14.02
N ARG A 35 -26.91 0.36 -13.18
CA ARG A 35 -28.04 -0.59 -13.20
C ARG A 35 -28.84 -0.38 -14.49
N ILE A 36 -29.04 0.88 -14.86
CA ILE A 36 -29.76 1.22 -16.08
C ILE A 36 -29.00 0.62 -17.26
N ILE A 37 -27.70 0.89 -17.30
CA ILE A 37 -26.83 0.39 -18.35
C ILE A 37 -26.82 -1.13 -18.40
N TRP A 38 -26.76 -1.73 -17.21
CA TRP A 38 -26.74 -3.18 -17.06
C TRP A 38 -27.94 -3.84 -17.71
N ASP A 39 -29.13 -3.28 -17.48
CA ASP A 39 -30.34 -3.87 -18.05
C ASP A 39 -30.37 -3.81 -19.57
N LYS A 40 -29.89 -2.72 -20.14
CA LYS A 40 -29.86 -2.58 -21.60
C LYS A 40 -28.86 -3.56 -22.22
N ILE A 41 -27.72 -3.73 -21.57
CA ILE A 41 -26.71 -4.66 -22.07
C ILE A 41 -27.32 -6.06 -22.12
N LYS A 42 -27.95 -6.46 -21.01
CA LYS A 42 -28.57 -7.77 -20.90
C LYS A 42 -29.65 -8.00 -21.95
N LYS A 43 -30.56 -7.05 -22.08
CA LYS A 43 -31.68 -7.16 -23.03
C LYS A 43 -31.30 -7.05 -24.50
N LYS A 44 -30.30 -6.24 -24.82
CA LYS A 44 -29.91 -6.04 -26.20
C LYS A 44 -28.64 -6.73 -26.70
N LEU A 45 -27.67 -6.94 -25.82
CA LEU A 45 -26.42 -7.57 -26.22
C LEU A 45 -26.23 -9.03 -25.80
N ILE A 46 -26.97 -9.49 -24.80
CA ILE A 46 -26.79 -10.86 -24.34
C ILE A 46 -27.95 -11.79 -24.64
N LEU A 47 -29.09 -11.53 -24.01
CA LEU A 47 -30.26 -12.39 -24.15
C LEU A 47 -30.69 -12.69 -25.59
N PRO A 48 -30.54 -11.73 -26.52
CA PRO A 48 -30.95 -12.04 -27.89
C PRO A 48 -30.07 -13.11 -28.56
N TYR A 49 -28.86 -13.31 -28.05
CA TYR A 49 -27.95 -14.29 -28.63
C TYR A 49 -27.71 -15.53 -27.81
N LEU A 50 -28.01 -15.45 -26.52
CA LEU A 50 -27.78 -16.59 -25.67
C LEU A 50 -29.01 -17.08 -24.94
N ASP A 51 -29.11 -18.40 -24.80
CA ASP A 51 -30.20 -19.00 -24.06
C ASP A 51 -29.53 -19.29 -22.73
N VAL A 52 -29.59 -18.33 -21.80
CA VAL A 52 -28.95 -18.48 -20.50
C VAL A 52 -29.89 -18.52 -19.34
N ASP A 53 -29.56 -19.36 -18.38
CA ASP A 53 -30.35 -19.47 -17.17
C ASP A 53 -29.62 -18.55 -16.19
N LEU A 54 -30.18 -17.36 -15.97
CA LEU A 54 -29.56 -16.40 -15.08
C LEU A 54 -30.13 -16.47 -13.67
N LYS A 55 -29.26 -16.76 -12.70
CA LYS A 55 -29.65 -16.83 -11.29
C LYS A 55 -29.49 -15.40 -10.80
N TYR A 56 -30.61 -14.68 -10.76
CA TYR A 56 -30.63 -13.27 -10.41
C TYR A 56 -30.64 -12.90 -8.94
N TYR A 57 -29.73 -12.01 -8.57
CA TYR A 57 -29.63 -11.50 -7.21
C TYR A 57 -29.56 -9.98 -7.28
N ASP A 58 -30.57 -9.30 -6.73
CA ASP A 58 -30.61 -7.85 -6.78
C ASP A 58 -29.79 -7.27 -5.63
N LEU A 59 -28.64 -6.70 -5.96
CA LEU A 59 -27.79 -6.11 -4.93
C LEU A 59 -27.87 -4.59 -4.91
N SER A 60 -29.03 -4.05 -5.25
CA SER A 60 -29.19 -2.59 -5.21
C SER A 60 -29.16 -2.24 -3.72
N VAL A 61 -28.91 -0.98 -3.39
CA VAL A 61 -28.86 -0.58 -1.98
C VAL A 61 -30.18 -0.91 -1.29
N GLU A 62 -31.28 -0.61 -1.96
CA GLU A 62 -32.61 -0.87 -1.41
C GLU A 62 -32.84 -2.35 -1.12
N SER A 63 -32.39 -3.23 -2.01
CA SER A 63 -32.55 -4.67 -1.81
C SER A 63 -31.68 -5.17 -0.66
N ARG A 64 -30.45 -4.66 -0.57
CA ARG A 64 -29.55 -5.06 0.51
C ARG A 64 -30.06 -4.55 1.86
N ASP A 65 -30.61 -3.34 1.88
CA ASP A 65 -31.14 -2.77 3.11
C ASP A 65 -32.32 -3.63 3.55
N ALA A 66 -33.23 -3.90 2.63
CA ALA A 66 -34.42 -4.70 2.94
C ALA A 66 -34.11 -6.11 3.46
N THR A 67 -33.03 -6.71 3.00
CA THR A 67 -32.65 -8.05 3.45
C THR A 67 -31.54 -7.98 4.50
N SER A 68 -31.24 -6.79 4.98
CA SER A 68 -30.17 -6.61 5.96
C SER A 68 -28.87 -7.22 5.40
N ASP A 69 -28.64 -6.98 4.11
CA ASP A 69 -27.45 -7.45 3.40
C ASP A 69 -27.34 -8.97 3.24
N LYS A 70 -28.40 -9.69 3.57
CA LYS A 70 -28.40 -11.14 3.43
C LYS A 70 -28.38 -11.52 1.94
N ILE A 71 -28.91 -10.65 1.09
CA ILE A 71 -28.95 -10.95 -0.33
C ILE A 71 -27.53 -11.07 -0.91
N THR A 72 -26.61 -10.29 -0.35
CA THR A 72 -25.22 -10.30 -0.79
C THR A 72 -24.54 -11.63 -0.47
N GLN A 73 -24.79 -12.12 0.74
CA GLN A 73 -24.25 -13.39 1.17
C GLN A 73 -24.83 -14.49 0.29
N ASP A 74 -26.15 -14.47 0.06
CA ASP A 74 -26.79 -15.47 -0.78
C ASP A 74 -26.17 -15.50 -2.19
N ALA A 75 -25.95 -14.31 -2.75
CA ALA A 75 -25.38 -14.20 -4.09
C ALA A 75 -23.97 -14.80 -4.09
N ALA A 76 -23.20 -14.51 -3.06
CA ALA A 76 -21.84 -15.05 -2.98
C ALA A 76 -21.90 -16.60 -3.00
N GLU A 77 -22.79 -17.16 -2.18
CA GLU A 77 -22.94 -18.60 -2.10
C GLU A 77 -23.44 -19.19 -3.42
N ALA A 78 -24.27 -18.44 -4.14
CA ALA A 78 -24.76 -18.91 -5.42
C ALA A 78 -23.57 -19.00 -6.38
N ILE A 79 -22.72 -17.99 -6.38
CA ILE A 79 -21.54 -18.01 -7.25
C ILE A 79 -20.71 -19.26 -6.99
N LYS A 80 -20.51 -19.58 -5.71
CA LYS A 80 -19.73 -20.76 -5.33
C LYS A 80 -20.41 -22.03 -5.83
N LYS A 81 -21.74 -22.05 -5.75
CA LYS A 81 -22.52 -23.19 -6.18
C LYS A 81 -22.46 -23.40 -7.69
N TYR A 82 -22.75 -22.36 -8.46
CA TYR A 82 -22.76 -22.47 -9.92
C TYR A 82 -21.43 -22.28 -10.66
N GLY A 83 -20.49 -21.56 -10.05
CA GLY A 83 -19.19 -21.38 -10.68
C GLY A 83 -18.84 -20.03 -11.27
N VAL A 84 -19.81 -19.38 -11.91
CA VAL A 84 -19.55 -18.09 -12.53
C VAL A 84 -20.58 -17.02 -12.18
N GLY A 85 -20.08 -15.92 -11.63
CA GLY A 85 -20.92 -14.80 -11.27
C GLY A 85 -20.51 -13.57 -12.05
N ILE A 86 -21.49 -12.78 -12.44
CA ILE A 86 -21.24 -11.55 -13.18
C ILE A 86 -21.92 -10.45 -12.36
N LYS A 87 -21.15 -9.44 -11.97
CA LYS A 87 -21.67 -8.39 -11.11
C LYS A 87 -21.65 -6.94 -11.60
N CYS A 88 -22.79 -6.27 -11.46
CA CYS A 88 -22.96 -4.88 -11.82
C CYS A 88 -22.37 -4.02 -10.69
N ALA A 89 -21.92 -2.81 -11.03
CA ALA A 89 -21.34 -1.92 -10.01
C ALA A 89 -22.40 -1.60 -8.97
N THR A 90 -21.99 -1.59 -7.70
CA THR A 90 -22.92 -1.32 -6.61
C THR A 90 -22.46 -0.13 -5.78
N ILE A 91 -23.37 0.37 -4.97
CA ILE A 91 -23.09 1.50 -4.11
C ILE A 91 -22.90 1.10 -2.66
N THR A 92 -21.81 1.56 -2.06
CA THR A 92 -21.55 1.32 -0.66
C THR A 92 -21.97 2.63 -0.02
N PRO A 93 -23.10 2.62 0.69
CA PRO A 93 -23.62 3.83 1.33
C PRO A 93 -22.73 4.48 2.37
N ASP A 94 -22.70 5.82 2.35
CA ASP A 94 -21.94 6.59 3.32
C ASP A 94 -22.96 7.23 4.26
N GLU A 95 -22.49 8.04 5.21
CA GLU A 95 -23.40 8.67 6.16
C GLU A 95 -24.52 9.43 5.44
N ALA A 96 -24.14 10.20 4.43
CA ALA A 96 -25.11 10.98 3.67
C ALA A 96 -26.25 10.13 3.10
N ARG A 97 -25.90 9.06 2.39
CA ARG A 97 -26.90 8.20 1.79
C ARG A 97 -27.78 7.49 2.81
N VAL A 98 -27.18 7.04 3.91
CA VAL A 98 -27.95 6.36 4.95
C VAL A 98 -29.08 7.27 5.44
N LYS A 99 -28.77 8.57 5.59
CA LYS A 99 -29.75 9.54 6.04
C LYS A 99 -30.76 9.93 4.97
N GLU A 100 -30.29 10.16 3.76
CA GLU A 100 -31.18 10.55 2.67
C GLU A 100 -32.17 9.45 2.28
N PHE A 101 -31.76 8.19 2.43
CA PHE A 101 -32.62 7.07 2.07
C PHE A 101 -33.08 6.27 3.28
N ASN A 102 -32.87 6.83 4.47
CA ASN A 102 -33.27 6.19 5.71
C ASN A 102 -32.87 4.71 5.80
N LEU A 103 -31.60 4.43 5.51
CA LEU A 103 -31.10 3.05 5.56
C LEU A 103 -30.93 2.60 7.02
N HIS A 104 -30.94 1.30 7.22
CA HIS A 104 -30.78 0.73 8.56
C HIS A 104 -29.39 1.00 9.14
N LYS A 105 -28.37 0.98 8.28
CA LYS A 105 -27.01 1.24 8.72
C LYS A 105 -26.09 1.42 7.52
N MET A 106 -24.83 1.74 7.79
CA MET A 106 -23.86 1.94 6.73
C MET A 106 -23.36 0.55 6.32
N TRP A 107 -24.13 -0.10 5.46
CA TRP A 107 -23.80 -1.44 5.00
C TRP A 107 -22.41 -1.53 4.38
N LYS A 108 -21.72 -2.64 4.65
CA LYS A 108 -20.40 -2.84 4.10
C LYS A 108 -20.45 -3.09 2.58
N SER A 109 -19.32 -2.81 1.94
CA SER A 109 -19.17 -3.00 0.51
C SER A 109 -19.54 -4.42 0.07
N PRO A 110 -20.51 -4.54 -0.86
CA PRO A 110 -20.89 -5.89 -1.29
C PRO A 110 -19.65 -6.61 -1.81
N ASN A 111 -18.76 -5.87 -2.47
CA ASN A 111 -17.52 -6.45 -3.02
C ASN A 111 -16.65 -7.04 -1.92
N GLY A 112 -16.51 -6.33 -0.81
CA GLY A 112 -15.70 -6.83 0.28
C GLY A 112 -16.29 -8.10 0.84
N THR A 113 -17.61 -8.14 0.91
CA THR A 113 -18.33 -9.30 1.42
C THR A 113 -18.17 -10.52 0.49
N ILE A 114 -18.32 -10.30 -0.81
CA ILE A 114 -18.19 -11.39 -1.76
C ILE A 114 -16.77 -11.94 -1.78
N ARG A 115 -15.78 -11.06 -1.81
CA ARG A 115 -14.39 -11.48 -1.80
C ARG A 115 -14.04 -12.27 -0.54
N ASN A 116 -14.57 -11.84 0.61
CA ASN A 116 -14.31 -12.54 1.86
C ASN A 116 -14.89 -13.96 1.82
N ILE A 117 -16.08 -14.11 1.28
CA ILE A 117 -16.72 -15.42 1.19
C ILE A 117 -16.06 -16.34 0.16
N LEU A 118 -15.78 -15.82 -1.03
CA LEU A 118 -15.16 -16.64 -2.06
C LEU A 118 -13.66 -16.81 -1.87
N GLY A 119 -13.02 -15.76 -1.38
CA GLY A 119 -11.58 -15.79 -1.19
C GLY A 119 -10.94 -15.78 -2.56
N GLY A 120 -9.61 -15.89 -2.62
CA GLY A 120 -8.96 -15.91 -3.92
C GLY A 120 -8.14 -14.70 -4.31
N THR A 121 -8.17 -14.40 -5.61
CA THR A 121 -7.41 -13.30 -6.15
C THR A 121 -8.24 -12.51 -7.12
N VAL A 122 -8.09 -11.18 -7.11
CA VAL A 122 -8.81 -10.35 -8.04
C VAL A 122 -7.79 -9.89 -9.09
N PHE A 123 -8.00 -10.30 -10.33
CA PHE A 123 -7.11 -9.90 -11.40
C PHE A 123 -7.69 -8.68 -12.11
N ARG A 124 -6.90 -7.63 -12.20
CA ARG A 124 -7.34 -6.41 -12.85
C ARG A 124 -6.37 -6.05 -13.95
N GLU A 125 -6.92 -5.68 -15.09
CA GLU A 125 -6.08 -5.30 -16.21
C GLU A 125 -6.83 -4.33 -17.10
N PRO A 126 -6.08 -3.43 -17.74
CA PRO A 126 -6.69 -2.43 -18.63
C PRO A 126 -7.37 -3.00 -19.86
N ILE A 127 -8.39 -2.27 -20.30
CA ILE A 127 -9.14 -2.60 -21.52
C ILE A 127 -8.47 -1.61 -22.47
N VAL A 128 -7.64 -2.12 -23.36
CA VAL A 128 -6.90 -1.23 -24.24
C VAL A 128 -7.61 -0.85 -25.54
N ILE A 129 -7.72 0.46 -25.76
CA ILE A 129 -8.31 1.02 -26.95
C ILE A 129 -7.23 1.92 -27.54
N PRO A 130 -6.59 1.47 -28.64
CA PRO A 130 -5.51 2.18 -29.34
C PRO A 130 -5.60 3.71 -29.33
N ARG A 131 -6.76 4.22 -29.70
CA ARG A 131 -7.02 5.64 -29.77
C ARG A 131 -6.91 6.44 -28.46
N ILE A 132 -7.17 5.79 -27.33
CA ILE A 132 -7.10 6.48 -26.04
C ILE A 132 -5.66 6.81 -25.65
N PRO A 133 -5.38 8.07 -25.29
CA PRO A 133 -4.01 8.43 -24.91
C PRO A 133 -3.60 7.81 -23.57
N ARG A 134 -2.39 7.27 -23.52
CA ARG A 134 -1.87 6.67 -22.30
C ARG A 134 -1.27 7.82 -21.49
N LEU A 135 -1.53 7.85 -20.19
CA LEU A 135 -0.98 8.90 -19.34
C LEU A 135 0.48 8.59 -18.98
N VAL A 136 0.86 7.33 -19.17
CA VAL A 136 2.22 6.86 -18.97
C VAL A 136 2.52 6.24 -20.35
N PRO A 137 3.01 7.05 -21.30
CA PRO A 137 3.34 6.71 -22.69
C PRO A 137 4.03 5.37 -22.98
N ARG A 138 5.07 5.06 -22.21
CA ARG A 138 5.82 3.82 -22.44
C ARG A 138 5.04 2.52 -22.21
N TRP A 139 3.91 2.58 -21.51
CA TRP A 139 3.15 1.37 -21.25
C TRP A 139 2.47 0.85 -22.52
N GLU A 140 3.19 0.01 -23.26
CA GLU A 140 2.68 -0.54 -24.51
C GLU A 140 2.10 -1.94 -24.33
N LYS A 141 2.47 -2.60 -23.24
CA LYS A 141 1.98 -3.95 -22.97
C LYS A 141 1.23 -3.95 -21.66
N PRO A 142 0.10 -4.68 -21.60
CA PRO A 142 -0.73 -4.77 -20.40
C PRO A 142 -0.02 -5.16 -19.10
N ILE A 143 -0.34 -4.41 -18.04
CA ILE A 143 0.20 -4.70 -16.71
C ILE A 143 -1.00 -5.33 -16.01
N ILE A 144 -0.83 -6.52 -15.45
CA ILE A 144 -1.92 -7.19 -14.75
C ILE A 144 -1.68 -7.16 -13.26
N ILE A 145 -2.68 -6.67 -12.51
CA ILE A 145 -2.58 -6.62 -11.06
C ILE A 145 -3.30 -7.81 -10.47
N GLY A 146 -2.58 -8.64 -9.71
CA GLY A 146 -3.20 -9.76 -9.04
C GLY A 146 -3.33 -9.32 -7.59
N ARG A 147 -4.51 -8.87 -7.21
CA ARG A 147 -4.77 -8.38 -5.86
C ARG A 147 -5.31 -9.49 -4.97
N HIS A 148 -4.62 -9.77 -3.86
CA HIS A 148 -5.10 -10.80 -2.92
C HIS A 148 -6.48 -10.30 -2.49
N ALA A 149 -7.50 -11.14 -2.62
CA ALA A 149 -8.86 -10.71 -2.31
C ALA A 149 -9.30 -10.77 -0.87
N HIS A 150 -8.47 -11.30 0.01
CA HIS A 150 -8.90 -11.49 1.38
C HIS A 150 -8.04 -10.94 2.52
N GLY A 151 -8.72 -10.61 3.62
CA GLY A 151 -8.05 -10.14 4.82
C GLY A 151 -7.37 -8.78 4.84
N ASP A 152 -6.40 -8.66 5.75
CA ASP A 152 -5.66 -7.43 5.94
C ASP A 152 -6.64 -6.32 6.35
N GLN A 153 -6.43 -5.10 5.85
CA GLN A 153 -7.27 -3.98 6.23
C GLN A 153 -8.76 -4.15 6.02
N TYR A 154 -9.14 -4.97 5.04
CA TYR A 154 -10.55 -5.16 4.74
C TYR A 154 -11.36 -5.98 5.73
N LYS A 155 -10.66 -6.63 6.67
CA LYS A 155 -11.33 -7.42 7.69
C LYS A 155 -10.75 -7.01 9.04
N ALA A 156 -10.13 -5.83 9.06
CA ALA A 156 -9.47 -5.34 10.24
C ALA A 156 -10.38 -4.89 11.36
N THR A 157 -9.79 -4.77 12.54
CA THR A 157 -10.48 -4.31 13.73
C THR A 157 -9.74 -3.02 14.09
N ASP A 158 -10.44 -1.88 14.08
CA ASP A 158 -9.82 -0.62 14.44
C ASP A 158 -10.66 0.08 15.49
N THR A 159 -10.01 0.93 16.29
CA THR A 159 -10.72 1.61 17.36
C THR A 159 -10.00 2.86 17.85
N LEU A 160 -10.77 3.75 18.47
CA LEU A 160 -10.23 4.96 19.05
C LEU A 160 -9.74 4.59 20.45
N ILE A 161 -8.62 5.18 20.85
CA ILE A 161 -8.06 4.95 22.18
C ILE A 161 -8.26 6.31 22.85
N PRO A 162 -9.16 6.40 23.84
CA PRO A 162 -9.48 7.63 24.57
C PRO A 162 -8.41 8.26 25.44
N GLY A 163 -7.44 7.49 25.90
CA GLY A 163 -6.41 8.07 26.74
C GLY A 163 -5.27 7.13 27.07
N PRO A 164 -4.40 7.52 28.02
CA PRO A 164 -3.26 6.71 28.43
C PRO A 164 -3.68 5.29 28.82
N GLY A 165 -2.84 4.32 28.51
CA GLY A 165 -3.15 2.95 28.82
C GLY A 165 -2.34 2.01 27.95
N SER A 166 -2.41 0.72 28.23
CA SER A 166 -1.65 -0.27 27.48
C SER A 166 -2.50 -0.92 26.37
N LEU A 167 -1.82 -1.32 25.29
CA LEU A 167 -2.48 -1.96 24.16
C LEU A 167 -1.73 -3.26 23.87
N GLU A 168 -2.43 -4.39 23.90
CA GLU A 168 -1.78 -5.67 23.66
C GLU A 168 -2.50 -6.49 22.60
N LEU A 169 -1.75 -7.37 21.93
CA LEU A 169 -2.31 -8.26 20.92
C LEU A 169 -2.22 -9.63 21.58
N VAL A 170 -3.36 -10.27 21.79
CA VAL A 170 -3.39 -11.56 22.49
C VAL A 170 -3.88 -12.76 21.69
N TYR A 171 -3.08 -13.82 21.65
CA TYR A 171 -3.46 -15.04 20.93
C TYR A 171 -3.55 -16.20 21.93
N LYS A 172 -4.64 -16.96 21.86
CA LYS A 172 -4.86 -18.11 22.72
C LYS A 172 -5.20 -19.31 21.85
N PRO A 173 -4.27 -20.28 21.74
CA PRO A 173 -4.53 -21.46 20.92
C PRO A 173 -5.70 -22.28 21.41
N SER A 174 -6.44 -22.87 20.48
CA SER A 174 -7.58 -23.70 20.84
C SER A 174 -7.10 -24.96 21.54
N ASP A 175 -5.84 -25.33 21.29
CA ASP A 175 -5.25 -26.50 21.92
C ASP A 175 -3.88 -26.13 22.48
N PRO A 176 -3.82 -25.86 23.79
CA PRO A 176 -2.62 -25.48 24.53
C PRO A 176 -1.43 -26.45 24.39
N THR A 177 -1.72 -27.73 24.22
CA THR A 177 -0.65 -28.70 24.11
C THR A 177 0.02 -28.73 22.74
N THR A 178 -0.62 -28.11 21.75
CA THR A 178 -0.07 -28.09 20.40
C THR A 178 0.42 -26.73 19.97
N ALA A 179 0.21 -25.71 20.81
CA ALA A 179 0.64 -24.35 20.48
C ALA A 179 0.73 -23.48 21.72
N GLN A 180 1.58 -22.47 21.68
CA GLN A 180 1.77 -21.57 22.81
C GLN A 180 0.97 -20.28 22.70
N PRO A 181 0.47 -19.77 23.84
CA PRO A 181 -0.29 -18.52 23.77
C PRO A 181 0.67 -17.38 23.51
N GLN A 182 0.13 -16.22 23.13
CA GLN A 182 0.98 -15.07 22.84
C GLN A 182 0.35 -13.78 23.37
N THR A 183 1.15 -12.97 24.03
CA THR A 183 0.69 -11.68 24.53
C THR A 183 1.77 -10.72 24.12
N LEU A 184 1.48 -9.93 23.09
CA LEU A 184 2.44 -8.98 22.55
C LEU A 184 2.13 -7.54 22.95
N LYS A 185 3.14 -6.83 23.41
CA LYS A 185 2.96 -5.44 23.79
C LYS A 185 2.99 -4.63 22.49
N VAL A 186 1.90 -3.93 22.21
CA VAL A 186 1.83 -3.13 20.98
C VAL A 186 2.24 -1.69 21.24
N TYR A 187 1.74 -1.11 22.33
CA TYR A 187 2.05 0.27 22.62
C TYR A 187 1.46 0.73 23.96
N ASP A 188 2.16 1.65 24.61
CA ASP A 188 1.70 2.24 25.86
C ASP A 188 1.35 3.68 25.49
N TYR A 189 0.06 3.97 25.40
CA TYR A 189 -0.38 5.31 25.05
C TYR A 189 -0.12 6.27 26.20
N LYS A 190 0.24 7.50 25.86
CA LYS A 190 0.50 8.55 26.82
C LYS A 190 -0.55 9.61 26.57
N GLY A 191 -1.40 9.35 25.58
CA GLY A 191 -2.48 10.27 25.20
C GLY A 191 -3.46 9.53 24.32
N SER A 192 -4.49 10.21 23.84
CA SER A 192 -5.48 9.57 22.99
C SER A 192 -4.87 9.22 21.62
N GLY A 193 -5.43 8.22 20.97
CA GLY A 193 -4.92 7.82 19.66
C GLY A 193 -5.83 6.83 18.97
N VAL A 194 -5.24 6.05 18.07
CA VAL A 194 -5.97 5.04 17.31
C VAL A 194 -5.19 3.73 17.32
N ALA A 195 -5.91 2.64 17.13
CA ALA A 195 -5.30 1.32 17.11
C ALA A 195 -6.06 0.42 16.15
N MET A 196 -5.35 -0.55 15.58
CA MET A 196 -5.99 -1.49 14.69
C MET A 196 -5.19 -2.76 14.63
N ALA A 197 -5.87 -3.86 14.31
CA ALA A 197 -5.21 -5.13 14.19
C ALA A 197 -5.83 -5.78 12.96
N MET A 198 -5.05 -6.59 12.27
CA MET A 198 -5.58 -7.26 11.09
C MET A 198 -4.94 -8.61 10.99
N TYR A 199 -5.46 -9.43 10.08
CA TYR A 199 -4.97 -10.77 9.94
C TYR A 199 -5.07 -11.31 8.54
N ASN A 200 -4.49 -12.49 8.37
CA ASN A 200 -4.58 -13.24 7.15
C ASN A 200 -4.26 -14.67 7.49
N THR A 201 -4.54 -15.59 6.58
CA THR A 201 -4.32 -17.00 6.82
C THR A 201 -3.39 -17.59 5.78
N ASP A 202 -2.67 -18.65 6.16
CA ASP A 202 -1.73 -19.28 5.25
C ASP A 202 -2.49 -19.90 4.10
N GLU A 203 -3.67 -20.45 4.38
CA GLU A 203 -4.47 -21.06 3.33
C GLU A 203 -4.86 -20.01 2.27
N SER A 204 -5.24 -18.82 2.71
CA SER A 204 -5.62 -17.78 1.78
C SER A 204 -4.41 -17.32 1.00
N ILE A 205 -3.30 -17.10 1.70
CA ILE A 205 -2.10 -16.64 1.03
C ILE A 205 -1.66 -17.68 0.00
N GLU A 206 -1.80 -18.96 0.34
CA GLU A 206 -1.39 -20.02 -0.57
C GLU A 206 -2.23 -20.03 -1.84
N GLY A 207 -3.53 -19.80 -1.68
CA GLY A 207 -4.40 -19.76 -2.85
C GLY A 207 -3.99 -18.60 -3.75
N PHE A 208 -3.72 -17.45 -3.11
CA PHE A 208 -3.27 -16.24 -3.80
C PHE A 208 -2.06 -16.61 -4.67
N ALA A 209 -1.11 -17.34 -4.06
CA ALA A 209 0.09 -17.75 -4.78
C ALA A 209 -0.23 -18.67 -5.95
N HIS A 210 -1.05 -19.69 -5.74
CA HIS A 210 -1.39 -20.61 -6.83
C HIS A 210 -2.01 -19.90 -8.03
N SER A 211 -2.99 -19.04 -7.79
CA SER A 211 -3.63 -18.33 -8.89
C SER A 211 -2.68 -17.40 -9.62
N SER A 212 -1.78 -16.77 -8.87
CA SER A 212 -0.81 -15.86 -9.47
C SER A 212 0.17 -16.60 -10.41
N PHE A 213 0.68 -17.74 -9.94
CA PHE A 213 1.61 -18.52 -10.73
C PHE A 213 0.93 -19.12 -11.94
N LYS A 214 -0.30 -19.61 -11.76
CA LYS A 214 -1.04 -20.18 -12.86
C LYS A 214 -1.34 -19.16 -13.94
N LEU A 215 -1.65 -17.92 -13.55
CA LEU A 215 -1.95 -16.90 -14.54
C LEU A 215 -0.66 -16.53 -15.27
N ALA A 216 0.44 -16.46 -14.53
CA ALA A 216 1.71 -16.12 -15.13
C ALA A 216 2.03 -17.15 -16.23
N ILE A 217 1.80 -18.43 -15.92
CA ILE A 217 2.05 -19.52 -16.85
C ILE A 217 1.14 -19.38 -18.07
N ASP A 218 -0.16 -19.33 -17.81
CA ASP A 218 -1.15 -19.23 -18.88
C ASP A 218 -0.93 -18.04 -19.81
N LYS A 219 -0.52 -16.90 -19.26
CA LYS A 219 -0.30 -15.72 -20.08
C LYS A 219 1.14 -15.54 -20.53
N LYS A 220 2.03 -16.41 -20.04
CA LYS A 220 3.44 -16.32 -20.39
C LYS A 220 4.01 -14.96 -20.04
N LEU A 221 3.87 -14.59 -18.77
CA LEU A 221 4.38 -13.30 -18.30
C LEU A 221 5.18 -13.46 -17.03
N ASN A 222 6.11 -12.53 -16.81
CA ASN A 222 6.89 -12.57 -15.59
C ASN A 222 5.94 -12.21 -14.45
N LEU A 223 6.23 -12.73 -13.26
CA LEU A 223 5.40 -12.51 -12.08
C LEU A 223 6.22 -11.85 -10.99
N PHE A 224 5.71 -10.75 -10.44
CA PHE A 224 6.37 -10.03 -9.37
C PHE A 224 5.44 -9.94 -8.14
N LEU A 225 5.93 -10.40 -7.00
CA LEU A 225 5.18 -10.32 -5.74
C LEU A 225 5.88 -9.18 -5.03
N SER A 226 5.11 -8.23 -4.51
CA SER A 226 5.72 -7.10 -3.80
C SER A 226 5.17 -6.96 -2.39
N THR A 227 6.05 -6.71 -1.43
CA THR A 227 5.65 -6.53 -0.05
C THR A 227 6.57 -5.54 0.62
N LYS A 228 6.37 -5.34 1.93
CA LYS A 228 7.19 -4.46 2.71
C LYS A 228 7.76 -5.34 3.84
N ASN A 229 8.24 -6.52 3.44
CA ASN A 229 8.77 -7.49 4.40
C ASN A 229 10.01 -7.03 5.13
N THR A 230 10.57 -5.90 4.72
CA THR A 230 11.75 -5.34 5.40
C THR A 230 11.27 -4.66 6.70
N ILE A 231 9.99 -4.29 6.75
CA ILE A 231 9.42 -3.63 7.93
C ILE A 231 8.52 -4.60 8.71
N LEU A 232 7.64 -5.29 8.00
CA LEU A 232 6.76 -6.28 8.60
C LEU A 232 7.41 -7.62 8.27
N LYS A 233 8.49 -7.94 9.00
CA LYS A 233 9.25 -9.16 8.76
C LYS A 233 8.47 -10.46 8.86
N LYS A 234 7.51 -10.50 9.77
CA LYS A 234 6.73 -11.71 9.93
C LYS A 234 5.49 -11.73 9.05
N TYR A 235 4.73 -10.64 9.08
CA TYR A 235 3.50 -10.56 8.31
C TYR A 235 3.71 -10.63 6.80
N ASP A 236 4.47 -9.68 6.26
CA ASP A 236 4.75 -9.65 4.82
C ASP A 236 5.74 -10.75 4.47
N GLY A 237 6.63 -11.05 5.41
CA GLY A 237 7.63 -12.11 5.19
C GLY A 237 6.91 -13.41 4.89
N ARG A 238 5.75 -13.58 5.50
CA ARG A 238 4.96 -14.79 5.31
C ARG A 238 4.49 -14.92 3.85
N PHE A 239 4.10 -13.80 3.25
CA PHE A 239 3.66 -13.81 1.84
C PHE A 239 4.85 -14.25 0.97
N LYS A 240 6.00 -13.66 1.21
CA LYS A 240 7.21 -13.99 0.46
C LYS A 240 7.57 -15.48 0.58
N ASP A 241 7.53 -16.00 1.81
CA ASP A 241 7.89 -17.40 2.03
C ASP A 241 6.88 -18.37 1.40
N ILE A 242 5.59 -18.08 1.54
CA ILE A 242 4.57 -18.94 0.96
C ILE A 242 4.66 -18.95 -0.56
N PHE A 243 4.87 -17.80 -1.17
CA PHE A 243 4.99 -17.73 -2.63
C PHE A 243 6.20 -18.54 -3.10
N GLN A 244 7.33 -18.40 -2.41
CA GLN A 244 8.54 -19.14 -2.76
C GLN A 244 8.32 -20.64 -2.58
N GLU A 245 7.67 -21.03 -1.49
CA GLU A 245 7.37 -22.42 -1.23
C GLU A 245 6.49 -23.02 -2.33
N VAL A 246 5.43 -22.30 -2.69
CA VAL A 246 4.52 -22.77 -3.73
C VAL A 246 5.25 -22.84 -5.07
N TYR A 247 6.12 -21.87 -5.31
CA TYR A 247 6.88 -21.82 -6.54
C TYR A 247 7.69 -23.12 -6.68
N GLU A 248 8.37 -23.51 -5.60
CA GLU A 248 9.20 -24.72 -5.57
C GLU A 248 8.38 -25.99 -5.45
N ALA A 249 7.12 -25.88 -5.06
CA ALA A 249 6.28 -27.06 -4.91
C ALA A 249 5.65 -27.52 -6.22
N GLN A 250 5.23 -26.58 -7.06
CA GLN A 250 4.57 -26.95 -8.31
C GLN A 250 4.85 -26.14 -9.57
N TYR A 251 5.60 -25.05 -9.50
CA TYR A 251 5.78 -24.23 -10.69
C TYR A 251 7.16 -23.89 -11.21
N LYS A 252 8.18 -24.19 -10.42
CA LYS A 252 9.57 -23.91 -10.78
C LYS A 252 9.95 -24.33 -12.21
N SER A 253 9.83 -25.62 -12.51
CA SER A 253 10.20 -26.14 -13.81
C SER A 253 9.31 -25.62 -14.93
N LYS A 254 8.06 -25.31 -14.61
CA LYS A 254 7.14 -24.78 -15.60
C LYS A 254 7.61 -23.40 -16.06
N PHE A 255 7.99 -22.54 -15.12
CA PHE A 255 8.47 -21.21 -15.45
C PHE A 255 9.77 -21.30 -16.27
N GLU A 256 10.66 -22.21 -15.87
CA GLU A 256 11.91 -22.37 -16.59
C GLU A 256 11.65 -22.82 -18.02
N GLN A 257 10.71 -23.73 -18.20
CA GLN A 257 10.36 -24.24 -19.52
C GLN A 257 9.83 -23.13 -20.43
N LEU A 258 9.05 -22.20 -19.85
CA LEU A 258 8.49 -21.10 -20.62
C LEU A 258 9.44 -19.93 -20.74
N GLY A 259 10.47 -19.90 -19.89
CA GLY A 259 11.40 -18.79 -19.94
C GLY A 259 10.89 -17.55 -19.22
N ILE A 260 9.94 -17.71 -18.30
CA ILE A 260 9.43 -16.56 -17.54
C ILE A 260 10.01 -16.59 -16.14
N HIS A 261 9.90 -15.47 -15.43
CA HIS A 261 10.47 -15.40 -14.09
C HIS A 261 9.56 -14.92 -12.97
N TYR A 262 9.83 -15.46 -11.78
CA TYR A 262 9.11 -15.06 -10.59
C TYR A 262 10.13 -14.41 -9.69
N GLU A 263 9.76 -13.27 -9.10
CA GLU A 263 10.67 -12.56 -8.24
C GLU A 263 9.88 -11.79 -7.19
N HIS A 264 10.38 -11.78 -5.97
CA HIS A 264 9.76 -11.00 -4.90
C HIS A 264 10.51 -9.69 -4.91
N ARG A 265 9.79 -8.59 -4.73
CA ARG A 265 10.40 -7.26 -4.71
C ARG A 265 9.81 -6.43 -3.58
N LEU A 266 10.53 -5.40 -3.18
CA LEU A 266 10.05 -4.49 -2.14
C LEU A 266 8.99 -3.65 -2.88
N ILE A 267 7.86 -3.40 -2.24
CA ILE A 267 6.80 -2.63 -2.89
C ILE A 267 7.32 -1.31 -3.47
N ASP A 268 8.17 -0.62 -2.71
CA ASP A 268 8.77 0.66 -3.14
C ASP A 268 9.44 0.54 -4.50
N ASP A 269 10.33 -0.44 -4.60
CA ASP A 269 11.07 -0.67 -5.82
C ASP A 269 10.18 -1.10 -6.96
N MET A 270 9.18 -1.92 -6.67
CA MET A 270 8.29 -2.39 -7.71
C MET A 270 7.48 -1.30 -8.39
N VAL A 271 6.89 -0.41 -7.61
CA VAL A 271 6.07 0.64 -8.21
C VAL A 271 6.90 1.60 -9.04
N ALA A 272 8.17 1.77 -8.67
CA ALA A 272 9.07 2.64 -9.40
C ALA A 272 9.45 1.96 -10.73
N GLN A 273 9.79 0.68 -10.66
CA GLN A 273 10.12 -0.04 -11.88
C GLN A 273 8.88 -0.13 -12.77
N MET A 274 7.71 -0.25 -12.14
CA MET A 274 6.47 -0.32 -12.91
C MET A 274 6.30 0.98 -13.72
N ILE A 275 6.46 2.12 -13.05
CA ILE A 275 6.31 3.43 -13.68
C ILE A 275 7.26 3.71 -14.84
N LYS A 276 8.47 3.16 -14.78
CA LYS A 276 9.42 3.41 -15.86
C LYS A 276 9.48 2.29 -16.89
N SER A 277 8.67 1.26 -16.71
CA SER A 277 8.66 0.12 -17.62
C SER A 277 7.79 0.32 -18.86
N LYS A 278 7.71 -0.73 -19.68
CA LYS A 278 6.90 -0.72 -20.88
C LYS A 278 5.69 -1.63 -20.62
N GLY A 279 5.53 -2.05 -19.37
CA GLY A 279 4.42 -2.93 -19.02
C GLY A 279 4.75 -4.37 -19.39
N GLY A 280 3.73 -5.21 -19.49
CA GLY A 280 3.94 -6.61 -19.86
C GLY A 280 4.40 -7.53 -18.76
N PHE A 281 3.67 -7.56 -17.65
CA PHE A 281 4.00 -8.43 -16.52
C PHE A 281 2.85 -8.42 -15.51
N ILE A 282 2.92 -9.34 -14.56
CA ILE A 282 1.90 -9.46 -13.54
C ILE A 282 2.47 -9.05 -12.19
N MET A 283 1.71 -8.24 -11.47
CA MET A 283 2.14 -7.81 -10.15
C MET A 283 1.17 -8.35 -9.12
N ALA A 284 1.62 -9.33 -8.35
CA ALA A 284 0.82 -9.91 -7.27
C ALA A 284 0.99 -8.90 -6.14
N LEU A 285 -0.11 -8.45 -5.58
CA LEU A 285 -0.05 -7.45 -4.51
C LEU A 285 -0.98 -7.81 -3.37
N LYS A 286 -0.62 -7.42 -2.15
CA LYS A 286 -1.50 -7.67 -1.01
C LYS A 286 -2.80 -6.90 -1.25
N ASN A 287 -3.84 -7.26 -0.51
CA ASN A 287 -5.16 -6.67 -0.67
C ASN A 287 -5.19 -5.15 -0.87
N TYR A 288 -4.61 -4.41 0.09
CA TYR A 288 -4.59 -2.96 0.03
C TYR A 288 -3.77 -2.36 -1.11
N ASP A 289 -2.56 -2.87 -1.31
CA ASP A 289 -1.71 -2.36 -2.39
C ASP A 289 -2.37 -2.65 -3.73
N GLY A 290 -3.00 -3.82 -3.85
CA GLY A 290 -3.65 -4.17 -5.11
C GLY A 290 -4.76 -3.19 -5.41
N ASP A 291 -5.45 -2.75 -4.36
CA ASP A 291 -6.57 -1.81 -4.49
C ASP A 291 -6.07 -0.47 -5.05
N VAL A 292 -5.06 0.10 -4.40
CA VAL A 292 -4.50 1.38 -4.81
C VAL A 292 -3.79 1.35 -6.17
N GLN A 293 -2.90 0.38 -6.35
CA GLN A 293 -2.15 0.28 -7.59
C GLN A 293 -2.99 -0.02 -8.83
N SER A 294 -4.08 -0.76 -8.67
CA SER A 294 -4.91 -1.06 -9.84
C SER A 294 -5.49 0.24 -10.40
N ASP A 295 -5.75 1.23 -9.54
CA ASP A 295 -6.28 2.50 -10.01
C ASP A 295 -5.18 3.31 -10.70
N ILE A 296 -3.96 3.21 -10.19
CA ILE A 296 -2.84 3.91 -10.81
C ILE A 296 -2.64 3.32 -12.20
N VAL A 297 -2.64 1.99 -12.32
CA VAL A 297 -2.46 1.30 -13.60
C VAL A 297 -3.60 1.60 -14.56
N ALA A 298 -4.83 1.48 -14.08
CA ALA A 298 -5.99 1.77 -14.93
C ALA A 298 -5.89 3.20 -15.48
N GLN A 299 -5.58 4.15 -14.59
CA GLN A 299 -5.47 5.56 -15.01
C GLN A 299 -4.30 5.79 -15.99
N GLY A 300 -3.17 5.16 -15.70
CA GLY A 300 -2.00 5.31 -16.55
C GLY A 300 -2.23 4.79 -17.96
N PHE A 301 -2.99 3.71 -18.10
CA PHE A 301 -3.25 3.17 -19.43
C PHE A 301 -4.23 4.05 -20.18
N GLY A 302 -4.98 4.88 -19.46
CA GLY A 302 -5.88 5.76 -20.18
C GLY A 302 -7.13 6.25 -19.48
N SER A 303 -7.80 5.36 -18.75
CA SER A 303 -9.04 5.71 -18.06
C SER A 303 -9.48 4.67 -17.04
N LEU A 304 -9.99 5.14 -15.90
CA LEU A 304 -10.47 4.23 -14.86
C LEU A 304 -11.60 3.37 -15.39
N GLY A 305 -12.30 3.88 -16.41
CA GLY A 305 -13.42 3.14 -16.97
C GLY A 305 -13.01 2.02 -17.92
N LEU A 306 -11.70 1.90 -18.19
CA LEU A 306 -11.21 0.87 -19.09
C LEU A 306 -10.34 -0.12 -18.32
N MET A 307 -11.00 -0.94 -17.51
CA MET A 307 -10.32 -1.94 -16.68
C MET A 307 -11.29 -3.10 -16.45
N THR A 308 -10.77 -4.31 -16.36
CA THR A 308 -11.62 -5.46 -16.07
C THR A 308 -11.19 -5.91 -14.69
N SER A 309 -12.08 -6.64 -14.01
CA SER A 309 -11.82 -7.12 -12.66
C SER A 309 -12.52 -8.46 -12.50
N ILE A 310 -11.73 -9.52 -12.30
CA ILE A 310 -12.32 -10.83 -12.13
C ILE A 310 -11.71 -11.52 -10.92
N LEU A 311 -12.58 -11.95 -10.01
CA LEU A 311 -12.16 -12.64 -8.82
C LEU A 311 -12.08 -14.13 -9.17
N VAL A 312 -10.96 -14.77 -8.82
CA VAL A 312 -10.77 -16.18 -9.10
C VAL A 312 -10.33 -16.94 -7.86
N THR A 313 -10.87 -18.15 -7.67
CA THR A 313 -10.51 -19.00 -6.54
C THR A 313 -9.39 -19.93 -7.00
N PRO A 314 -8.49 -20.29 -6.09
CA PRO A 314 -7.35 -21.16 -6.42
C PRO A 314 -7.66 -22.54 -7.03
N ASP A 315 -8.84 -23.09 -6.76
CA ASP A 315 -9.17 -24.39 -7.32
C ASP A 315 -9.54 -24.31 -8.81
N GLY A 316 -9.57 -23.08 -9.34
CA GLY A 316 -9.90 -22.89 -10.75
C GLY A 316 -11.35 -23.22 -11.11
N LYS A 317 -12.23 -23.25 -10.12
CA LYS A 317 -13.61 -23.60 -10.40
C LYS A 317 -14.61 -22.47 -10.23
N THR A 318 -14.16 -21.37 -9.62
CA THR A 318 -15.08 -20.27 -9.35
C THR A 318 -14.58 -18.92 -9.84
N PHE A 319 -15.49 -18.16 -10.44
CA PHE A 319 -15.16 -16.86 -10.99
C PHE A 319 -16.25 -15.83 -10.71
N GLU A 320 -15.84 -14.59 -10.47
CA GLU A 320 -16.78 -13.50 -10.26
C GLU A 320 -16.26 -12.33 -11.08
N SER A 321 -16.93 -12.07 -12.20
CA SER A 321 -16.55 -10.99 -13.13
C SER A 321 -17.36 -9.75 -12.73
N GLU A 322 -16.68 -8.69 -12.35
CA GLU A 322 -17.38 -7.48 -11.91
C GLU A 322 -17.07 -6.21 -12.70
N ALA A 323 -18.10 -5.38 -12.85
CA ALA A 323 -17.94 -4.10 -13.54
C ALA A 323 -16.97 -3.33 -12.66
N ALA A 324 -15.75 -3.15 -13.18
CA ALA A 324 -14.68 -2.46 -12.45
C ALA A 324 -14.77 -0.94 -12.41
N HIS A 325 -15.92 -0.38 -12.79
CA HIS A 325 -16.04 1.07 -12.78
C HIS A 325 -17.28 1.51 -12.01
N GLY A 326 -17.06 2.24 -10.91
CA GLY A 326 -18.15 2.69 -10.07
C GLY A 326 -19.16 3.61 -10.76
N THR A 327 -20.38 3.62 -10.25
CA THR A 327 -21.42 4.45 -10.82
C THR A 327 -21.40 5.85 -10.19
N VAL A 328 -21.81 6.85 -10.97
CA VAL A 328 -21.83 8.23 -10.48
C VAL A 328 -23.27 8.70 -10.28
N THR A 329 -23.57 9.10 -9.05
CA THR A 329 -24.91 9.54 -8.72
C THR A 329 -25.39 10.76 -9.52
N ARG A 330 -24.46 11.61 -9.94
CA ARG A 330 -24.85 12.78 -10.73
C ARG A 330 -25.52 12.36 -12.02
N HIS A 331 -24.89 11.43 -12.74
CA HIS A 331 -25.46 10.97 -14.01
C HIS A 331 -26.86 10.47 -13.78
N TYR A 332 -27.04 9.73 -12.69
CA TYR A 332 -28.34 9.17 -12.36
C TYR A 332 -29.34 10.29 -12.08
N ARG A 333 -28.91 11.31 -11.34
CA ARG A 333 -29.78 12.44 -11.04
C ARG A 333 -30.33 12.98 -12.36
N LYS A 334 -29.42 13.31 -13.27
CA LYS A 334 -29.82 13.83 -14.57
C LYS A 334 -30.71 12.84 -15.30
N TYR A 335 -30.41 11.55 -15.14
CA TYR A 335 -31.21 10.52 -15.79
C TYR A 335 -32.64 10.51 -15.26
N GLN A 336 -32.79 10.63 -13.94
CA GLN A 336 -34.12 10.64 -13.34
C GLN A 336 -34.90 11.88 -13.78
N LYS A 337 -34.20 13.01 -13.93
CA LYS A 337 -34.84 14.25 -14.36
C LYS A 337 -35.18 14.24 -15.85
N GLY A 338 -34.87 13.15 -16.52
CA GLY A 338 -35.16 13.06 -17.94
C GLY A 338 -34.12 13.72 -18.83
N GLU A 339 -33.04 14.21 -18.23
CA GLU A 339 -31.95 14.84 -18.98
C GLU A 339 -31.06 13.76 -19.59
N GLU A 340 -30.38 14.08 -20.68
CA GLU A 340 -29.53 13.10 -21.33
C GLU A 340 -28.23 12.85 -20.57
N THR A 341 -27.67 11.66 -20.75
CA THR A 341 -26.44 11.27 -20.09
C THR A 341 -25.45 10.70 -21.10
N SER A 342 -24.21 10.54 -20.66
CA SER A 342 -23.15 9.98 -21.49
C SER A 342 -22.18 9.22 -20.58
N THR A 343 -22.68 8.11 -20.03
CA THR A 343 -21.91 7.28 -19.14
C THR A 343 -21.34 6.10 -19.92
N ASN A 344 -20.06 5.80 -19.72
CA ASN A 344 -19.44 4.70 -20.45
C ASN A 344 -19.99 3.36 -19.99
N SER A 345 -20.27 2.47 -20.93
CA SER A 345 -20.79 1.16 -20.59
C SER A 345 -19.77 0.05 -20.88
N ILE A 346 -18.59 0.43 -21.34
CA ILE A 346 -17.58 -0.57 -21.68
C ILE A 346 -17.20 -1.50 -20.53
N ALA A 347 -16.97 -0.94 -19.33
CA ALA A 347 -16.59 -1.78 -18.19
C ALA A 347 -17.69 -2.81 -17.87
N SER A 348 -18.95 -2.39 -17.97
CA SER A 348 -20.04 -3.32 -17.68
C SER A 348 -20.15 -4.37 -18.79
N ILE A 349 -19.93 -3.97 -20.03
CA ILE A 349 -20.01 -4.93 -21.12
C ILE A 349 -18.94 -6.01 -20.93
N PHE A 350 -17.72 -5.60 -20.57
CA PHE A 350 -16.65 -6.55 -20.37
C PHE A 350 -16.86 -7.44 -19.15
N ALA A 351 -17.60 -6.97 -18.15
CA ALA A 351 -17.88 -7.82 -17.00
C ALA A 351 -18.66 -9.02 -17.54
N TRP A 352 -19.64 -8.74 -18.39
CA TRP A 352 -20.45 -9.80 -18.99
C TRP A 352 -19.60 -10.71 -19.88
N SER A 353 -18.82 -10.12 -20.78
CA SER A 353 -18.01 -10.91 -21.71
C SER A 353 -16.99 -11.79 -21.00
N ARG A 354 -16.28 -11.25 -20.02
CA ARG A 354 -15.28 -12.05 -19.31
C ARG A 354 -15.92 -13.17 -18.50
N GLY A 355 -17.12 -12.91 -17.98
CA GLY A 355 -17.82 -13.93 -17.22
C GLY A 355 -18.26 -15.05 -18.15
N LEU A 356 -18.82 -14.66 -19.29
CA LEU A 356 -19.29 -15.63 -20.27
C LEU A 356 -18.12 -16.47 -20.77
N LEU A 357 -16.95 -15.85 -20.93
CA LEU A 357 -15.76 -16.57 -21.37
C LEU A 357 -15.40 -17.68 -20.38
N LYS A 358 -15.47 -17.39 -19.09
CA LYS A 358 -15.15 -18.40 -18.07
C LYS A 358 -16.20 -19.50 -18.14
N ARG A 359 -17.45 -19.11 -18.30
CA ARG A 359 -18.55 -20.07 -18.39
C ARG A 359 -18.26 -21.00 -19.58
N GLY A 360 -17.92 -20.40 -20.72
CA GLY A 360 -17.63 -21.17 -21.92
C GLY A 360 -16.49 -22.15 -21.72
N GLU A 361 -15.41 -21.70 -21.10
CA GLU A 361 -14.24 -22.53 -20.83
C GLU A 361 -14.61 -23.69 -19.91
N LEU A 362 -15.25 -23.38 -18.79
CA LEU A 362 -15.65 -24.41 -17.84
C LEU A 362 -16.58 -25.45 -18.46
N ASP A 363 -17.51 -25.01 -19.30
CA ASP A 363 -18.47 -25.92 -19.93
C ASP A 363 -17.99 -26.47 -21.27
N ASN A 364 -16.85 -25.98 -21.75
CA ASN A 364 -16.31 -26.41 -23.04
C ASN A 364 -17.35 -26.10 -24.13
N THR A 365 -17.73 -24.82 -24.21
CA THR A 365 -18.70 -24.36 -25.21
C THR A 365 -18.01 -23.29 -26.04
N PRO A 366 -17.22 -23.70 -27.04
CA PRO A 366 -16.50 -22.77 -27.92
C PRO A 366 -17.36 -21.69 -28.56
N ALA A 367 -18.61 -22.03 -28.88
CA ALA A 367 -19.50 -21.06 -29.49
C ALA A 367 -19.76 -19.89 -28.52
N LEU A 368 -19.76 -20.17 -27.22
CA LEU A 368 -19.98 -19.14 -26.22
C LEU A 368 -18.75 -18.24 -26.14
N CYS A 369 -17.59 -18.87 -26.07
CA CYS A 369 -16.33 -18.14 -26.00
C CYS A 369 -16.17 -17.23 -27.23
N LYS A 370 -16.55 -17.72 -28.40
CA LYS A 370 -16.45 -16.94 -29.65
C LYS A 370 -17.37 -15.71 -29.55
N PHE A 371 -18.57 -15.92 -29.05
CA PHE A 371 -19.51 -14.82 -28.89
C PHE A 371 -18.94 -13.76 -27.94
N ALA A 372 -18.43 -14.20 -26.79
CA ALA A 372 -17.88 -13.27 -25.82
C ALA A 372 -16.79 -12.42 -26.47
N ASN A 373 -15.97 -13.06 -27.31
CA ASN A 373 -14.89 -12.35 -27.98
C ASN A 373 -15.38 -11.35 -29.03
N ILE A 374 -16.44 -11.67 -29.76
CA ILE A 374 -16.93 -10.71 -30.74
C ILE A 374 -17.67 -9.57 -30.02
N LEU A 375 -18.32 -9.89 -28.91
CA LEU A 375 -19.01 -8.86 -28.14
C LEU A 375 -17.96 -7.82 -27.77
N GLU A 376 -16.78 -8.30 -27.34
CA GLU A 376 -15.69 -7.40 -26.97
C GLU A 376 -15.14 -6.62 -28.15
N SER A 377 -14.90 -7.28 -29.27
CA SER A 377 -14.37 -6.57 -30.43
C SER A 377 -15.39 -5.56 -30.98
N ALA A 378 -16.66 -5.93 -30.99
CA ALA A 378 -17.69 -5.02 -31.49
C ALA A 378 -17.74 -3.76 -30.60
N THR A 379 -17.53 -3.95 -29.30
CA THR A 379 -17.53 -2.83 -28.35
C THR A 379 -16.30 -1.95 -28.56
N LEU A 380 -15.12 -2.55 -28.65
CA LEU A 380 -13.93 -1.73 -28.85
C LEU A 380 -13.88 -1.06 -30.22
N ASN A 381 -14.32 -1.77 -31.27
CA ASN A 381 -14.32 -1.21 -32.61
C ASN A 381 -15.29 -0.05 -32.78
N THR A 382 -16.36 -0.06 -31.97
CA THR A 382 -17.34 1.01 -32.03
C THR A 382 -16.61 2.30 -31.69
N VAL A 383 -15.71 2.21 -30.72
CA VAL A 383 -14.91 3.35 -30.30
C VAL A 383 -13.72 3.57 -31.25
N GLN A 384 -12.90 2.55 -31.39
CA GLN A 384 -11.69 2.61 -32.21
C GLN A 384 -11.89 2.86 -33.69
N GLN A 385 -12.75 2.07 -34.32
CA GLN A 385 -12.98 2.19 -35.75
C GLN A 385 -14.11 3.13 -36.14
N ASP A 386 -15.23 3.08 -35.42
CA ASP A 386 -16.34 3.95 -35.78
C ASP A 386 -16.33 5.31 -35.10
N GLY A 387 -15.42 5.50 -34.17
CA GLY A 387 -15.31 6.78 -33.47
C GLY A 387 -16.48 7.16 -32.59
N ILE A 388 -17.35 6.19 -32.30
CA ILE A 388 -18.52 6.45 -31.47
C ILE A 388 -18.17 6.13 -30.01
N MET A 389 -18.27 7.15 -29.15
CA MET A 389 -17.92 6.96 -27.74
C MET A 389 -18.66 7.94 -26.82
N THR A 390 -18.56 7.68 -25.51
CA THR A 390 -19.19 8.53 -24.51
C THR A 390 -18.26 9.67 -24.09
N LYS A 391 -18.84 10.67 -23.43
CA LYS A 391 -18.12 11.87 -23.00
C LYS A 391 -16.74 11.68 -22.39
N ASP A 392 -16.63 10.81 -21.39
CA ASP A 392 -15.34 10.59 -20.74
C ASP A 392 -14.21 10.22 -21.72
N LEU A 393 -14.51 9.36 -22.68
CA LEU A 393 -13.47 8.98 -23.64
C LEU A 393 -13.16 10.12 -24.62
N ALA A 394 -14.21 10.78 -25.13
CA ALA A 394 -14.01 11.90 -26.05
C ALA A 394 -13.07 12.91 -25.38
N LEU A 395 -13.36 13.26 -24.14
CA LEU A 395 -12.54 14.21 -23.38
C LEU A 395 -11.10 13.71 -23.23
N ALA A 396 -10.94 12.44 -22.88
CA ALA A 396 -9.62 11.87 -22.71
C ALA A 396 -8.85 11.99 -24.02
N CYS A 397 -9.59 12.02 -25.13
CA CYS A 397 -9.01 12.16 -26.45
C CYS A 397 -8.81 13.60 -26.88
N GLY A 398 -9.16 14.55 -26.03
CA GLY A 398 -9.01 15.95 -26.38
C GLY A 398 -10.05 16.42 -27.38
N ASN A 399 -11.13 15.67 -27.53
CA ASN A 399 -12.21 16.05 -28.44
C ASN A 399 -13.22 16.78 -27.54
N ASN A 400 -13.15 18.11 -27.56
CA ASN A 400 -14.02 18.92 -26.71
C ASN A 400 -15.31 19.40 -27.36
N GLU A 401 -15.53 18.99 -28.60
CA GLU A 401 -16.73 19.36 -29.33
C GLU A 401 -17.93 18.60 -28.74
N ARG A 402 -19.09 19.25 -28.68
CA ARG A 402 -20.30 18.62 -28.15
C ARG A 402 -20.62 17.40 -29.01
N SER A 403 -20.40 17.54 -30.30
CA SER A 403 -20.66 16.47 -31.25
C SER A 403 -19.63 15.35 -31.20
N ALA A 404 -18.63 15.48 -30.33
CA ALA A 404 -17.57 14.47 -30.21
C ALA A 404 -18.03 13.18 -29.51
N TYR A 405 -19.15 13.22 -28.80
CA TYR A 405 -19.63 12.03 -28.10
C TYR A 405 -21.12 11.83 -28.28
N VAL A 406 -21.57 10.61 -27.96
CA VAL A 406 -22.98 10.25 -28.07
C VAL A 406 -23.49 9.97 -26.66
N THR A 407 -24.81 9.84 -26.52
CA THR A 407 -25.41 9.57 -25.22
C THR A 407 -25.18 8.12 -24.78
N THR A 408 -25.49 7.84 -23.51
CA THR A 408 -25.34 6.51 -22.95
C THR A 408 -26.04 5.48 -23.82
N GLU A 409 -27.29 5.77 -24.18
CA GLU A 409 -28.09 4.87 -25.02
C GLU A 409 -27.59 4.77 -26.46
N GLU A 410 -27.15 5.88 -27.03
CA GLU A 410 -26.63 5.89 -28.39
C GLU A 410 -25.41 4.98 -28.49
N PHE A 411 -24.54 5.03 -27.50
CA PHE A 411 -23.34 4.19 -27.54
C PHE A 411 -23.74 2.72 -27.56
N LEU A 412 -24.64 2.33 -26.66
CA LEU A 412 -25.10 0.95 -26.58
C LEU A 412 -25.82 0.52 -27.83
N ASP A 413 -26.54 1.43 -28.47
CA ASP A 413 -27.24 1.09 -29.72
C ASP A 413 -26.19 0.82 -30.79
N ALA A 414 -25.13 1.62 -30.78
CA ALA A 414 -24.05 1.46 -31.74
C ALA A 414 -23.41 0.08 -31.57
N VAL A 415 -23.08 -0.27 -30.33
CA VAL A 415 -22.47 -1.57 -30.04
C VAL A 415 -23.38 -2.69 -30.54
N GLU A 416 -24.68 -2.56 -30.28
CA GLU A 416 -25.66 -3.56 -30.71
C GLU A 416 -25.59 -3.76 -32.22
N LYS A 417 -25.64 -2.66 -32.96
CA LYS A 417 -25.59 -2.71 -34.42
C LYS A 417 -24.29 -3.36 -34.88
N ARG A 418 -23.19 -3.03 -34.20
CA ARG A 418 -21.89 -3.60 -34.51
C ARG A 418 -21.87 -5.09 -34.24
N LEU A 419 -22.46 -5.48 -33.11
CA LEU A 419 -22.51 -6.89 -32.70
C LEU A 419 -23.24 -7.69 -33.78
N GLN A 420 -24.34 -7.13 -34.28
CA GLN A 420 -25.12 -7.82 -35.32
C GLN A 420 -24.27 -7.99 -36.57
N LYS A 421 -23.67 -6.89 -37.01
CA LYS A 421 -22.82 -6.87 -38.19
C LYS A 421 -21.65 -7.85 -38.08
N GLU A 422 -20.95 -7.80 -36.95
CA GLU A 422 -19.80 -8.69 -36.78
C GLU A 422 -20.20 -10.15 -36.61
N ILE A 423 -21.40 -10.41 -36.11
CA ILE A 423 -21.84 -11.79 -35.93
C ILE A 423 -22.17 -12.41 -37.29
N LYS A 424 -22.67 -11.60 -38.21
CA LYS A 424 -23.01 -12.08 -39.55
C LYS A 424 -21.75 -12.42 -40.35
N SER A 425 -20.70 -11.62 -40.17
CA SER A 425 -19.44 -11.84 -40.88
C SER A 425 -18.93 -13.25 -40.65
N ILE A 426 -19.28 -13.84 -39.52
CA ILE A 426 -18.85 -15.19 -39.21
C ILE A 426 -20.01 -16.17 -39.48
N ALA B 15 31.89 31.95 0.39
CA ALA B 15 32.89 32.60 -0.52
C ALA B 15 34.30 32.14 -0.18
N PHE B 16 35.29 32.92 -0.61
CA PHE B 16 36.69 32.60 -0.36
C PHE B 16 37.12 32.92 1.07
N SER B 17 36.31 33.74 1.76
CA SER B 17 36.60 34.11 3.14
C SER B 17 35.70 32.88 3.09
N LYS B 18 35.24 32.45 4.26
CA LYS B 18 34.36 31.30 4.42
C LYS B 18 33.23 31.86 5.28
N ILE B 19 32.03 31.33 5.05
CA ILE B 19 30.84 31.75 5.78
C ILE B 19 30.82 31.08 7.15
N LYS B 20 30.54 31.87 8.19
CA LYS B 20 30.49 31.34 9.53
C LYS B 20 29.09 30.80 9.87
N VAL B 21 28.98 29.48 10.00
CA VAL B 21 27.71 28.87 10.36
C VAL B 21 27.66 29.00 11.87
N LYS B 22 26.63 29.68 12.36
CA LYS B 22 26.47 29.94 13.79
C LYS B 22 26.28 28.73 14.69
N GLN B 23 25.32 27.88 14.34
CA GLN B 23 25.02 26.71 15.15
C GLN B 23 25.59 25.43 14.53
N PRO B 24 25.95 24.45 15.36
CA PRO B 24 26.49 23.20 14.82
C PRO B 24 25.46 22.48 13.96
N VAL B 25 25.94 21.70 13.01
CA VAL B 25 25.10 20.93 12.12
C VAL B 25 25.40 19.46 12.45
N VAL B 26 24.36 18.63 12.56
CA VAL B 26 24.58 17.23 12.85
C VAL B 26 24.68 16.47 11.53
N GLU B 27 25.77 15.73 11.37
CA GLU B 27 26.01 14.97 10.15
C GLU B 27 25.96 13.47 10.42
N LEU B 28 25.15 12.76 9.66
CA LEU B 28 25.04 11.32 9.84
C LEU B 28 25.67 10.69 8.60
N ASP B 29 26.85 10.08 8.77
CA ASP B 29 27.54 9.47 7.65
C ASP B 29 26.86 8.15 7.28
N GLY B 30 27.01 7.73 6.03
CA GLY B 30 26.34 6.51 5.58
C GLY B 30 27.16 5.31 5.12
N ASP B 31 26.66 4.65 4.09
CA ASP B 31 27.28 3.43 3.57
C ASP B 31 27.75 3.43 2.12
N GLU B 32 28.65 2.51 1.85
CA GLU B 32 29.22 2.24 0.53
C GLU B 32 29.42 3.42 -0.42
N MET B 33 28.93 3.26 -1.65
CA MET B 33 29.11 4.30 -2.66
C MET B 33 28.61 5.69 -2.23
N THR B 34 27.47 5.74 -1.57
CA THR B 34 26.94 7.03 -1.13
C THR B 34 27.88 7.67 -0.10
N ARG B 35 28.55 6.85 0.70
CA ARG B 35 29.49 7.36 1.70
C ARG B 35 30.68 8.00 0.98
N ILE B 36 31.12 7.34 -0.10
CA ILE B 36 32.23 7.82 -0.90
C ILE B 36 31.92 9.20 -1.50
N ILE B 37 30.75 9.30 -2.11
CA ILE B 37 30.28 10.55 -2.72
C ILE B 37 30.09 11.61 -1.65
N TRP B 38 29.57 11.18 -0.50
CA TRP B 38 29.31 12.06 0.63
C TRP B 38 30.56 12.81 1.08
N ASP B 39 31.65 12.08 1.25
CA ASP B 39 32.91 12.68 1.70
C ASP B 39 33.45 13.61 0.62
N LYS B 40 33.34 13.22 -0.65
CA LYS B 40 33.83 14.08 -1.71
C LYS B 40 33.05 15.40 -1.67
N ILE B 41 31.73 15.32 -1.54
CA ILE B 41 30.90 16.53 -1.49
C ILE B 41 31.35 17.45 -0.36
N LYS B 42 31.55 16.88 0.82
CA LYS B 42 31.97 17.62 1.99
C LYS B 42 33.31 18.32 1.80
N LYS B 43 34.32 17.57 1.37
CA LYS B 43 35.67 18.11 1.17
C LYS B 43 35.76 19.16 0.06
N LYS B 44 35.04 18.96 -1.04
CA LYS B 44 35.13 19.88 -2.17
C LYS B 44 34.03 20.94 -2.34
N LEU B 45 32.81 20.65 -1.91
CA LEU B 45 31.74 21.62 -2.08
C LEU B 45 31.24 22.31 -0.82
N ILE B 46 31.59 21.82 0.36
CA ILE B 46 31.11 22.42 1.61
C ILE B 46 32.17 23.02 2.53
N LEU B 47 33.12 22.20 2.96
CA LEU B 47 34.16 22.66 3.88
C LEU B 47 35.02 23.82 3.39
N PRO B 48 35.30 23.89 2.07
CA PRO B 48 36.13 25.00 1.61
C PRO B 48 35.45 26.36 1.71
N TYR B 49 34.12 26.38 1.76
CA TYR B 49 33.36 27.63 1.80
C TYR B 49 32.67 27.95 3.11
N LEU B 50 32.54 26.95 3.98
CA LEU B 50 31.87 27.17 5.24
C LEU B 50 32.71 26.84 6.45
N ASP B 51 32.68 27.71 7.44
CA ASP B 51 33.37 27.45 8.68
C ASP B 51 32.22 26.86 9.47
N VAL B 52 32.15 25.53 9.50
CA VAL B 52 31.08 24.80 10.16
C VAL B 52 31.50 23.77 11.19
N ASP B 53 30.74 23.69 12.28
CA ASP B 53 31.02 22.71 13.31
C ASP B 53 30.10 21.53 13.04
N LEU B 54 30.67 20.44 12.54
CA LEU B 54 29.89 19.26 12.22
C LEU B 54 29.93 18.23 13.35
N LYS B 55 28.76 17.94 13.93
CA LYS B 55 28.66 16.92 14.97
C LYS B 55 28.47 15.64 14.17
N TYR B 56 29.57 14.90 14.05
CA TYR B 56 29.61 13.68 13.26
C TYR B 56 29.18 12.38 13.94
N TYR B 57 28.26 11.68 13.30
CA TYR B 57 27.75 10.40 13.77
C TYR B 57 27.84 9.41 12.61
N ASP B 58 28.66 8.38 12.79
CA ASP B 58 28.87 7.39 11.74
C ASP B 58 27.79 6.34 11.77
N LEU B 59 26.88 6.37 10.80
CA LEU B 59 25.82 5.38 10.76
C LEU B 59 26.03 4.30 9.70
N SER B 60 27.29 3.97 9.43
CA SER B 60 27.60 2.90 8.50
C SER B 60 27.13 1.61 9.19
N VAL B 61 26.97 0.55 8.41
CA VAL B 61 26.53 -0.74 8.95
C VAL B 61 27.46 -1.23 10.06
N GLU B 62 28.76 -1.09 9.86
CA GLU B 62 29.75 -1.55 10.84
C GLU B 62 29.67 -0.74 12.12
N SER B 63 29.45 0.57 12.00
CA SER B 63 29.36 1.41 13.19
C SER B 63 28.11 1.06 13.97
N ARG B 64 26.99 0.96 13.27
CA ARG B 64 25.75 0.61 13.94
C ARG B 64 25.86 -0.77 14.60
N ASP B 65 26.47 -1.73 13.89
CA ASP B 65 26.61 -3.06 14.47
C ASP B 65 27.49 -3.01 15.72
N ALA B 66 28.61 -2.29 15.63
CA ALA B 66 29.53 -2.18 16.76
C ALA B 66 28.90 -1.55 18.00
N THR B 67 28.01 -0.58 17.80
CA THR B 67 27.36 0.09 18.91
C THR B 67 25.98 -0.50 19.20
N SER B 68 25.68 -1.63 18.55
CA SER B 68 24.37 -2.26 18.74
C SER B 68 23.27 -1.25 18.43
N ASP B 69 23.48 -0.50 17.34
CA ASP B 69 22.56 0.52 16.85
C ASP B 69 22.37 1.75 17.74
N LYS B 70 23.16 1.84 18.81
CA LYS B 70 23.09 2.96 19.75
C LYS B 70 23.49 4.29 19.07
N ILE B 71 24.43 4.21 18.14
CA ILE B 71 24.90 5.41 17.44
C ILE B 71 23.73 6.09 16.73
N THR B 72 22.79 5.30 16.22
CA THR B 72 21.62 5.83 15.53
C THR B 72 20.74 6.65 16.46
N GLN B 73 20.54 6.12 17.66
CA GLN B 73 19.75 6.78 18.69
C GLN B 73 20.43 8.09 19.11
N ASP B 74 21.74 8.04 19.36
CA ASP B 74 22.50 9.22 19.76
C ASP B 74 22.38 10.30 18.70
N ALA B 75 22.51 9.90 17.44
CA ALA B 75 22.43 10.83 16.31
C ALA B 75 21.09 11.55 16.28
N ALA B 76 20.01 10.80 16.45
CA ALA B 76 18.68 11.38 16.44
C ALA B 76 18.53 12.41 17.57
N GLU B 77 19.09 12.10 18.73
CA GLU B 77 19.02 13.01 19.86
C GLU B 77 19.86 14.25 19.65
N ALA B 78 20.96 14.12 18.90
CA ALA B 78 21.81 15.27 18.61
C ALA B 78 21.03 16.18 17.67
N ILE B 79 20.28 15.59 16.74
CA ILE B 79 19.50 16.40 15.82
C ILE B 79 18.47 17.21 16.59
N LYS B 80 17.84 16.58 17.57
CA LYS B 80 16.84 17.29 18.36
C LYS B 80 17.52 18.35 19.22
N LYS B 81 18.74 18.06 19.67
CA LYS B 81 19.49 19.01 20.48
C LYS B 81 19.94 20.24 19.70
N TYR B 82 20.49 20.04 18.53
CA TYR B 82 21.00 21.16 17.73
C TYR B 82 20.05 21.76 16.72
N GLY B 83 19.01 21.02 16.34
CA GLY B 83 18.04 21.56 15.40
C GLY B 83 18.08 21.05 13.96
N VAL B 84 19.28 20.86 13.40
CA VAL B 84 19.39 20.41 12.02
C VAL B 84 20.37 19.27 11.78
N GLY B 85 19.89 18.26 11.06
CA GLY B 85 20.73 17.12 10.73
C GLY B 85 20.73 16.87 9.24
N ILE B 86 21.88 16.43 8.74
CA ILE B 86 22.02 16.13 7.32
C ILE B 86 22.49 14.68 7.26
N LYS B 87 21.71 13.85 6.58
CA LYS B 87 22.00 12.42 6.53
C LYS B 87 22.31 11.81 5.18
N CYS B 88 23.34 10.97 5.17
CA CYS B 88 23.78 10.25 3.99
C CYS B 88 22.98 8.94 3.93
N ALA B 89 22.76 8.42 2.73
CA ALA B 89 22.02 7.18 2.57
C ALA B 89 22.67 6.05 3.35
N THR B 90 21.86 5.23 4.02
CA THR B 90 22.37 4.10 4.81
C THR B 90 21.80 2.79 4.32
N ILE B 91 22.43 1.70 4.73
CA ILE B 91 21.99 0.36 4.36
C ILE B 91 21.22 -0.28 5.50
N THR B 92 20.04 -0.81 5.20
CA THR B 92 19.28 -1.53 6.21
C THR B 92 19.63 -2.98 5.89
N PRO B 93 20.43 -3.63 6.76
CA PRO B 93 20.83 -5.01 6.52
C PRO B 93 19.68 -6.00 6.35
N ASP B 94 19.88 -6.95 5.44
CA ASP B 94 18.90 -8.00 5.20
C ASP B 94 19.58 -9.30 5.59
N GLU B 95 18.93 -10.43 5.29
CA GLU B 95 19.46 -11.75 5.62
C GLU B 95 20.88 -11.95 5.07
N ALA B 96 21.03 -11.77 3.76
CA ALA B 96 22.31 -11.94 3.11
C ALA B 96 23.42 -11.07 3.71
N ARG B 97 23.13 -9.78 3.88
CA ARG B 97 24.12 -8.87 4.45
C ARG B 97 24.55 -9.28 5.85
N VAL B 98 23.59 -9.64 6.70
CA VAL B 98 23.89 -10.06 8.06
C VAL B 98 24.89 -11.21 8.00
N LYS B 99 24.63 -12.12 7.05
CA LYS B 99 25.46 -13.29 6.85
C LYS B 99 26.86 -12.95 6.37
N GLU B 100 26.94 -12.24 5.24
CA GLU B 100 28.23 -11.88 4.66
C GLU B 100 29.13 -11.02 5.55
N PHE B 101 28.53 -10.20 6.40
CA PHE B 101 29.31 -9.34 7.26
C PHE B 101 29.18 -9.67 8.75
N ASN B 102 28.75 -10.89 9.04
CA ASN B 102 28.59 -11.37 10.41
C ASN B 102 28.03 -10.32 11.37
N LEU B 103 26.89 -9.72 11.01
CA LEU B 103 26.28 -8.72 11.88
C LEU B 103 25.61 -9.46 13.03
N HIS B 104 25.54 -8.82 14.19
CA HIS B 104 24.93 -9.43 15.36
C HIS B 104 23.42 -9.58 15.22
N LYS B 105 22.81 -8.67 14.48
CA LYS B 105 21.36 -8.69 14.27
C LYS B 105 20.98 -8.03 12.96
N MET B 106 19.73 -8.22 12.55
CA MET B 106 19.25 -7.60 11.33
C MET B 106 18.72 -6.27 11.85
N TRP B 107 19.64 -5.34 12.08
CA TRP B 107 19.30 -4.02 12.61
C TRP B 107 18.22 -3.34 11.79
N LYS B 108 17.29 -2.67 12.47
CA LYS B 108 16.21 -1.96 11.81
C LYS B 108 16.72 -0.74 11.05
N SER B 109 15.88 -0.25 10.15
CA SER B 109 16.23 0.92 9.33
C SER B 109 16.55 2.13 10.21
N PRO B 110 17.69 2.80 9.96
CA PRO B 110 18.05 3.98 10.75
C PRO B 110 17.02 5.09 10.53
N ASN B 111 16.48 5.19 9.32
CA ASN B 111 15.49 6.22 9.04
C ASN B 111 14.23 6.04 9.89
N GLY B 112 13.81 4.79 10.05
CA GLY B 112 12.62 4.52 10.84
C GLY B 112 12.85 4.87 12.30
N THR B 113 14.06 4.61 12.78
CA THR B 113 14.41 4.91 14.15
C THR B 113 14.47 6.42 14.37
N ILE B 114 15.15 7.12 13.48
CA ILE B 114 15.28 8.57 13.57
C ILE B 114 13.91 9.23 13.49
N ARG B 115 13.07 8.78 12.57
CA ARG B 115 11.74 9.33 12.40
C ARG B 115 10.86 9.08 13.63
N ASN B 116 10.99 7.91 14.24
CA ASN B 116 10.19 7.59 15.42
C ASN B 116 10.57 8.49 16.59
N ILE B 117 11.86 8.76 16.75
CA ILE B 117 12.32 9.62 17.83
C ILE B 117 11.96 11.10 17.61
N LEU B 118 12.17 11.61 16.41
CA LEU B 118 11.86 13.01 16.13
C LEU B 118 10.38 13.26 15.85
N GLY B 119 9.71 12.28 15.26
CA GLY B 119 8.30 12.44 14.94
C GLY B 119 8.20 13.46 13.82
N GLY B 120 6.99 13.84 13.44
CA GLY B 120 6.81 14.82 12.40
C GLY B 120 6.31 14.37 11.04
N THR B 121 6.79 15.06 10.02
CA THR B 121 6.38 14.80 8.64
C THR B 121 7.58 14.83 7.71
N VAL B 122 7.60 13.91 6.74
CA VAL B 122 8.68 13.88 5.77
C VAL B 122 8.16 14.43 4.45
N PHE B 123 8.70 15.56 4.01
CA PHE B 123 8.28 16.15 2.75
C PHE B 123 9.22 15.70 1.62
N ARG B 124 8.64 15.02 0.63
CA ARG B 124 9.37 14.51 -0.54
C ARG B 124 8.97 15.35 -1.74
N GLU B 125 9.97 15.80 -2.49
CA GLU B 125 9.73 16.62 -3.67
C GLU B 125 10.76 16.34 -4.76
N PRO B 126 10.33 16.31 -6.02
CA PRO B 126 11.27 16.05 -7.10
C PRO B 126 12.28 17.16 -7.31
N ILE B 127 13.46 16.79 -7.81
CA ILE B 127 14.50 17.78 -8.13
C ILE B 127 14.32 17.82 -9.63
N VAL B 128 13.75 18.91 -10.13
CA VAL B 128 13.48 19.02 -11.56
C VAL B 128 14.58 19.56 -12.45
N ILE B 129 14.94 18.73 -13.44
CA ILE B 129 15.93 19.10 -14.44
C ILE B 129 15.10 19.00 -15.71
N PRO B 130 14.63 20.16 -16.23
CA PRO B 130 13.80 20.31 -17.43
C PRO B 130 14.21 19.43 -18.61
N ARG B 131 15.52 19.26 -18.75
CA ARG B 131 16.11 18.47 -19.82
C ARG B 131 15.79 16.98 -19.75
N ILE B 132 15.70 16.45 -18.54
CA ILE B 132 15.41 15.03 -18.34
C ILE B 132 13.96 14.69 -18.69
N PRO B 133 13.75 13.62 -19.46
CA PRO B 133 12.38 13.26 -19.83
C PRO B 133 11.54 12.84 -18.62
N ARG B 134 10.25 13.11 -18.67
CA ARG B 134 9.34 12.73 -17.61
C ARG B 134 8.65 11.47 -18.10
N LEU B 135 8.39 10.52 -17.19
CA LEU B 135 7.73 9.27 -17.57
C LEU B 135 6.22 9.49 -17.58
N VAL B 136 5.79 10.53 -16.87
CA VAL B 136 4.39 10.93 -16.83
C VAL B 136 4.47 12.35 -17.38
N PRO B 137 4.41 12.48 -18.72
CA PRO B 137 4.48 13.72 -19.51
C PRO B 137 3.77 14.96 -19.00
N ARG B 138 2.50 14.85 -18.61
CA ARG B 138 1.74 16.01 -18.13
C ARG B 138 2.20 16.62 -16.81
N TRP B 139 3.08 15.94 -16.08
CA TRP B 139 3.55 16.45 -14.79
C TRP B 139 4.51 17.62 -14.98
N GLU B 140 3.95 18.82 -15.17
CA GLU B 140 4.75 20.01 -15.39
C GLU B 140 5.03 20.79 -14.11
N LYS B 141 4.22 20.57 -13.08
CA LYS B 141 4.39 21.25 -11.80
C LYS B 141 4.75 20.23 -10.71
N PRO B 142 5.65 20.61 -9.80
CA PRO B 142 6.05 19.68 -8.73
C PRO B 142 4.89 19.16 -7.90
N ILE B 143 4.96 17.87 -7.56
CA ILE B 143 3.97 17.25 -6.69
C ILE B 143 4.75 17.01 -5.41
N ILE B 144 4.27 17.55 -4.29
CA ILE B 144 4.94 17.37 -3.02
C ILE B 144 4.21 16.37 -2.15
N ILE B 145 4.94 15.38 -1.64
CA ILE B 145 4.34 14.39 -0.77
C ILE B 145 4.69 14.72 0.69
N GLY B 146 3.66 14.87 1.51
CA GLY B 146 3.85 15.11 2.92
C GLY B 146 3.56 13.78 3.60
N ARG B 147 4.60 13.04 3.91
CA ARG B 147 4.46 11.72 4.53
C ARG B 147 4.51 11.75 6.05
N HIS B 148 3.45 11.31 6.72
CA HIS B 148 3.44 11.27 8.18
C HIS B 148 4.61 10.33 8.54
N ALA B 149 5.56 10.82 9.31
CA ALA B 149 6.76 10.04 9.65
C ALA B 149 6.72 9.12 10.87
N HIS B 150 5.59 9.04 11.55
CA HIS B 150 5.49 8.28 12.79
C HIS B 150 5.13 6.76 12.82
N GLY B 151 4.02 6.42 13.46
CA GLY B 151 3.63 5.03 13.62
C GLY B 151 3.17 4.14 12.47
N ASP B 152 1.94 3.65 12.59
CA ASP B 152 1.35 2.74 11.61
C ASP B 152 2.28 1.53 11.44
N GLN B 153 2.44 1.01 10.23
CA GLN B 153 3.27 -0.18 10.10
C GLN B 153 4.75 -0.08 10.45
N TYR B 154 5.30 1.13 10.56
CA TYR B 154 6.72 1.25 10.89
C TYR B 154 7.03 1.07 12.38
N LYS B 155 5.98 0.85 13.18
CA LYS B 155 6.15 0.62 14.61
C LYS B 155 5.14 -0.43 15.02
N ALA B 156 4.78 -1.28 14.06
CA ALA B 156 3.80 -2.31 14.28
C ALA B 156 4.35 -3.53 14.98
N THR B 157 3.43 -4.34 15.49
CA THR B 157 3.78 -5.59 16.14
C THR B 157 3.13 -6.65 15.23
N ASP B 158 3.93 -7.57 14.72
CA ASP B 158 3.40 -8.62 13.87
C ASP B 158 3.91 -9.98 14.34
N THR B 159 3.17 -11.04 14.03
CA THR B 159 3.57 -12.36 14.45
C THR B 159 2.88 -13.46 13.64
N LEU B 160 3.42 -14.67 13.71
CA LEU B 160 2.84 -15.81 13.04
C LEU B 160 1.89 -16.50 14.02
N ILE B 161 0.82 -17.07 13.49
CA ILE B 161 -0.17 -17.78 14.30
C ILE B 161 -0.05 -19.22 13.84
N PRO B 162 0.38 -20.13 14.74
CA PRO B 162 0.59 -21.56 14.47
C PRO B 162 -0.62 -22.44 14.16
N GLY B 163 -1.78 -22.07 14.66
CA GLY B 163 -2.95 -22.89 14.40
C GLY B 163 -4.18 -22.28 15.01
N PRO B 164 -5.30 -23.03 15.08
CA PRO B 164 -6.57 -22.57 15.63
C PRO B 164 -6.40 -21.82 16.95
N GLY B 165 -7.18 -20.76 17.12
CA GLY B 165 -7.10 -19.97 18.33
C GLY B 165 -7.74 -18.61 18.18
N SER B 166 -7.86 -17.89 19.30
CA SER B 166 -8.47 -16.57 19.31
C SER B 166 -7.42 -15.46 19.26
N LEU B 167 -7.78 -14.35 18.63
CA LEU B 167 -6.87 -13.21 18.52
C LEU B 167 -7.66 -11.99 19.00
N GLU B 168 -7.11 -11.29 19.98
CA GLU B 168 -7.80 -10.12 20.51
C GLU B 168 -6.89 -8.91 20.67
N LEU B 169 -7.47 -7.73 20.53
CA LEU B 169 -6.76 -6.47 20.68
C LEU B 169 -7.26 -6.00 22.04
N VAL B 170 -6.37 -5.92 23.02
CA VAL B 170 -6.76 -5.54 24.36
C VAL B 170 -6.16 -4.23 24.84
N TYR B 171 -7.03 -3.32 25.23
CA TYR B 171 -6.64 -2.01 25.74
C TYR B 171 -7.08 -1.88 27.20
N LYS B 172 -6.16 -1.45 28.06
CA LYS B 172 -6.45 -1.24 29.48
C LYS B 172 -6.07 0.21 29.82
N PRO B 173 -7.07 1.05 30.11
CA PRO B 173 -6.80 2.45 30.45
C PRO B 173 -6.06 2.63 31.77
N SER B 174 -5.19 3.62 31.84
CA SER B 174 -4.45 3.91 33.07
C SER B 174 -5.40 4.50 34.12
N ASP B 175 -6.40 5.24 33.68
CA ASP B 175 -7.36 5.85 34.59
C ASP B 175 -8.76 5.29 34.32
N PRO B 176 -9.18 4.28 35.10
CA PRO B 176 -10.48 3.60 35.00
C PRO B 176 -11.71 4.50 34.93
N THR B 177 -11.64 5.66 35.56
CA THR B 177 -12.78 6.58 35.58
C THR B 177 -13.02 7.36 34.28
N THR B 178 -11.95 7.68 33.55
CA THR B 178 -12.12 8.45 32.32
C THR B 178 -12.22 7.59 31.06
N ALA B 179 -12.01 6.29 31.19
CA ALA B 179 -12.09 5.42 30.03
C ALA B 179 -12.37 3.97 30.41
N GLN B 180 -12.98 3.25 29.47
CA GLN B 180 -13.30 1.85 29.68
C GLN B 180 -12.32 0.92 28.98
N PRO B 181 -12.09 -0.26 29.53
CA PRO B 181 -11.16 -1.15 28.84
C PRO B 181 -11.80 -1.70 27.58
N GLN B 182 -10.99 -2.15 26.64
CA GLN B 182 -11.51 -2.69 25.40
C GLN B 182 -10.86 -4.04 25.11
N THR B 183 -11.67 -5.03 24.78
CA THR B 183 -11.16 -6.35 24.41
C THR B 183 -11.90 -6.63 23.12
N LEU B 184 -11.23 -6.42 21.99
CA LEU B 184 -11.84 -6.61 20.70
C LEU B 184 -11.38 -7.89 20.03
N LYS B 185 -12.34 -8.69 19.61
CA LYS B 185 -12.05 -9.95 18.94
C LYS B 185 -11.59 -9.61 17.52
N VAL B 186 -10.33 -9.86 17.24
CA VAL B 186 -9.78 -9.58 15.92
C VAL B 186 -10.14 -10.71 14.95
N TYR B 187 -9.90 -11.95 15.40
CA TYR B 187 -10.16 -13.11 14.55
C TYR B 187 -10.05 -14.42 15.30
N ASP B 188 -10.77 -15.43 14.79
CA ASP B 188 -10.73 -16.77 15.33
C ASP B 188 -10.18 -17.64 14.20
N TYR B 189 -8.90 -17.99 14.31
CA TYR B 189 -8.22 -18.80 13.31
C TYR B 189 -8.68 -20.25 13.30
N LYS B 190 -8.78 -20.81 12.09
CA LYS B 190 -9.17 -22.19 11.90
C LYS B 190 -7.94 -22.89 11.33
N GLY B 191 -6.89 -22.10 11.11
CA GLY B 191 -5.64 -22.61 10.57
C GLY B 191 -4.54 -21.60 10.89
N SER B 192 -3.31 -21.92 10.49
CA SER B 192 -2.20 -21.02 10.76
C SER B 192 -2.31 -19.73 9.93
N GLY B 193 -1.57 -18.71 10.34
CA GLY B 193 -1.63 -17.46 9.62
C GLY B 193 -0.71 -16.41 10.18
N VAL B 194 -1.11 -15.16 10.03
CA VAL B 194 -0.34 -14.02 10.49
C VAL B 194 -1.25 -13.01 11.15
N ALA B 195 -0.66 -12.14 11.95
CA ALA B 195 -1.42 -11.11 12.64
C ALA B 195 -0.52 -9.92 12.88
N MET B 196 -1.12 -8.75 12.97
CA MET B 196 -0.34 -7.56 13.27
C MET B 196 -1.25 -6.50 13.85
N ALA B 197 -0.65 -5.58 14.59
CA ALA B 197 -1.41 -4.49 15.18
C ALA B 197 -0.53 -3.25 15.08
N MET B 198 -1.17 -2.11 14.91
CA MET B 198 -0.40 -0.88 14.81
C MET B 198 -1.16 0.23 15.47
N TYR B 199 -0.50 1.36 15.63
CA TYR B 199 -1.10 2.48 16.33
C TYR B 199 -0.58 3.81 15.84
N ASN B 200 -1.28 4.85 16.27
CA ASN B 200 -0.86 6.21 16.02
C ASN B 200 -1.50 7.05 17.12
N THR B 201 -1.08 8.29 17.26
CA THR B 201 -1.65 9.12 18.33
C THR B 201 -2.23 10.41 17.81
N ASP B 202 -3.14 10.99 18.59
CA ASP B 202 -3.77 12.24 18.21
C ASP B 202 -2.73 13.33 18.14
N GLU B 203 -1.76 13.32 19.05
CA GLU B 203 -0.71 14.33 19.06
C GLU B 203 0.12 14.27 17.78
N SER B 204 0.52 13.07 17.37
CA SER B 204 1.31 12.92 16.16
C SER B 204 0.50 13.32 14.92
N ILE B 205 -0.74 12.89 14.84
CA ILE B 205 -1.57 13.25 13.68
C ILE B 205 -1.77 14.75 13.60
N GLU B 206 -1.97 15.39 14.75
CA GLU B 206 -2.16 16.84 14.77
C GLU B 206 -0.91 17.54 14.27
N GLY B 207 0.27 17.05 14.66
CA GLY B 207 1.49 17.65 14.19
C GLY B 207 1.56 17.51 12.68
N PHE B 208 1.24 16.31 12.19
CA PHE B 208 1.21 15.99 10.77
C PHE B 208 0.34 17.02 10.04
N ALA B 209 -0.84 17.32 10.59
CA ALA B 209 -1.75 18.28 9.97
C ALA B 209 -1.17 19.70 9.95
N HIS B 210 -0.67 20.16 11.07
CA HIS B 210 -0.09 21.50 11.11
C HIS B 210 1.03 21.68 10.08
N SER B 211 1.97 20.75 10.03
CA SER B 211 3.06 20.88 9.07
C SER B 211 2.55 20.91 7.63
N SER B 212 1.53 20.10 7.33
CA SER B 212 0.96 20.04 6.00
C SER B 212 0.28 21.34 5.61
N PHE B 213 -0.55 21.88 6.50
CA PHE B 213 -1.25 23.13 6.18
C PHE B 213 -0.27 24.29 6.02
N LYS B 214 0.76 24.32 6.86
CA LYS B 214 1.77 25.37 6.79
C LYS B 214 2.54 25.32 5.49
N LEU B 215 2.90 24.11 5.04
CA LEU B 215 3.65 23.98 3.80
C LEU B 215 2.77 24.46 2.64
N ALA B 216 1.49 24.08 2.67
CA ALA B 216 0.55 24.48 1.62
C ALA B 216 0.45 26.00 1.57
N ILE B 217 0.32 26.64 2.72
CA ILE B 217 0.22 28.09 2.78
C ILE B 217 1.54 28.70 2.30
N ASP B 218 2.65 28.11 2.72
CA ASP B 218 3.97 28.60 2.32
C ASP B 218 4.22 28.53 0.83
N LYS B 219 3.89 27.40 0.21
CA LYS B 219 4.10 27.23 -1.23
C LYS B 219 2.89 27.63 -2.05
N LYS B 220 1.80 27.97 -1.36
CA LYS B 220 0.58 28.37 -2.05
C LYS B 220 0.11 27.29 -3.02
N LEU B 221 -0.12 26.09 -2.48
CA LEU B 221 -0.57 24.96 -3.29
C LEU B 221 -1.75 24.30 -2.61
N ASN B 222 -2.60 23.65 -3.41
CA ASN B 222 -3.74 22.94 -2.84
C ASN B 222 -3.18 21.77 -2.02
N LEU B 223 -3.96 21.32 -1.04
CA LEU B 223 -3.55 20.24 -0.16
C LEU B 223 -4.63 19.18 -0.17
N PHE B 224 -4.21 17.93 -0.34
CA PHE B 224 -5.14 16.81 -0.32
C PHE B 224 -4.61 15.82 0.70
N LEU B 225 -5.49 15.36 1.60
CA LEU B 225 -5.16 14.36 2.59
C LEU B 225 -5.84 13.13 2.01
N SER B 226 -5.15 12.01 1.94
CA SER B 226 -5.76 10.78 1.41
C SER B 226 -5.75 9.67 2.43
N THR B 227 -6.86 8.96 2.51
CA THR B 227 -7.02 7.88 3.48
C THR B 227 -7.94 6.79 2.92
N LYS B 228 -8.12 5.72 3.69
CA LYS B 228 -9.02 4.65 3.27
C LYS B 228 -10.07 4.57 4.37
N ASN B 229 -10.62 5.73 4.75
CA ASN B 229 -11.59 5.83 5.83
C ASN B 229 -12.92 5.11 5.56
N THR B 230 -13.08 4.59 4.36
CA THR B 230 -14.30 3.85 4.03
C THR B 230 -14.14 2.45 4.63
N ILE B 231 -12.89 2.04 4.79
CA ILE B 231 -12.59 0.72 5.32
C ILE B 231 -12.16 0.81 6.78
N LEU B 232 -11.25 1.74 7.07
CA LEU B 232 -10.78 1.92 8.44
C LEU B 232 -11.49 3.17 8.98
N LYS B 233 -12.78 3.01 9.25
CA LYS B 233 -13.62 4.12 9.71
C LYS B 233 -13.13 4.86 10.94
N LYS B 234 -12.60 4.14 11.90
CA LYS B 234 -12.12 4.79 13.11
C LYS B 234 -10.68 5.27 12.97
N TYR B 235 -9.80 4.36 12.55
CA TYR B 235 -8.39 4.69 12.41
C TYR B 235 -8.17 5.80 11.38
N ASP B 236 -8.55 5.56 10.13
CA ASP B 236 -8.37 6.57 9.10
C ASP B 236 -9.31 7.74 9.28
N GLY B 237 -10.49 7.47 9.85
CA GLY B 237 -11.45 8.53 10.09
C GLY B 237 -10.87 9.57 11.03
N ARG B 238 -9.93 9.15 11.89
CA ARG B 238 -9.30 10.05 12.84
C ARG B 238 -8.38 11.05 12.12
N PHE B 239 -7.65 10.56 11.11
CA PHE B 239 -6.77 11.46 10.36
C PHE B 239 -7.66 12.50 9.70
N LYS B 240 -8.74 12.04 9.07
CA LYS B 240 -9.65 12.95 8.39
C LYS B 240 -10.25 14.00 9.34
N ASP B 241 -10.73 13.55 10.50
CA ASP B 241 -11.35 14.45 11.46
C ASP B 241 -10.37 15.46 12.08
N ILE B 242 -9.16 15.02 12.39
CA ILE B 242 -8.19 15.93 12.97
C ILE B 242 -7.74 16.98 11.96
N PHE B 243 -7.53 16.58 10.70
CA PHE B 243 -7.12 17.55 9.69
C PHE B 243 -8.23 18.59 9.51
N GLN B 244 -9.48 18.14 9.44
CA GLN B 244 -10.60 19.06 9.27
C GLN B 244 -10.71 20.04 10.46
N GLU B 245 -10.58 19.52 11.69
CA GLU B 245 -10.66 20.36 12.89
C GLU B 245 -9.56 21.42 12.85
N VAL B 246 -8.33 20.96 12.65
CA VAL B 246 -7.18 21.86 12.58
C VAL B 246 -7.35 22.87 11.45
N TYR B 247 -7.88 22.42 10.34
CA TYR B 247 -8.09 23.29 9.20
C TYR B 247 -9.05 24.45 9.52
N GLU B 248 -10.24 24.10 9.98
CA GLU B 248 -11.25 25.10 10.31
C GLU B 248 -10.85 26.00 11.46
N ALA B 249 -10.08 25.46 12.40
CA ALA B 249 -9.66 26.22 13.56
C ALA B 249 -8.63 27.30 13.27
N GLN B 250 -7.66 27.04 12.40
CA GLN B 250 -6.66 28.06 12.16
C GLN B 250 -6.00 28.18 10.79
N TYR B 251 -6.57 27.55 9.77
CA TYR B 251 -5.96 27.66 8.44
C TYR B 251 -6.97 27.95 7.34
N LYS B 252 -8.23 27.60 7.58
CA LYS B 252 -9.28 27.79 6.59
C LYS B 252 -9.29 29.22 6.03
N SER B 253 -9.35 30.19 6.92
CA SER B 253 -9.38 31.59 6.54
C SER B 253 -8.21 31.94 5.61
N LYS B 254 -7.00 31.56 6.01
CA LYS B 254 -5.81 31.83 5.21
C LYS B 254 -5.84 31.14 3.85
N PHE B 255 -6.31 29.90 3.82
CA PHE B 255 -6.42 29.17 2.55
C PHE B 255 -7.35 29.94 1.62
N GLU B 256 -8.50 30.34 2.16
CA GLU B 256 -9.49 31.08 1.39
C GLU B 256 -8.90 32.38 0.84
N GLN B 257 -8.07 33.04 1.64
CA GLN B 257 -7.46 34.28 1.21
C GLN B 257 -6.48 34.05 0.06
N LEU B 258 -5.73 32.95 0.15
CA LEU B 258 -4.74 32.63 -0.87
C LEU B 258 -5.33 32.00 -2.11
N GLY B 259 -6.58 31.55 -2.02
CA GLY B 259 -7.20 30.93 -3.17
C GLY B 259 -6.81 29.45 -3.32
N ILE B 260 -6.35 28.84 -2.24
CA ILE B 260 -5.99 27.42 -2.30
C ILE B 260 -7.02 26.66 -1.50
N HIS B 261 -7.10 25.35 -1.73
CA HIS B 261 -8.08 24.54 -1.04
C HIS B 261 -7.52 23.31 -0.35
N TYR B 262 -8.23 22.88 0.69
CA TYR B 262 -7.87 21.67 1.40
C TYR B 262 -9.02 20.70 1.20
N GLU B 263 -8.69 19.43 1.00
CA GLU B 263 -9.73 18.44 0.79
C GLU B 263 -9.26 17.04 1.18
N HIS B 264 -10.18 16.24 1.69
CA HIS B 264 -9.85 14.88 2.02
C HIS B 264 -10.34 14.03 0.86
N ARG B 265 -9.55 13.03 0.49
CA ARG B 265 -9.93 12.15 -0.60
C ARG B 265 -9.62 10.70 -0.28
N LEU B 266 -10.37 9.80 -0.91
CA LEU B 266 -10.12 8.37 -0.73
C LEU B 266 -8.79 8.15 -1.47
N ILE B 267 -7.90 7.35 -0.90
CA ILE B 267 -6.60 7.11 -1.52
C ILE B 267 -6.71 6.62 -2.98
N ASP B 268 -7.76 5.86 -3.27
CA ASP B 268 -8.01 5.31 -4.62
C ASP B 268 -8.16 6.43 -5.63
N ASP B 269 -9.07 7.35 -5.31
CA ASP B 269 -9.37 8.48 -6.18
C ASP B 269 -8.19 9.42 -6.32
N MET B 270 -7.51 9.68 -5.21
CA MET B 270 -6.36 10.59 -5.24
C MET B 270 -5.23 10.14 -6.14
N VAL B 271 -4.83 8.87 -6.04
CA VAL B 271 -3.72 8.42 -6.88
C VAL B 271 -4.11 8.41 -8.33
N ALA B 272 -5.39 8.23 -8.63
CA ALA B 272 -5.85 8.24 -10.01
C ALA B 272 -5.83 9.69 -10.50
N GLN B 273 -6.32 10.62 -9.68
CA GLN B 273 -6.32 12.04 -10.06
C GLN B 273 -4.87 12.51 -10.22
N MET B 274 -3.99 12.02 -9.37
CA MET B 274 -2.58 12.36 -9.42
C MET B 274 -1.99 11.98 -10.79
N ILE B 275 -2.18 10.71 -11.18
CA ILE B 275 -1.66 10.20 -12.45
C ILE B 275 -2.23 10.96 -13.67
N LYS B 276 -3.45 11.41 -13.55
CA LYS B 276 -4.12 12.13 -14.63
C LYS B 276 -3.80 13.64 -14.65
N SER B 277 -3.31 14.17 -13.54
CA SER B 277 -3.03 15.61 -13.41
C SER B 277 -1.77 16.16 -14.08
N LYS B 278 -1.56 17.47 -13.86
CA LYS B 278 -0.40 18.20 -14.36
C LYS B 278 0.54 18.49 -13.18
N GLY B 279 0.21 17.97 -12.01
CA GLY B 279 1.01 18.21 -10.82
C GLY B 279 0.63 19.54 -10.20
N GLY B 280 1.45 20.03 -9.28
CA GLY B 280 1.16 21.32 -8.66
C GLY B 280 0.25 21.24 -7.44
N PHE B 281 0.59 20.36 -6.52
CA PHE B 281 -0.18 20.20 -5.31
C PHE B 281 0.56 19.36 -4.29
N ILE B 282 0.10 19.40 -3.06
CA ILE B 282 0.71 18.65 -1.98
C ILE B 282 -0.23 17.51 -1.62
N MET B 283 0.34 16.33 -1.45
CA MET B 283 -0.47 15.18 -1.06
C MET B 283 0.00 14.79 0.33
N ALA B 284 -0.88 14.93 1.31
CA ALA B 284 -0.54 14.54 2.67
C ALA B 284 -0.92 13.07 2.69
N LEU B 285 0.00 12.22 3.11
CA LEU B 285 -0.26 10.79 3.14
C LEU B 285 0.19 10.12 4.42
N LYS B 286 -0.54 9.08 4.81
CA LYS B 286 -0.15 8.31 5.99
C LYS B 286 1.23 7.69 5.69
N ASN B 287 1.95 7.32 6.75
CA ASN B 287 3.30 6.77 6.66
C ASN B 287 3.54 5.79 5.48
N TYR B 288 2.80 4.70 5.44
CA TYR B 288 2.98 3.70 4.39
C TYR B 288 2.69 4.20 2.98
N ASP B 289 1.57 4.90 2.80
CA ASP B 289 1.22 5.41 1.49
C ASP B 289 2.24 6.45 1.05
N GLY B 290 2.69 7.28 1.98
CA GLY B 290 3.67 8.28 1.66
C GLY B 290 4.96 7.62 1.17
N ASP B 291 5.29 6.48 1.75
CA ASP B 291 6.51 5.75 1.39
C ASP B 291 6.37 5.23 -0.04
N VAL B 292 5.25 4.58 -0.33
CA VAL B 292 5.02 4.04 -1.66
C VAL B 292 4.81 5.09 -2.74
N GLN B 293 3.97 6.08 -2.46
CA GLN B 293 3.68 7.10 -3.45
C GLN B 293 4.84 8.03 -3.80
N SER B 294 5.75 8.26 -2.85
CA SER B 294 6.87 9.13 -3.12
C SER B 294 7.77 8.52 -4.21
N ASP B 295 7.92 7.20 -4.23
CA ASP B 295 8.74 6.56 -5.26
C ASP B 295 8.05 6.65 -6.62
N ILE B 296 6.73 6.52 -6.63
CA ILE B 296 5.97 6.64 -7.88
C ILE B 296 6.14 8.07 -8.41
N VAL B 297 6.00 9.04 -7.54
CA VAL B 297 6.15 10.43 -7.96
C VAL B 297 7.57 10.70 -8.44
N ALA B 298 8.57 10.27 -7.66
CA ALA B 298 9.96 10.49 -8.03
C ALA B 298 10.26 9.90 -9.41
N GLN B 299 9.81 8.67 -9.63
CA GLN B 299 10.06 8.01 -10.89
C GLN B 299 9.33 8.73 -12.02
N GLY B 300 8.08 9.12 -11.75
CA GLY B 300 7.28 9.82 -12.74
C GLY B 300 7.91 11.10 -13.25
N PHE B 301 8.55 11.84 -12.36
CA PHE B 301 9.18 13.09 -12.78
C PHE B 301 10.48 12.83 -13.55
N GLY B 302 11.02 11.62 -13.45
CA GLY B 302 12.23 11.34 -14.21
C GLY B 302 13.23 10.35 -13.66
N SER B 303 13.50 10.43 -12.36
CA SER B 303 14.46 9.52 -11.74
C SER B 303 14.35 9.49 -10.23
N LEU B 304 14.49 8.30 -9.65
CA LEU B 304 14.42 8.16 -8.19
C LEU B 304 15.54 8.96 -7.55
N GLY B 305 16.62 9.14 -8.30
CA GLY B 305 17.76 9.88 -7.80
C GLY B 305 17.57 11.39 -7.84
N LEU B 306 16.39 11.85 -8.24
CA LEU B 306 16.13 13.28 -8.29
C LEU B 306 14.93 13.57 -7.38
N MET B 307 15.17 13.47 -6.08
CA MET B 307 14.11 13.69 -5.11
C MET B 307 14.75 14.10 -3.79
N THR B 308 14.13 15.07 -3.13
CA THR B 308 14.63 15.50 -1.84
C THR B 308 13.72 14.94 -0.76
N SER B 309 14.27 14.82 0.44
CA SER B 309 13.51 14.28 1.54
C SER B 309 13.90 14.99 2.82
N ILE B 310 12.97 15.72 3.41
CA ILE B 310 13.26 16.43 4.64
C ILE B 310 12.20 16.19 5.71
N LEU B 311 12.67 15.74 6.87
CA LEU B 311 11.81 15.48 8.00
C LEU B 311 11.69 16.79 8.76
N VAL B 312 10.45 17.18 9.05
CA VAL B 312 10.17 18.43 9.76
C VAL B 312 9.29 18.14 11.00
N THR B 313 9.59 18.80 12.12
CA THR B 313 8.78 18.62 13.33
C THR B 313 7.75 19.75 13.32
N PRO B 314 6.58 19.52 13.94
CA PRO B 314 5.49 20.51 14.01
C PRO B 314 5.89 21.87 14.58
N ASP B 315 6.68 21.88 15.64
CA ASP B 315 7.11 23.13 16.28
C ASP B 315 7.96 24.01 15.38
N GLY B 316 8.41 23.45 14.26
CA GLY B 316 9.23 24.21 13.32
C GLY B 316 10.67 24.46 13.73
N LYS B 317 11.20 23.73 14.70
CA LYS B 317 12.58 23.99 15.09
C LYS B 317 13.55 22.85 14.83
N THR B 318 13.03 21.71 14.37
CA THR B 318 13.88 20.56 14.10
C THR B 318 13.74 20.05 12.66
N PHE B 319 14.87 19.73 12.04
CA PHE B 319 14.90 19.28 10.66
C PHE B 319 15.97 18.23 10.41
N GLU B 320 15.64 17.26 9.57
CA GLU B 320 16.59 16.23 9.18
C GLU B 320 16.48 16.09 7.67
N SER B 321 17.49 16.60 6.98
CA SER B 321 17.56 16.57 5.51
C SER B 321 18.32 15.30 5.14
N GLU B 322 17.68 14.40 4.40
CA GLU B 322 18.31 13.14 4.06
C GLU B 322 18.46 12.88 2.56
N ALA B 323 19.51 12.17 2.21
CA ALA B 323 19.75 11.80 0.82
C ALA B 323 18.83 10.60 0.58
N ALA B 324 17.79 10.79 -0.23
CA ALA B 324 16.84 9.73 -0.50
C ALA B 324 17.33 8.68 -1.51
N HIS B 325 18.35 9.01 -2.27
CA HIS B 325 18.89 8.11 -3.29
C HIS B 325 19.75 7.00 -2.65
N GLY B 326 19.14 5.85 -2.43
CA GLY B 326 19.86 4.73 -1.83
C GLY B 326 21.16 4.39 -2.54
N THR B 327 22.07 3.74 -1.83
CA THR B 327 23.35 3.38 -2.43
C THR B 327 23.27 2.06 -3.19
N VAL B 328 24.12 1.90 -4.19
CA VAL B 328 24.15 0.67 -4.98
C VAL B 328 25.46 -0.07 -4.74
N THR B 329 25.34 -1.33 -4.32
CA THR B 329 26.52 -2.15 -4.04
C THR B 329 27.41 -2.42 -5.24
N ARG B 330 26.83 -2.63 -6.42
CA ARG B 330 27.62 -2.89 -7.62
C ARG B 330 28.59 -1.75 -7.86
N HIS B 331 28.11 -0.51 -7.72
CA HIS B 331 28.95 0.65 -7.93
C HIS B 331 30.07 0.65 -6.90
N TYR B 332 29.72 0.31 -5.67
CA TYR B 332 30.71 0.28 -4.61
C TYR B 332 31.76 -0.80 -4.87
N ARG B 333 31.30 -1.98 -5.30
CA ARG B 333 32.23 -3.08 -5.59
C ARG B 333 33.21 -2.66 -6.68
N LYS B 334 32.71 -1.95 -7.69
CA LYS B 334 33.57 -1.48 -8.77
C LYS B 334 34.55 -0.44 -8.23
N TYR B 335 34.06 0.43 -7.35
CA TYR B 335 34.90 1.45 -6.74
C TYR B 335 36.02 0.76 -5.99
N GLN B 336 35.67 -0.31 -5.27
CA GLN B 336 36.65 -1.08 -4.50
C GLN B 336 37.76 -1.59 -5.42
N LYS B 337 37.35 -2.26 -6.50
CA LYS B 337 38.29 -2.81 -7.48
C LYS B 337 39.04 -1.74 -8.25
N GLY B 338 38.72 -0.48 -8.00
CA GLY B 338 39.39 0.60 -8.71
C GLY B 338 38.81 0.81 -10.10
N GLU B 339 37.68 0.17 -10.38
CA GLU B 339 37.02 0.30 -11.67
C GLU B 339 36.29 1.64 -11.77
N GLU B 340 36.08 2.08 -13.01
CA GLU B 340 35.41 3.33 -13.31
C GLU B 340 33.98 3.35 -12.75
N THR B 341 33.58 4.49 -12.19
CA THR B 341 32.25 4.64 -11.61
C THR B 341 31.52 5.87 -12.14
N SER B 342 30.19 5.81 -12.18
CA SER B 342 29.37 6.92 -12.66
C SER B 342 28.07 6.93 -11.87
N THR B 343 28.17 7.30 -10.59
CA THR B 343 27.02 7.34 -9.70
C THR B 343 26.59 8.79 -9.51
N ASN B 344 25.28 9.01 -9.49
CA ASN B 344 24.74 10.34 -9.33
C ASN B 344 24.91 10.83 -7.90
N SER B 345 25.23 12.12 -7.73
CA SER B 345 25.44 12.70 -6.42
C SER B 345 24.51 13.88 -6.16
N ILE B 346 23.61 14.13 -7.11
CA ILE B 346 22.69 15.24 -6.98
C ILE B 346 21.84 15.15 -5.72
N ALA B 347 21.31 13.97 -5.43
CA ALA B 347 20.47 13.77 -4.25
C ALA B 347 21.24 14.07 -2.96
N SER B 348 22.50 13.63 -2.90
CA SER B 348 23.33 13.87 -1.72
C SER B 348 23.68 15.34 -1.57
N ILE B 349 23.87 16.02 -2.70
CA ILE B 349 24.20 17.44 -2.70
C ILE B 349 23.01 18.22 -2.14
N PHE B 350 21.81 17.89 -2.60
CA PHE B 350 20.63 18.59 -2.11
C PHE B 350 20.34 18.32 -0.64
N ALA B 351 20.73 17.16 -0.14
CA ALA B 351 20.53 16.86 1.28
C ALA B 351 21.32 17.91 2.06
N TRP B 352 22.55 18.17 1.61
CA TRP B 352 23.39 19.17 2.26
C TRP B 352 22.82 20.58 2.10
N SER B 353 22.52 20.96 0.86
CA SER B 353 21.99 22.30 0.61
C SER B 353 20.70 22.60 1.38
N ARG B 354 19.74 21.69 1.31
CA ARG B 354 18.46 21.86 2.00
C ARG B 354 18.66 21.93 3.51
N GLY B 355 19.62 21.16 4.01
CA GLY B 355 19.89 21.18 5.44
C GLY B 355 20.53 22.51 5.83
N LEU B 356 21.46 22.99 5.01
CA LEU B 356 22.14 24.25 5.27
C LEU B 356 21.14 25.41 5.23
N LEU B 357 20.16 25.31 4.33
CA LEU B 357 19.13 26.34 4.22
C LEU B 357 18.35 26.43 5.53
N LYS B 358 17.94 25.28 6.07
CA LYS B 358 17.21 25.26 7.33
C LYS B 358 18.10 25.88 8.41
N ARG B 359 19.36 25.48 8.44
CA ARG B 359 20.32 25.99 9.42
C ARG B 359 20.42 27.52 9.30
N GLY B 360 20.58 28.01 8.08
CA GLY B 360 20.68 29.43 7.85
C GLY B 360 19.45 30.20 8.29
N GLU B 361 18.27 29.66 8.01
CA GLU B 361 17.03 30.31 8.39
C GLU B 361 16.87 30.38 9.90
N LEU B 362 17.20 29.27 10.59
CA LEU B 362 17.09 29.20 12.04
C LEU B 362 18.06 30.17 12.73
N ASP B 363 19.27 30.30 12.18
CA ASP B 363 20.28 31.18 12.78
C ASP B 363 20.20 32.59 12.21
N ASN B 364 19.33 32.79 11.21
CA ASN B 364 19.21 34.07 10.55
C ASN B 364 20.57 34.44 9.96
N THR B 365 21.08 33.56 9.10
CA THR B 365 22.36 33.76 8.45
C THR B 365 22.12 33.77 6.94
N PRO B 366 21.77 34.94 6.39
CA PRO B 366 21.50 35.07 4.96
C PRO B 366 22.63 34.58 4.05
N ALA B 367 23.87 34.75 4.49
CA ALA B 367 25.00 34.30 3.68
C ALA B 367 24.96 32.78 3.44
N LEU B 368 24.56 32.02 4.45
CA LEU B 368 24.50 30.57 4.33
C LEU B 368 23.44 30.17 3.31
N CYS B 369 22.28 30.81 3.39
CA CYS B 369 21.18 30.49 2.48
C CYS B 369 21.59 30.80 1.04
N LYS B 370 22.27 31.93 0.84
CA LYS B 370 22.70 32.29 -0.50
C LYS B 370 23.62 31.19 -1.04
N PHE B 371 24.58 30.76 -0.21
CA PHE B 371 25.50 29.71 -0.62
C PHE B 371 24.74 28.44 -0.97
N ALA B 372 23.80 28.04 -0.12
CA ALA B 372 23.03 26.83 -0.36
C ALA B 372 22.32 26.89 -1.71
N ASN B 373 21.74 28.04 -2.02
CA ASN B 373 21.04 28.21 -3.28
C ASN B 373 21.96 28.16 -4.49
N ILE B 374 23.14 28.77 -4.38
CA ILE B 374 24.05 28.75 -5.51
C ILE B 374 24.55 27.32 -5.70
N LEU B 375 24.71 26.60 -4.59
CA LEU B 375 25.16 25.21 -4.65
C LEU B 375 24.15 24.44 -5.49
N GLU B 376 22.87 24.59 -5.18
CA GLU B 376 21.82 23.91 -5.92
C GLU B 376 21.79 24.31 -7.39
N SER B 377 21.90 25.61 -7.66
CA SER B 377 21.90 26.12 -9.03
C SER B 377 23.06 25.55 -9.83
N ALA B 378 24.26 25.62 -9.26
CA ALA B 378 25.44 25.10 -9.93
C ALA B 378 25.28 23.61 -10.24
N THR B 379 24.72 22.88 -9.29
CA THR B 379 24.52 21.44 -9.46
C THR B 379 23.57 21.13 -10.62
N LEU B 380 22.42 21.77 -10.65
CA LEU B 380 21.45 21.52 -11.71
C LEU B 380 21.88 22.08 -13.07
N ASN B 381 22.48 23.28 -13.07
CA ASN B 381 22.93 23.86 -14.33
C ASN B 381 24.03 23.00 -14.94
N THR B 382 24.81 22.32 -14.10
CA THR B 382 25.87 21.46 -14.61
C THR B 382 25.26 20.40 -15.54
N VAL B 383 24.02 20.02 -15.25
CA VAL B 383 23.33 19.05 -16.09
C VAL B 383 22.53 19.78 -17.17
N GLN B 384 21.64 20.65 -16.72
CA GLN B 384 20.76 21.41 -17.62
C GLN B 384 21.47 22.17 -18.75
N GLN B 385 22.47 22.98 -18.41
CA GLN B 385 23.16 23.77 -19.42
C GLN B 385 24.39 23.10 -20.04
N ASP B 386 25.27 22.58 -19.19
CA ASP B 386 26.50 21.96 -19.66
C ASP B 386 26.39 20.50 -20.11
N GLY B 387 25.20 19.91 -19.95
CA GLY B 387 25.02 18.53 -20.37
C GLY B 387 25.99 17.54 -19.75
N ILE B 388 26.56 17.90 -18.59
CA ILE B 388 27.49 17.03 -17.88
C ILE B 388 26.67 16.22 -16.86
N MET B 389 26.60 14.90 -17.05
CA MET B 389 25.81 14.07 -16.15
C MET B 389 26.35 12.65 -16.02
N THR B 390 25.87 11.95 -15.01
CA THR B 390 26.28 10.59 -14.76
C THR B 390 25.41 9.61 -15.55
N LYS B 391 25.89 8.37 -15.63
CA LYS B 391 25.23 7.29 -16.37
C LYS B 391 23.70 7.23 -16.30
N ASP B 392 23.12 7.16 -15.10
CA ASP B 392 21.67 7.07 -14.96
C ASP B 392 20.88 8.16 -15.69
N LEU B 393 21.33 9.41 -15.57
CA LEU B 393 20.62 10.50 -16.25
C LEU B 393 20.78 10.39 -17.77
N ALA B 394 21.99 10.06 -18.23
CA ALA B 394 22.23 9.93 -19.66
C ALA B 394 21.31 8.86 -20.24
N LEU B 395 21.20 7.72 -19.55
CA LEU B 395 20.34 6.63 -20.00
C LEU B 395 18.89 7.10 -20.01
N ALA B 396 18.55 7.98 -19.08
CA ALA B 396 17.18 8.51 -18.99
C ALA B 396 16.91 9.34 -20.24
N CYS B 397 17.96 9.97 -20.77
CA CYS B 397 17.84 10.79 -21.98
C CYS B 397 17.97 9.94 -23.24
N GLY B 398 17.97 8.61 -23.08
CA GLY B 398 18.10 7.74 -24.23
C GLY B 398 19.46 7.76 -24.90
N ASN B 399 20.48 8.15 -24.16
CA ASN B 399 21.84 8.21 -24.69
C ASN B 399 22.63 7.07 -24.05
N ASN B 400 22.93 6.05 -24.86
CA ASN B 400 23.65 4.89 -24.36
C ASN B 400 25.14 4.80 -24.72
N GLU B 401 25.67 5.83 -25.36
CA GLU B 401 27.10 5.82 -25.71
C GLU B 401 27.92 6.24 -24.48
N ARG B 402 29.11 5.68 -24.35
CA ARG B 402 29.97 5.98 -23.21
C ARG B 402 30.19 7.49 -23.07
N SER B 403 30.51 8.15 -24.16
CA SER B 403 30.77 9.59 -24.15
C SER B 403 29.61 10.45 -23.63
N ALA B 404 28.40 9.89 -23.64
CA ALA B 404 27.23 10.60 -23.18
C ALA B 404 27.27 10.98 -21.69
N TYR B 405 28.15 10.34 -20.93
CA TYR B 405 28.23 10.66 -19.51
C TYR B 405 29.65 10.72 -18.98
N VAL B 406 29.78 11.23 -17.76
CA VAL B 406 31.09 11.36 -17.12
C VAL B 406 31.12 10.48 -15.90
N THR B 407 32.29 10.43 -15.25
CA THR B 407 32.46 9.61 -14.07
C THR B 407 31.91 10.35 -12.83
N THR B 408 31.80 9.61 -11.73
CA THR B 408 31.30 10.17 -10.47
C THR B 408 32.09 11.41 -10.09
N GLU B 409 33.41 11.27 -10.10
CA GLU B 409 34.32 12.35 -9.75
C GLU B 409 34.25 13.51 -10.75
N GLU B 410 34.19 13.18 -12.03
CA GLU B 410 34.13 14.21 -13.05
C GLU B 410 32.90 15.08 -12.84
N PHE B 411 31.76 14.46 -12.54
CA PHE B 411 30.56 15.24 -12.32
C PHE B 411 30.78 16.21 -11.16
N LEU B 412 31.24 15.69 -10.03
CA LEU B 412 31.50 16.54 -8.86
C LEU B 412 32.51 17.65 -9.15
N ASP B 413 33.53 17.36 -9.95
CA ASP B 413 34.51 18.37 -10.31
C ASP B 413 33.83 19.46 -11.12
N ALA B 414 32.98 19.06 -12.07
CA ALA B 414 32.25 20.01 -12.90
C ALA B 414 31.38 20.90 -12.02
N VAL B 415 30.70 20.30 -11.05
CA VAL B 415 29.87 21.09 -10.14
C VAL B 415 30.73 22.06 -9.33
N GLU B 416 31.84 21.56 -8.81
CA GLU B 416 32.76 22.38 -8.03
C GLU B 416 33.24 23.56 -8.87
N LYS B 417 33.62 23.29 -10.10
CA LYS B 417 34.09 24.36 -10.98
C LYS B 417 32.99 25.40 -11.17
N ARG B 418 31.78 24.96 -11.45
CA ARG B 418 30.67 25.89 -11.64
C ARG B 418 30.32 26.61 -10.34
N LEU B 419 30.53 25.94 -9.21
CA LEU B 419 30.24 26.53 -7.91
C LEU B 419 31.17 27.73 -7.73
N GLN B 420 32.44 27.53 -8.06
CA GLN B 420 33.42 28.60 -7.94
C GLN B 420 33.10 29.72 -8.92
N LYS B 421 32.71 29.34 -10.13
CA LYS B 421 32.36 30.34 -11.15
C LYS B 421 31.15 31.14 -10.65
N GLU B 422 30.07 30.42 -10.37
CA GLU B 422 28.82 31.03 -9.92
C GLU B 422 28.87 31.66 -8.52
N ILE B 423 30.00 31.55 -7.84
CA ILE B 423 30.10 32.14 -6.51
C ILE B 423 30.78 33.50 -6.59
N LYS B 424 31.40 33.77 -7.75
CA LYS B 424 32.06 35.04 -7.99
C LYS B 424 31.12 35.90 -8.82
N SER B 425 30.31 35.22 -9.64
CA SER B 425 29.34 35.86 -10.51
C SER B 425 28.27 36.61 -9.72
N ALA C 15 -41.05 -11.28 12.58
CA ALA C 15 -40.98 -10.69 13.94
C ALA C 15 -39.66 -9.93 14.10
N PHE C 16 -39.15 -9.90 15.34
CA PHE C 16 -37.89 -9.22 15.62
C PHE C 16 -36.78 -10.03 14.95
N SER C 17 -36.84 -11.34 15.12
CA SER C 17 -35.89 -12.25 14.51
C SER C 17 -36.57 -12.80 13.27
N LYS C 18 -36.05 -12.45 12.11
CA LYS C 18 -36.63 -12.91 10.84
C LYS C 18 -37.03 -14.37 10.83
N ILE C 19 -38.22 -14.65 10.29
CA ILE C 19 -38.70 -16.02 10.20
C ILE C 19 -37.92 -16.66 9.07
N LYS C 20 -37.32 -17.81 9.34
CA LYS C 20 -36.55 -18.49 8.32
C LYS C 20 -37.45 -19.36 7.45
N VAL C 21 -37.51 -19.05 6.16
CA VAL C 21 -38.30 -19.84 5.24
C VAL C 21 -37.35 -20.93 4.78
N LYS C 22 -37.68 -22.16 5.11
CA LYS C 22 -36.86 -23.31 4.79
C LYS C 22 -36.56 -23.49 3.30
N GLN C 23 -37.61 -23.60 2.49
CA GLN C 23 -37.46 -23.83 1.06
C GLN C 23 -37.54 -22.55 0.23
N PRO C 24 -36.85 -22.52 -0.92
CA PRO C 24 -36.88 -21.35 -1.80
C PRO C 24 -38.28 -21.11 -2.32
N VAL C 25 -38.61 -19.84 -2.59
CA VAL C 25 -39.92 -19.46 -3.12
C VAL C 25 -39.65 -18.89 -4.51
N VAL C 26 -40.42 -19.32 -5.51
CA VAL C 26 -40.23 -18.81 -6.86
C VAL C 26 -41.05 -17.55 -7.06
N GLU C 27 -40.38 -16.49 -7.50
CA GLU C 27 -41.01 -15.19 -7.71
C GLU C 27 -41.01 -14.80 -9.18
N LEU C 28 -42.18 -14.54 -9.73
CA LEU C 28 -42.30 -14.14 -11.12
C LEU C 28 -42.71 -12.67 -11.13
N ASP C 29 -41.78 -11.80 -11.51
CA ASP C 29 -42.07 -10.36 -11.54
C ASP C 29 -42.92 -10.01 -12.76
N GLY C 30 -43.61 -8.88 -12.69
CA GLY C 30 -44.49 -8.48 -13.78
C GLY C 30 -44.25 -7.17 -14.49
N ASP C 31 -45.36 -6.58 -14.92
CA ASP C 31 -45.35 -5.35 -15.69
C ASP C 31 -45.95 -4.10 -15.08
N GLU C 32 -45.48 -2.97 -15.60
CA GLU C 32 -45.91 -1.64 -15.25
C GLU C 32 -46.26 -1.34 -13.79
N MET C 33 -47.45 -0.80 -13.56
CA MET C 33 -47.87 -0.42 -12.21
C MET C 33 -47.87 -1.58 -11.21
N THR C 34 -48.32 -2.75 -11.62
CA THR C 34 -48.32 -3.88 -10.69
C THR C 34 -46.89 -4.24 -10.33
N ARG C 35 -45.95 -3.98 -11.24
CA ARG C 35 -44.55 -4.28 -10.99
C ARG C 35 -44.04 -3.38 -9.88
N ILE C 36 -44.41 -2.10 -9.96
CA ILE C 36 -44.01 -1.11 -8.97
C ILE C 36 -44.55 -1.44 -7.59
N ILE C 37 -45.85 -1.75 -7.53
CA ILE C 37 -46.49 -2.09 -6.27
C ILE C 37 -45.82 -3.35 -5.70
N TRP C 38 -45.58 -4.30 -6.60
CA TRP C 38 -44.96 -5.58 -6.28
C TRP C 38 -43.61 -5.42 -5.59
N ASP C 39 -42.79 -4.51 -6.10
CA ASP C 39 -41.47 -4.28 -5.53
C ASP C 39 -41.57 -3.63 -4.15
N LYS C 40 -42.52 -2.73 -3.97
CA LYS C 40 -42.70 -2.06 -2.69
C LYS C 40 -43.20 -3.08 -1.65
N ILE C 41 -44.11 -3.96 -2.08
CA ILE C 41 -44.64 -4.99 -1.20
C ILE C 41 -43.50 -5.88 -0.69
N LYS C 42 -42.67 -6.34 -1.62
CA LYS C 42 -41.57 -7.21 -1.28
C LYS C 42 -40.58 -6.54 -0.31
N LYS C 43 -40.21 -5.31 -0.62
CA LYS C 43 -39.24 -4.58 0.19
C LYS C 43 -39.74 -4.04 1.52
N LYS C 44 -41.04 -3.72 1.61
CA LYS C 44 -41.61 -3.19 2.84
C LYS C 44 -42.33 -4.22 3.70
N LEU C 45 -43.04 -5.14 3.06
CA LEU C 45 -43.82 -6.12 3.81
C LEU C 45 -43.30 -7.54 3.89
N ILE C 46 -42.42 -7.94 2.97
CA ILE C 46 -41.93 -9.31 2.98
C ILE C 46 -40.50 -9.52 3.47
N LEU C 47 -39.54 -8.93 2.76
CA LEU C 47 -38.13 -9.07 3.10
C LEU C 47 -37.70 -8.64 4.51
N PRO C 48 -38.29 -7.57 5.06
CA PRO C 48 -37.87 -7.17 6.41
C PRO C 48 -38.24 -8.19 7.50
N TYR C 49 -39.21 -9.04 7.22
CA TYR C 49 -39.66 -10.02 8.20
C TYR C 49 -39.29 -11.46 7.91
N LEU C 50 -38.94 -11.75 6.65
CA LEU C 50 -38.59 -13.12 6.29
C LEU C 50 -37.21 -13.26 5.68
N ASP C 51 -36.53 -14.35 6.03
CA ASP C 51 -35.24 -14.65 5.43
C ASP C 51 -35.66 -15.67 4.38
N VAL C 52 -36.05 -15.16 3.21
CA VAL C 52 -36.52 -16.00 2.11
C VAL C 52 -35.57 -16.02 0.95
N ASP C 53 -35.42 -17.20 0.35
CA ASP C 53 -34.58 -17.36 -0.81
C ASP C 53 -35.55 -17.22 -1.99
N LEU C 54 -35.53 -16.07 -2.64
CA LEU C 54 -36.42 -15.84 -3.78
C LEU C 54 -35.75 -16.17 -5.11
N LYS C 55 -36.25 -17.21 -5.78
CA LYS C 55 -35.74 -17.59 -7.11
C LYS C 55 -36.50 -16.64 -8.03
N TYR C 56 -35.82 -15.59 -8.47
CA TYR C 56 -36.42 -14.55 -9.29
C TYR C 56 -36.43 -14.75 -10.81
N TYR C 57 -37.62 -14.61 -11.41
CA TYR C 57 -37.80 -14.72 -12.85
C TYR C 57 -38.58 -13.50 -13.31
N ASP C 58 -37.93 -12.65 -14.11
CA ASP C 58 -38.56 -11.43 -14.61
C ASP C 58 -39.45 -11.72 -15.81
N LEU C 59 -40.76 -11.57 -15.64
CA LEU C 59 -41.69 -11.81 -16.74
C LEU C 59 -42.28 -10.51 -17.29
N SER C 60 -41.50 -9.43 -17.24
CA SER C 60 -41.98 -8.18 -17.83
C SER C 60 -42.03 -8.47 -19.33
N VAL C 61 -42.76 -7.65 -20.07
CA VAL C 61 -42.87 -7.84 -21.52
C VAL C 61 -41.48 -7.81 -22.17
N GLU C 62 -40.68 -6.82 -21.81
CA GLU C 62 -39.35 -6.69 -22.38
C GLU C 62 -38.49 -7.92 -22.09
N SER C 63 -38.59 -8.46 -20.88
CA SER C 63 -37.81 -9.64 -20.53
C SER C 63 -38.25 -10.84 -21.35
N ARG C 64 -39.56 -11.03 -21.46
CA ARG C 64 -40.07 -12.13 -22.25
C ARG C 64 -39.66 -11.96 -23.71
N ASP C 65 -39.77 -10.75 -24.23
CA ASP C 65 -39.39 -10.51 -25.62
C ASP C 65 -37.92 -10.85 -25.82
N ALA C 66 -37.07 -10.32 -24.93
CA ALA C 66 -35.63 -10.55 -25.03
C ALA C 66 -35.25 -12.03 -25.01
N THR C 67 -35.98 -12.83 -24.24
CA THR C 67 -35.69 -14.26 -24.15
C THR C 67 -36.59 -15.08 -25.07
N SER C 68 -37.38 -14.40 -25.91
CA SER C 68 -38.29 -15.10 -26.81
C SER C 68 -39.23 -15.98 -25.99
N ASP C 69 -39.67 -15.44 -24.86
CA ASP C 69 -40.59 -16.12 -23.95
C ASP C 69 -40.05 -17.37 -23.25
N LYS C 70 -38.74 -17.59 -23.39
CA LYS C 70 -38.11 -18.75 -22.75
C LYS C 70 -38.16 -18.57 -21.22
N ILE C 71 -38.01 -17.33 -20.77
CA ILE C 71 -38.02 -17.04 -19.33
C ILE C 71 -39.32 -17.54 -18.68
N THR C 72 -40.45 -17.38 -19.36
CA THR C 72 -41.73 -17.84 -18.82
C THR C 72 -41.71 -19.34 -18.58
N GLN C 73 -41.19 -20.08 -19.55
CA GLN C 73 -41.10 -21.52 -19.42
C GLN C 73 -40.14 -21.90 -18.29
N ASP C 74 -39.03 -21.16 -18.19
CA ASP C 74 -38.05 -21.41 -17.13
C ASP C 74 -38.71 -21.25 -15.77
N ALA C 75 -39.50 -20.18 -15.61
CA ALA C 75 -40.17 -19.91 -14.35
C ALA C 75 -41.12 -21.05 -13.99
N ALA C 76 -41.85 -21.54 -14.98
CA ALA C 76 -42.78 -22.65 -14.77
C ALA C 76 -42.04 -23.89 -14.27
N GLU C 77 -40.89 -24.17 -14.86
CA GLU C 77 -40.12 -25.34 -14.45
C GLU C 77 -39.54 -25.10 -13.06
N ALA C 78 -39.29 -23.85 -12.71
CA ALA C 78 -38.76 -23.51 -11.39
C ALA C 78 -39.83 -23.77 -10.35
N ILE C 79 -41.07 -23.38 -10.65
CA ILE C 79 -42.18 -23.60 -9.73
C ILE C 79 -42.34 -25.10 -9.45
N LYS C 80 -42.30 -25.92 -10.49
CA LYS C 80 -42.45 -27.35 -10.31
C LYS C 80 -41.30 -27.94 -9.50
N LYS C 81 -40.11 -27.36 -9.67
CA LYS C 81 -38.94 -27.83 -8.96
C LYS C 81 -38.99 -27.52 -7.47
N TYR C 82 -39.33 -26.28 -7.12
CA TYR C 82 -39.35 -25.89 -5.71
C TYR C 82 -40.68 -26.02 -4.98
N GLY C 83 -41.78 -26.07 -5.73
CA GLY C 83 -43.07 -26.23 -5.10
C GLY C 83 -44.02 -25.04 -5.06
N VAL C 84 -43.50 -23.86 -4.74
CA VAL C 84 -44.36 -22.68 -4.65
C VAL C 84 -43.90 -21.50 -5.48
N GLY C 85 -44.84 -20.91 -6.19
CA GLY C 85 -44.55 -19.74 -7.00
C GLY C 85 -45.54 -18.63 -6.69
N ILE C 86 -45.06 -17.39 -6.73
CA ILE C 86 -45.88 -16.22 -6.47
C ILE C 86 -45.68 -15.32 -7.68
N LYS C 87 -46.75 -15.05 -8.39
CA LYS C 87 -46.66 -14.26 -9.61
C LYS C 87 -47.34 -12.91 -9.62
N CYS C 88 -46.61 -11.92 -10.12
CA CYS C 88 -47.09 -10.56 -10.26
C CYS C 88 -47.88 -10.52 -11.58
N ALA C 89 -48.84 -9.60 -11.69
CA ALA C 89 -49.63 -9.50 -12.92
C ALA C 89 -48.73 -9.15 -14.11
N THR C 90 -48.99 -9.80 -15.25
CA THR C 90 -48.23 -9.55 -16.46
C THR C 90 -49.12 -9.03 -17.58
N ILE C 91 -48.49 -8.52 -18.63
CA ILE C 91 -49.20 -8.00 -19.78
C ILE C 91 -49.14 -9.01 -20.91
N THR C 92 -50.29 -9.27 -21.52
CA THR C 92 -50.33 -10.18 -22.66
C THR C 92 -50.30 -9.24 -23.87
N PRO C 93 -49.19 -9.24 -24.60
CA PRO C 93 -49.02 -8.37 -25.78
C PRO C 93 -50.08 -8.54 -26.86
N ASP C 94 -50.63 -7.42 -27.31
CA ASP C 94 -51.63 -7.41 -28.37
C ASP C 94 -51.02 -6.62 -29.53
N GLU C 95 -51.78 -6.45 -30.61
CA GLU C 95 -51.30 -5.73 -31.78
C GLU C 95 -50.68 -4.38 -31.39
N ALA C 96 -51.38 -3.65 -30.53
CA ALA C 96 -50.93 -2.33 -30.07
C ALA C 96 -49.64 -2.41 -29.24
N ARG C 97 -49.59 -3.35 -28.31
CA ARG C 97 -48.42 -3.54 -27.46
C ARG C 97 -47.19 -3.86 -28.31
N VAL C 98 -47.35 -4.83 -29.19
CA VAL C 98 -46.26 -5.28 -30.07
C VAL C 98 -45.68 -4.18 -30.95
N LYS C 99 -46.54 -3.33 -31.50
CA LYS C 99 -46.06 -2.27 -32.38
C LYS C 99 -45.49 -1.06 -31.63
N GLU C 100 -45.95 -0.85 -30.40
CA GLU C 100 -45.48 0.28 -29.60
C GLU C 100 -44.28 -0.09 -28.73
N PHE C 101 -43.97 -1.39 -28.66
CA PHE C 101 -42.85 -1.86 -27.87
C PHE C 101 -41.85 -2.58 -28.77
N ASN C 102 -42.18 -2.66 -30.05
CA ASN C 102 -41.34 -3.32 -31.04
C ASN C 102 -41.04 -4.78 -30.70
N LEU C 103 -42.04 -5.49 -30.19
CA LEU C 103 -41.87 -6.89 -29.85
C LEU C 103 -41.64 -7.68 -31.13
N HIS C 104 -40.90 -8.78 -31.02
CA HIS C 104 -40.61 -9.61 -32.18
C HIS C 104 -41.81 -10.48 -32.55
N LYS C 105 -42.73 -10.64 -31.60
CA LYS C 105 -43.93 -11.44 -31.83
C LYS C 105 -44.98 -11.12 -30.78
N MET C 106 -46.22 -11.51 -31.05
CA MET C 106 -47.31 -11.29 -30.10
C MET C 106 -47.27 -12.49 -29.16
N TRP C 107 -46.33 -12.47 -28.22
CA TRP C 107 -46.15 -13.55 -27.27
C TRP C 107 -47.46 -13.98 -26.60
N LYS C 108 -47.60 -15.30 -26.43
CA LYS C 108 -48.78 -15.87 -25.80
C LYS C 108 -48.84 -15.56 -24.32
N SER C 109 -50.05 -15.57 -23.77
CA SER C 109 -50.25 -15.31 -22.35
C SER C 109 -49.30 -16.14 -21.51
N PRO C 110 -48.55 -15.49 -20.61
CA PRO C 110 -47.62 -16.24 -19.76
C PRO C 110 -48.39 -17.18 -18.81
N ASN C 111 -49.58 -16.75 -18.39
CA ASN C 111 -50.40 -17.56 -17.49
C ASN C 111 -50.82 -18.85 -18.19
N GLY C 112 -51.12 -18.75 -19.48
CA GLY C 112 -51.52 -19.92 -20.23
C GLY C 112 -50.39 -20.91 -20.34
N THR C 113 -49.19 -20.40 -20.58
CA THR C 113 -48.01 -21.24 -20.70
C THR C 113 -47.71 -21.96 -19.39
N ILE C 114 -47.76 -21.21 -18.29
CA ILE C 114 -47.47 -21.75 -16.96
C ILE C 114 -48.50 -22.82 -16.60
N ARG C 115 -49.78 -22.52 -16.80
CA ARG C 115 -50.84 -23.47 -16.50
C ARG C 115 -50.72 -24.75 -17.33
N ASN C 116 -50.38 -24.62 -18.60
CA ASN C 116 -50.24 -25.82 -19.44
C ASN C 116 -49.10 -26.69 -18.95
N ILE C 117 -48.02 -26.06 -18.49
CA ILE C 117 -46.86 -26.80 -18.01
C ILE C 117 -47.13 -27.47 -16.67
N LEU C 118 -47.75 -26.75 -15.75
CA LEU C 118 -48.03 -27.29 -14.42
C LEU C 118 -49.30 -28.15 -14.37
N GLY C 119 -50.32 -27.72 -15.11
CA GLY C 119 -51.59 -28.43 -15.10
C GLY C 119 -52.29 -28.15 -13.78
N GLY C 120 -53.35 -28.88 -13.49
CA GLY C 120 -54.05 -28.68 -12.24
C GLY C 120 -55.31 -27.84 -12.30
N THR C 121 -55.63 -27.20 -11.19
CA THR C 121 -56.82 -26.37 -11.07
C THR C 121 -56.52 -25.01 -10.46
N VAL C 122 -57.24 -23.99 -10.94
CA VAL C 122 -57.07 -22.64 -10.43
C VAL C 122 -58.28 -22.26 -9.60
N PHE C 123 -58.07 -22.12 -8.30
CA PHE C 123 -59.15 -21.74 -7.40
C PHE C 123 -59.17 -20.24 -7.24
N ARG C 124 -60.31 -19.65 -7.56
CA ARG C 124 -60.46 -18.21 -7.45
C ARG C 124 -61.52 -17.94 -6.41
N GLU C 125 -61.18 -17.06 -5.48
CA GLU C 125 -62.07 -16.73 -4.36
C GLU C 125 -62.01 -15.24 -4.09
N PRO C 126 -63.17 -14.63 -3.79
CA PRO C 126 -63.20 -13.20 -3.51
C PRO C 126 -62.52 -12.80 -2.21
N ILE C 127 -61.99 -11.59 -2.18
CA ILE C 127 -61.35 -11.06 -0.98
C ILE C 127 -62.45 -10.19 -0.39
N VAL C 128 -63.07 -10.71 0.67
CA VAL C 128 -64.18 -10.05 1.33
C VAL C 128 -63.87 -8.88 2.25
N ILE C 129 -64.38 -7.72 1.86
CA ILE C 129 -64.23 -6.49 2.62
C ILE C 129 -65.68 -6.03 2.78
N PRO C 130 -66.39 -6.57 3.79
CA PRO C 130 -67.80 -6.26 4.08
C PRO C 130 -68.22 -4.82 3.88
N ARG C 131 -67.28 -3.88 3.98
CA ARG C 131 -67.59 -2.48 3.78
C ARG C 131 -68.10 -2.28 2.35
N ILE C 132 -67.27 -2.69 1.39
CA ILE C 132 -67.57 -2.56 -0.03
C ILE C 132 -68.94 -3.11 -0.41
N PRO C 133 -69.71 -2.34 -1.19
CA PRO C 133 -71.04 -2.77 -1.63
C PRO C 133 -70.94 -3.89 -2.66
N ARG C 134 -71.74 -4.93 -2.47
CA ARG C 134 -71.73 -6.07 -3.39
C ARG C 134 -72.74 -5.80 -4.50
N LEU C 135 -72.31 -6.01 -5.75
CA LEU C 135 -73.18 -5.78 -6.90
C LEU C 135 -74.32 -6.79 -6.94
N VAL C 136 -74.11 -7.94 -6.31
CA VAL C 136 -75.14 -8.98 -6.22
C VAL C 136 -75.40 -9.14 -4.72
N PRO C 137 -76.20 -8.23 -4.15
CA PRO C 137 -76.62 -8.13 -2.75
C PRO C 137 -76.80 -9.40 -1.92
N ARG C 138 -77.53 -10.38 -2.44
CA ARG C 138 -77.77 -11.60 -1.70
C ARG C 138 -76.54 -12.47 -1.45
N TRP C 139 -75.43 -12.14 -2.10
CA TRP C 139 -74.22 -12.92 -1.92
C TRP C 139 -73.53 -12.56 -0.60
N GLU C 140 -73.77 -13.36 0.43
CA GLU C 140 -73.15 -13.09 1.73
C GLU C 140 -72.07 -14.10 2.10
N LYS C 141 -72.09 -15.26 1.45
CA LYS C 141 -71.08 -16.28 1.71
C LYS C 141 -70.23 -16.43 0.45
N PRO C 142 -68.91 -16.54 0.61
CA PRO C 142 -67.99 -16.67 -0.53
C PRO C 142 -68.34 -17.78 -1.52
N ILE C 143 -68.13 -17.49 -2.80
CA ILE C 143 -68.34 -18.47 -3.85
C ILE C 143 -66.94 -18.73 -4.40
N ILE C 144 -66.56 -19.99 -4.49
CA ILE C 144 -65.24 -20.35 -4.98
C ILE C 144 -65.34 -21.03 -6.33
N ILE C 145 -64.51 -20.58 -7.27
CA ILE C 145 -64.52 -21.18 -8.59
C ILE C 145 -63.29 -22.05 -8.78
N GLY C 146 -63.52 -23.31 -9.12
CA GLY C 146 -62.44 -24.23 -9.39
C GLY C 146 -62.35 -24.33 -10.90
N ARG C 147 -61.38 -23.65 -11.49
CA ARG C 147 -61.21 -23.67 -12.93
C ARG C 147 -60.15 -24.64 -13.43
N HIS C 148 -60.56 -25.62 -14.21
CA HIS C 148 -59.63 -26.59 -14.78
C HIS C 148 -58.63 -25.74 -15.57
N ALA C 149 -57.34 -25.87 -15.29
CA ALA C 149 -56.33 -25.06 -15.95
C ALA C 149 -55.67 -25.64 -17.19
N HIS C 150 -56.10 -26.81 -17.64
CA HIS C 150 -55.47 -27.45 -18.78
C HIS C 150 -55.97 -27.13 -20.21
N GLY C 151 -56.26 -28.18 -20.97
CA GLY C 151 -56.68 -28.04 -22.36
C GLY C 151 -57.83 -27.14 -22.79
N ASP C 152 -58.69 -27.69 -23.64
CA ASP C 152 -59.83 -26.98 -24.20
C ASP C 152 -59.37 -25.86 -25.13
N GLN C 153 -60.10 -24.75 -25.19
CA GLN C 153 -59.68 -23.70 -26.12
C GLN C 153 -58.38 -22.97 -25.81
N TYR C 154 -57.75 -23.25 -24.67
CA TYR C 154 -56.51 -22.58 -24.33
C TYR C 154 -55.27 -23.27 -24.90
N LYS C 155 -55.50 -24.40 -25.58
CA LYS C 155 -54.42 -25.15 -26.22
C LYS C 155 -54.99 -25.72 -27.52
N ALA C 156 -55.91 -24.98 -28.11
CA ALA C 156 -56.59 -25.41 -29.32
C ALA C 156 -55.90 -24.99 -30.61
N THR C 157 -56.29 -25.65 -31.71
CA THR C 157 -55.77 -25.36 -33.03
C THR C 157 -56.92 -24.74 -33.80
N ASP C 158 -56.76 -23.50 -34.25
CA ASP C 158 -57.81 -22.84 -35.02
C ASP C 158 -57.22 -22.31 -36.32
N THR C 159 -58.04 -22.28 -37.37
CA THR C 159 -57.59 -21.82 -38.66
C THR C 159 -58.73 -21.26 -39.51
N LEU C 160 -58.36 -20.49 -40.53
CA LEU C 160 -59.33 -19.91 -41.44
C LEU C 160 -59.48 -20.85 -42.62
N ILE C 161 -60.71 -21.04 -43.07
CA ILE C 161 -60.99 -21.89 -44.21
C ILE C 161 -61.27 -20.95 -45.38
N PRO C 162 -60.39 -20.97 -46.39
CA PRO C 162 -60.48 -20.13 -47.60
C PRO C 162 -61.74 -20.25 -48.44
N GLY C 163 -62.16 -21.49 -48.72
CA GLY C 163 -63.35 -21.71 -49.52
C GLY C 163 -63.92 -23.09 -49.33
N PRO C 164 -64.85 -23.52 -50.20
CA PRO C 164 -65.48 -24.84 -50.12
C PRO C 164 -64.48 -25.98 -49.96
N GLY C 165 -64.90 -27.03 -49.26
CA GLY C 165 -64.04 -28.17 -49.03
C GLY C 165 -64.49 -28.95 -47.82
N SER C 166 -63.86 -30.10 -47.56
CA SER C 166 -64.21 -30.92 -46.41
C SER C 166 -63.27 -30.70 -45.25
N LEU C 167 -63.78 -30.88 -44.03
CA LEU C 167 -63.00 -30.70 -42.82
C LEU C 167 -63.22 -31.94 -41.97
N GLU C 168 -62.13 -32.61 -41.59
CA GLU C 168 -62.25 -33.81 -40.79
C GLU C 168 -61.30 -33.88 -39.60
N LEU C 169 -61.66 -34.71 -38.63
CA LEU C 169 -60.87 -34.95 -37.42
C LEU C 169 -60.24 -36.33 -37.57
N VAL C 170 -58.93 -36.39 -37.73
CA VAL C 170 -58.24 -37.66 -37.91
C VAL C 170 -57.44 -38.12 -36.70
N TYR C 171 -57.75 -39.32 -36.22
CA TYR C 171 -57.06 -39.90 -35.08
C TYR C 171 -56.36 -41.21 -35.45
N LYS C 172 -55.04 -41.20 -35.43
CA LYS C 172 -54.25 -42.38 -35.74
C LYS C 172 -53.67 -42.91 -34.42
N PRO C 173 -54.31 -43.95 -33.85
CA PRO C 173 -53.92 -44.58 -32.58
C PRO C 173 -52.45 -44.96 -32.36
N SER C 174 -51.62 -44.74 -33.37
CA SER C 174 -50.19 -45.05 -33.26
C SER C 174 -49.95 -46.47 -32.71
N ASP C 175 -51.01 -47.26 -32.67
CA ASP C 175 -50.95 -48.64 -32.19
C ASP C 175 -52.22 -49.36 -32.65
N PRO C 176 -52.29 -49.67 -33.96
CA PRO C 176 -53.44 -50.35 -34.58
C PRO C 176 -53.76 -51.73 -33.99
N THR C 177 -53.47 -51.92 -32.70
CA THR C 177 -53.74 -53.20 -32.06
C THR C 177 -54.78 -53.08 -30.95
N THR C 178 -54.66 -52.04 -30.13
CA THR C 178 -55.59 -51.83 -29.03
C THR C 178 -56.85 -51.09 -29.47
N ALA C 179 -56.68 -50.03 -30.26
CA ALA C 179 -57.81 -49.25 -30.74
C ALA C 179 -57.76 -49.05 -32.25
N GLN C 180 -58.84 -48.50 -32.79
CA GLN C 180 -58.94 -48.26 -34.22
C GLN C 180 -58.78 -46.77 -34.50
N PRO C 181 -58.59 -46.39 -35.78
CA PRO C 181 -58.44 -44.98 -36.13
C PRO C 181 -59.82 -44.33 -36.30
N GLN C 182 -59.84 -43.01 -36.40
CA GLN C 182 -61.09 -42.29 -36.57
C GLN C 182 -60.94 -41.15 -37.57
N THR C 183 -61.90 -41.05 -38.49
CA THR C 183 -61.89 -40.00 -39.48
C THR C 183 -63.30 -39.41 -39.52
N LEU C 184 -63.60 -38.59 -38.53
CA LEU C 184 -64.92 -37.96 -38.41
C LEU C 184 -65.02 -36.73 -39.28
N LYS C 185 -66.09 -36.65 -40.07
CA LYS C 185 -66.28 -35.47 -40.90
C LYS C 185 -66.89 -34.40 -40.00
N VAL C 186 -66.21 -33.26 -39.92
CA VAL C 186 -66.69 -32.18 -39.08
C VAL C 186 -67.69 -31.33 -39.84
N TYR C 187 -67.36 -31.01 -41.08
CA TYR C 187 -68.22 -30.16 -41.89
C TYR C 187 -67.71 -30.02 -43.31
N ASP C 188 -68.62 -29.75 -44.24
CA ASP C 188 -68.25 -29.52 -45.63
C ASP C 188 -68.60 -28.07 -45.92
N TYR C 189 -67.58 -27.24 -46.07
CA TYR C 189 -67.80 -25.82 -46.33
C TYR C 189 -68.28 -25.55 -47.75
N LYS C 190 -69.14 -24.55 -47.87
CA LYS C 190 -69.69 -24.14 -49.15
C LYS C 190 -69.26 -22.71 -49.37
N GLY C 191 -68.47 -22.22 -48.41
CA GLY C 191 -67.96 -20.86 -48.45
C GLY C 191 -66.79 -20.75 -47.50
N SER C 192 -66.23 -19.55 -47.34
CA SER C 192 -65.11 -19.36 -46.44
C SER C 192 -65.60 -19.33 -44.99
N GLY C 193 -64.72 -19.71 -44.06
CA GLY C 193 -65.10 -19.72 -42.67
C GLY C 193 -63.96 -19.97 -41.70
N VAL C 194 -64.29 -20.55 -40.57
CA VAL C 194 -63.30 -20.85 -39.54
C VAL C 194 -63.53 -22.24 -38.98
N ALA C 195 -62.47 -22.79 -38.41
CA ALA C 195 -62.53 -24.11 -37.82
C ALA C 195 -61.53 -24.18 -36.68
N MET C 196 -61.80 -25.03 -35.70
CA MET C 196 -60.89 -25.20 -34.58
C MET C 196 -61.15 -26.54 -33.95
N ALA C 197 -60.13 -27.06 -33.29
CA ALA C 197 -60.22 -28.34 -32.60
C ALA C 197 -59.49 -28.18 -31.27
N MET C 198 -60.02 -28.82 -30.23
CA MET C 198 -59.40 -28.75 -28.92
C MET C 198 -59.41 -30.13 -28.32
N TYR C 199 -58.73 -30.29 -27.19
CA TYR C 199 -58.64 -31.59 -26.53
C TYR C 199 -58.49 -31.47 -25.03
N ASN C 200 -58.46 -32.62 -24.38
CA ASN C 200 -58.24 -32.71 -22.96
C ASN C 200 -57.96 -34.18 -22.68
N THR C 201 -57.47 -34.48 -21.49
CA THR C 201 -57.13 -35.86 -21.15
C THR C 201 -57.80 -36.35 -19.88
N ASP C 202 -58.03 -37.66 -19.80
CA ASP C 202 -58.65 -38.24 -18.62
C ASP C 202 -57.77 -37.94 -17.42
N GLU C 203 -56.46 -38.00 -17.63
CA GLU C 203 -55.50 -37.73 -16.57
C GLU C 203 -55.74 -36.34 -15.98
N SER C 204 -55.79 -35.34 -16.85
CA SER C 204 -55.99 -33.97 -16.39
C SER C 204 -57.36 -33.81 -15.73
N ILE C 205 -58.38 -34.43 -16.31
CA ILE C 205 -59.71 -34.35 -15.76
C ILE C 205 -59.79 -35.00 -14.38
N GLU C 206 -59.07 -36.10 -14.20
CA GLU C 206 -59.07 -36.77 -12.90
C GLU C 206 -58.44 -35.88 -11.85
N GLY C 207 -57.31 -35.28 -12.20
CA GLY C 207 -56.63 -34.38 -11.27
C GLY C 207 -57.57 -33.25 -10.94
N PHE C 208 -58.31 -32.81 -11.94
CA PHE C 208 -59.28 -31.72 -11.80
C PHE C 208 -60.30 -32.10 -10.73
N ALA C 209 -60.81 -33.33 -10.82
CA ALA C 209 -61.79 -33.82 -9.86
C ALA C 209 -61.20 -33.93 -8.45
N HIS C 210 -60.08 -34.62 -8.34
CA HIS C 210 -59.42 -34.80 -7.06
C HIS C 210 -59.24 -33.50 -6.28
N SER C 211 -58.72 -32.47 -6.94
CA SER C 211 -58.50 -31.19 -6.28
C SER C 211 -59.81 -30.52 -5.89
N SER C 212 -60.81 -30.66 -6.75
CA SER C 212 -62.12 -30.06 -6.47
C SER C 212 -62.75 -30.67 -5.22
N PHE C 213 -62.81 -32.00 -5.18
CA PHE C 213 -63.40 -32.68 -4.03
C PHE C 213 -62.65 -32.35 -2.75
N LYS C 214 -61.33 -32.48 -2.79
CA LYS C 214 -60.51 -32.19 -1.62
C LYS C 214 -60.79 -30.79 -1.06
N LEU C 215 -60.82 -29.79 -1.93
CA LEU C 215 -61.09 -28.42 -1.49
C LEU C 215 -62.48 -28.36 -0.86
N ALA C 216 -63.45 -29.03 -1.50
CA ALA C 216 -64.82 -29.07 -1.00
C ALA C 216 -64.80 -29.59 0.43
N ILE C 217 -64.08 -30.69 0.65
CA ILE C 217 -63.96 -31.29 1.97
C ILE C 217 -63.30 -30.29 2.93
N ASP C 218 -62.06 -29.91 2.59
CA ASP C 218 -61.29 -28.97 3.40
C ASP C 218 -62.10 -27.75 3.82
N LYS C 219 -62.92 -27.21 2.92
CA LYS C 219 -63.71 -26.04 3.24
C LYS C 219 -65.14 -26.34 3.68
N LYS C 220 -65.51 -27.61 3.63
CA LYS C 220 -66.85 -28.05 4.01
C LYS C 220 -67.92 -27.28 3.25
N LEU C 221 -67.86 -27.34 1.93
CA LEU C 221 -68.81 -26.66 1.05
C LEU C 221 -69.30 -27.61 -0.03
N ASN C 222 -70.52 -27.37 -0.51
CA ASN C 222 -71.07 -28.21 -1.57
C ASN C 222 -70.34 -27.94 -2.87
N LEU C 223 -70.12 -28.99 -3.64
CA LEU C 223 -69.41 -28.90 -4.91
C LEU C 223 -70.34 -29.09 -6.10
N PHE C 224 -70.28 -28.17 -7.06
CA PHE C 224 -71.10 -28.23 -8.26
C PHE C 224 -70.22 -28.24 -9.51
N LEU C 225 -70.30 -29.30 -10.30
CA LEU C 225 -69.54 -29.37 -11.55
C LEU C 225 -70.55 -28.98 -12.63
N SER C 226 -70.25 -27.95 -13.40
CA SER C 226 -71.15 -27.50 -14.46
C SER C 226 -70.57 -27.80 -15.84
N THR C 227 -71.42 -28.32 -16.71
CA THR C 227 -70.99 -28.67 -18.06
C THR C 227 -72.12 -28.43 -19.05
N LYS C 228 -71.83 -28.66 -20.32
CA LYS C 228 -72.82 -28.49 -21.37
C LYS C 228 -72.94 -29.87 -22.04
N ASN C 229 -73.06 -30.91 -21.22
CA ASN C 229 -73.14 -32.27 -21.71
C ASN C 229 -74.37 -32.59 -22.56
N THR C 230 -75.31 -31.66 -22.61
CA THR C 230 -76.50 -31.82 -23.43
C THR C 230 -76.11 -31.62 -24.89
N ILE C 231 -75.13 -30.75 -25.12
CA ILE C 231 -74.66 -30.43 -26.45
C ILE C 231 -73.38 -31.19 -26.82
N LEU C 232 -72.46 -31.30 -25.87
CA LEU C 232 -71.22 -32.04 -26.09
C LEU C 232 -71.27 -33.30 -25.23
N LYS C 233 -72.09 -34.24 -25.67
CA LYS C 233 -72.31 -35.50 -24.96
C LYS C 233 -71.06 -36.31 -24.64
N LYS C 234 -70.10 -36.33 -25.55
CA LYS C 234 -68.88 -37.11 -25.31
C LYS C 234 -67.79 -36.33 -24.59
N TYR C 235 -67.51 -35.13 -25.05
CA TYR C 235 -66.47 -34.28 -24.47
C TYR C 235 -66.83 -33.91 -23.02
N ASP C 236 -67.95 -33.21 -22.85
CA ASP C 236 -68.39 -32.80 -21.52
C ASP C 236 -68.89 -33.97 -20.68
N GLY C 237 -69.35 -35.03 -21.35
CA GLY C 237 -69.83 -36.18 -20.63
C GLY C 237 -68.66 -36.86 -19.93
N ARG C 238 -67.46 -36.68 -20.49
CA ARG C 238 -66.26 -37.25 -19.91
C ARG C 238 -65.98 -36.64 -18.54
N PHE C 239 -66.13 -35.32 -18.45
CA PHE C 239 -65.93 -34.61 -17.19
C PHE C 239 -66.92 -35.11 -16.15
N LYS C 240 -68.19 -35.15 -16.55
CA LYS C 240 -69.26 -35.61 -15.68
C LYS C 240 -68.99 -37.01 -15.14
N ASP C 241 -68.64 -37.93 -16.03
CA ASP C 241 -68.37 -39.30 -15.64
C ASP C 241 -67.15 -39.44 -14.74
N ILE C 242 -66.03 -38.88 -15.15
CA ILE C 242 -64.81 -38.96 -14.35
C ILE C 242 -65.08 -38.42 -12.96
N PHE C 243 -65.76 -37.28 -12.89
CA PHE C 243 -66.06 -36.68 -11.59
C PHE C 243 -66.89 -37.62 -10.73
N GLN C 244 -67.87 -38.29 -11.34
CA GLN C 244 -68.72 -39.22 -10.62
C GLN C 244 -67.93 -40.44 -10.13
N GLU C 245 -67.12 -41.02 -11.01
CA GLU C 245 -66.30 -42.17 -10.65
C GLU C 245 -65.40 -41.86 -9.47
N VAL C 246 -64.71 -40.73 -9.55
CA VAL C 246 -63.83 -40.29 -8.48
C VAL C 246 -64.62 -40.12 -7.18
N TYR C 247 -65.77 -39.47 -7.30
CA TYR C 247 -66.65 -39.24 -6.15
C TYR C 247 -66.94 -40.55 -5.43
N GLU C 248 -67.49 -41.51 -6.15
CA GLU C 248 -67.82 -42.82 -5.57
C GLU C 248 -66.56 -43.52 -5.09
N ALA C 249 -65.52 -43.46 -5.90
CA ALA C 249 -64.25 -44.09 -5.59
C ALA C 249 -63.60 -43.70 -4.28
N GLN C 250 -63.76 -42.43 -3.86
CA GLN C 250 -63.12 -42.03 -2.60
C GLN C 250 -63.47 -40.68 -1.99
N TYR C 251 -64.71 -40.21 -2.14
CA TYR C 251 -65.11 -38.94 -1.55
C TYR C 251 -66.56 -38.91 -1.09
N LYS C 252 -67.39 -39.72 -1.76
CA LYS C 252 -68.81 -39.80 -1.43
C LYS C 252 -69.03 -39.95 0.08
N SER C 253 -68.35 -40.93 0.68
CA SER C 253 -68.46 -41.19 2.11
C SER C 253 -68.16 -39.94 2.93
N LYS C 254 -67.00 -39.35 2.70
CA LYS C 254 -66.57 -38.16 3.42
C LYS C 254 -67.58 -37.01 3.32
N PHE C 255 -68.06 -36.75 2.11
CA PHE C 255 -69.03 -35.68 1.90
C PHE C 255 -70.24 -35.90 2.81
N GLU C 256 -70.79 -37.11 2.76
CA GLU C 256 -71.95 -37.45 3.56
C GLU C 256 -71.58 -37.39 5.04
N GLN C 257 -70.32 -37.68 5.33
CA GLN C 257 -69.82 -37.66 6.70
C GLN C 257 -69.77 -36.22 7.19
N LEU C 258 -69.51 -35.28 6.27
CA LEU C 258 -69.42 -33.86 6.60
C LEU C 258 -70.72 -33.10 6.37
N GLY C 259 -71.69 -33.74 5.72
CA GLY C 259 -72.95 -33.09 5.46
C GLY C 259 -72.93 -32.14 4.28
N ILE C 260 -72.13 -32.47 3.27
CA ILE C 260 -72.03 -31.66 2.07
C ILE C 260 -72.34 -32.53 0.85
N HIS C 261 -72.75 -31.92 -0.24
CA HIS C 261 -73.10 -32.69 -1.43
C HIS C 261 -72.36 -32.28 -2.69
N TYR C 262 -72.19 -33.25 -3.58
CA TYR C 262 -71.57 -32.99 -4.87
C TYR C 262 -72.72 -33.14 -5.86
N GLU C 263 -72.61 -32.49 -7.01
CA GLU C 263 -73.67 -32.57 -8.00
C GLU C 263 -73.30 -31.96 -9.34
N HIS C 264 -73.60 -32.68 -10.41
CA HIS C 264 -73.35 -32.18 -11.76
C HIS C 264 -74.54 -31.34 -12.16
N ARG C 265 -74.27 -30.19 -12.78
CA ARG C 265 -75.34 -29.29 -13.20
C ARG C 265 -75.11 -28.77 -14.60
N LEU C 266 -76.20 -28.53 -15.31
CA LEU C 266 -76.10 -27.98 -16.65
C LEU C 266 -75.59 -26.55 -16.43
N ILE C 267 -74.53 -26.16 -17.12
CA ILE C 267 -73.95 -24.83 -16.96
C ILE C 267 -74.97 -23.69 -16.92
N ASP C 268 -75.98 -23.76 -17.78
CA ASP C 268 -77.01 -22.72 -17.82
C ASP C 268 -77.78 -22.61 -16.51
N ASP C 269 -78.16 -23.75 -15.96
CA ASP C 269 -78.90 -23.75 -14.71
C ASP C 269 -78.03 -23.24 -13.58
N MET C 270 -76.78 -23.71 -13.55
CA MET C 270 -75.85 -23.31 -12.51
C MET C 270 -75.65 -21.80 -12.41
N VAL C 271 -75.33 -21.15 -13.53
CA VAL C 271 -75.10 -19.71 -13.51
C VAL C 271 -76.34 -18.93 -13.09
N ALA C 272 -77.51 -19.45 -13.42
CA ALA C 272 -78.75 -18.77 -13.03
C ALA C 272 -78.92 -19.01 -11.53
N GLN C 273 -78.68 -20.26 -11.11
CA GLN C 273 -78.80 -20.61 -9.71
C GLN C 273 -77.82 -19.75 -8.93
N MET C 274 -76.58 -19.71 -9.41
CA MET C 274 -75.52 -18.92 -8.80
C MET C 274 -75.98 -17.49 -8.55
N ILE C 275 -76.41 -16.82 -9.62
CA ILE C 275 -76.87 -15.44 -9.54
C ILE C 275 -78.03 -15.25 -8.57
N LYS C 276 -78.82 -16.30 -8.36
CA LYS C 276 -79.97 -16.21 -7.46
C LYS C 276 -79.67 -16.64 -6.02
N SER C 277 -78.53 -17.28 -5.81
CA SER C 277 -78.16 -17.79 -4.48
C SER C 277 -77.64 -16.74 -3.49
N LYS C 278 -77.15 -17.24 -2.36
CA LYS C 278 -76.59 -16.42 -1.28
C LYS C 278 -75.10 -16.73 -1.21
N GLY C 279 -74.63 -17.58 -2.12
CA GLY C 279 -73.23 -17.96 -2.15
C GLY C 279 -72.98 -19.13 -1.21
N GLY C 280 -71.71 -19.40 -0.92
CA GLY C 280 -71.40 -20.48 -0.01
C GLY C 280 -71.25 -21.86 -0.63
N PHE C 281 -70.51 -21.96 -1.73
CA PHE C 281 -70.28 -23.23 -2.39
C PHE C 281 -69.16 -23.13 -3.40
N ILE C 282 -68.72 -24.28 -3.91
CA ILE C 282 -67.66 -24.29 -4.90
C ILE C 282 -68.23 -24.71 -6.24
N MET C 283 -67.79 -24.04 -7.29
CA MET C 283 -68.23 -24.35 -8.64
C MET C 283 -67.04 -24.80 -9.47
N ALA C 284 -67.00 -26.09 -9.79
CA ALA C 284 -65.93 -26.61 -10.62
C ALA C 284 -66.40 -26.34 -12.04
N LEU C 285 -65.55 -25.66 -12.80
CA LEU C 285 -65.88 -25.28 -14.18
C LEU C 285 -64.74 -25.62 -15.12
N LYS C 286 -65.08 -25.92 -16.37
CA LYS C 286 -64.08 -26.21 -17.37
C LYS C 286 -63.27 -24.95 -17.60
N ASN C 287 -62.08 -25.10 -18.15
CA ASN C 287 -61.18 -23.97 -18.39
C ASN C 287 -61.86 -22.67 -18.80
N TYR C 288 -62.52 -22.68 -19.95
CA TYR C 288 -63.19 -21.49 -20.47
C TYR C 288 -64.27 -20.87 -19.58
N ASP C 289 -65.17 -21.70 -19.07
CA ASP C 289 -66.23 -21.22 -18.19
C ASP C 289 -65.65 -20.66 -16.90
N GLY C 290 -64.60 -21.33 -16.41
CA GLY C 290 -63.97 -20.87 -15.18
C GLY C 290 -63.43 -19.47 -15.39
N ASP C 291 -62.83 -19.25 -16.55
CA ASP C 291 -62.26 -17.96 -16.90
C ASP C 291 -63.34 -16.88 -16.89
N VAL C 292 -64.43 -17.14 -17.59
CA VAL C 292 -65.53 -16.18 -17.66
C VAL C 292 -66.27 -15.98 -16.33
N GLN C 293 -66.72 -17.07 -15.71
CA GLN C 293 -67.47 -16.94 -14.46
C GLN C 293 -66.67 -16.33 -13.32
N SER C 294 -65.35 -16.54 -13.29
CA SER C 294 -64.52 -15.97 -12.24
C SER C 294 -64.67 -14.47 -12.19
N ASP C 295 -64.65 -13.82 -13.35
CA ASP C 295 -64.78 -12.38 -13.39
C ASP C 295 -66.16 -11.89 -12.96
N ILE C 296 -67.19 -12.66 -13.27
CA ILE C 296 -68.54 -12.27 -12.87
C ILE C 296 -68.63 -12.30 -11.34
N VAL C 297 -68.24 -13.42 -10.76
CA VAL C 297 -68.28 -13.57 -9.31
C VAL C 297 -67.41 -12.52 -8.62
N ALA C 298 -66.22 -12.27 -9.17
CA ALA C 298 -65.31 -11.29 -8.59
C ALA C 298 -65.97 -9.93 -8.59
N GLN C 299 -66.62 -9.60 -9.69
CA GLN C 299 -67.29 -8.31 -9.82
C GLN C 299 -68.57 -8.29 -9.00
N GLY C 300 -69.20 -9.46 -8.87
CA GLY C 300 -70.43 -9.55 -8.10
C GLY C 300 -70.20 -9.19 -6.64
N PHE C 301 -69.12 -9.69 -6.07
CA PHE C 301 -68.80 -9.41 -4.67
C PHE C 301 -68.33 -7.99 -4.43
N GLY C 302 -68.02 -7.26 -5.49
CA GLY C 302 -67.57 -5.88 -5.31
C GLY C 302 -66.53 -5.38 -6.29
N SER C 303 -65.46 -6.14 -6.48
CA SER C 303 -64.39 -5.73 -7.39
C SER C 303 -63.45 -6.83 -7.86
N LEU C 304 -63.12 -6.81 -9.14
CA LEU C 304 -62.21 -7.78 -9.72
C LEU C 304 -60.90 -7.65 -8.97
N GLY C 305 -60.60 -6.42 -8.55
CA GLY C 305 -59.39 -6.14 -7.81
C GLY C 305 -59.35 -6.82 -6.45
N LEU C 306 -60.43 -7.50 -6.10
CA LEU C 306 -60.47 -8.21 -4.84
C LEU C 306 -60.84 -9.66 -5.11
N MET C 307 -59.84 -10.44 -5.52
CA MET C 307 -60.03 -11.84 -5.83
C MET C 307 -58.67 -12.53 -5.78
N THR C 308 -58.60 -13.69 -5.13
CA THR C 308 -57.34 -14.42 -5.08
C THR C 308 -57.39 -15.48 -6.17
N SER C 309 -56.23 -15.97 -6.56
CA SER C 309 -56.12 -16.96 -7.61
C SER C 309 -54.93 -17.86 -7.31
N ILE C 310 -55.17 -19.16 -7.19
CA ILE C 310 -54.08 -20.07 -6.91
C ILE C 310 -54.17 -21.38 -7.68
N LEU C 311 -53.12 -21.68 -8.42
CA LEU C 311 -53.03 -22.89 -9.22
C LEU C 311 -52.51 -24.01 -8.33
N VAL C 312 -53.23 -25.12 -8.32
CA VAL C 312 -52.85 -26.28 -7.51
C VAL C 312 -52.79 -27.53 -8.36
N THR C 313 -51.76 -28.35 -8.14
CA THR C 313 -51.65 -29.61 -8.87
C THR C 313 -52.35 -30.68 -8.04
N PRO C 314 -52.83 -31.76 -8.70
CA PRO C 314 -53.53 -32.83 -7.98
C PRO C 314 -52.70 -33.56 -6.92
N ASP C 315 -51.38 -33.58 -7.08
CA ASP C 315 -50.53 -34.28 -6.11
C ASP C 315 -50.33 -33.52 -4.79
N GLY C 316 -50.81 -32.29 -4.73
CA GLY C 316 -50.67 -31.50 -3.51
C GLY C 316 -49.25 -31.04 -3.23
N LYS C 317 -48.38 -31.06 -4.24
CA LYS C 317 -47.00 -30.65 -4.05
C LYS C 317 -46.61 -29.31 -4.68
N THR C 318 -47.39 -28.84 -5.65
CA THR C 318 -47.09 -27.60 -6.37
C THR C 318 -48.21 -26.56 -6.29
N PHE C 319 -47.81 -25.30 -6.16
CA PHE C 319 -48.76 -24.20 -6.07
C PHE C 319 -48.25 -22.93 -6.74
N GLU C 320 -49.16 -22.15 -7.35
CA GLU C 320 -48.79 -20.89 -7.96
C GLU C 320 -49.81 -19.84 -7.55
N SER C 321 -49.39 -18.93 -6.69
CA SER C 321 -50.26 -17.86 -6.22
C SER C 321 -50.07 -16.67 -7.12
N GLU C 322 -51.14 -16.21 -7.76
CA GLU C 322 -51.02 -15.10 -8.69
C GLU C 322 -51.91 -13.90 -8.40
N ALA C 323 -51.42 -12.72 -8.79
CA ALA C 323 -52.17 -11.50 -8.64
C ALA C 323 -52.94 -11.40 -9.96
N ALA C 324 -54.25 -11.53 -9.89
CA ALA C 324 -55.08 -11.49 -11.10
C ALA C 324 -55.38 -10.08 -11.60
N HIS C 325 -55.49 -9.14 -10.67
CA HIS C 325 -55.78 -7.76 -11.04
C HIS C 325 -54.77 -7.22 -12.06
N GLY C 326 -55.10 -7.37 -13.34
CA GLY C 326 -54.22 -6.90 -14.39
C GLY C 326 -53.75 -5.48 -14.12
N THR C 327 -52.60 -5.10 -14.70
CA THR C 327 -52.04 -3.77 -14.50
C THR C 327 -52.71 -2.71 -15.37
N VAL C 328 -52.96 -1.55 -14.77
CA VAL C 328 -53.59 -0.44 -15.49
C VAL C 328 -52.53 0.56 -15.92
N THR C 329 -52.38 0.72 -17.23
CA THR C 329 -51.41 1.64 -17.80
C THR C 329 -51.64 3.09 -17.40
N ARG C 330 -52.89 3.43 -17.08
CA ARG C 330 -53.21 4.79 -16.67
C ARG C 330 -52.33 5.22 -15.50
N HIS C 331 -52.34 4.42 -14.45
CA HIS C 331 -51.56 4.70 -13.26
C HIS C 331 -50.06 4.63 -13.51
N TYR C 332 -49.64 3.67 -14.34
CA TYR C 332 -48.23 3.52 -14.65
C TYR C 332 -47.73 4.74 -15.39
N ARG C 333 -48.51 5.17 -16.38
CA ARG C 333 -48.16 6.34 -17.19
C ARG C 333 -48.00 7.56 -16.29
N LYS C 334 -48.87 7.69 -15.28
CA LYS C 334 -48.80 8.80 -14.36
C LYS C 334 -47.61 8.67 -13.42
N TYR C 335 -47.29 7.43 -13.05
CA TYR C 335 -46.17 7.16 -12.18
C TYR C 335 -44.90 7.62 -12.89
N GLN C 336 -44.83 7.32 -14.17
CA GLN C 336 -43.68 7.70 -15.00
C GLN C 336 -43.50 9.21 -15.03
N LYS C 337 -44.61 9.94 -15.11
CA LYS C 337 -44.59 11.39 -15.16
C LYS C 337 -44.36 12.02 -13.79
N GLY C 338 -44.38 11.20 -12.75
CA GLY C 338 -44.17 11.72 -11.41
C GLY C 338 -45.44 12.20 -10.74
N GLU C 339 -46.59 11.83 -11.30
CA GLU C 339 -47.88 12.20 -10.73
C GLU C 339 -48.26 11.15 -9.70
N GLU C 340 -48.83 11.59 -8.59
CA GLU C 340 -49.21 10.65 -7.54
C GLU C 340 -50.33 9.73 -8.02
N THR C 341 -50.29 8.48 -7.55
CA THR C 341 -51.28 7.48 -7.93
C THR C 341 -51.99 6.89 -6.71
N SER C 342 -53.11 6.24 -6.97
CA SER C 342 -53.88 5.60 -5.91
C SER C 342 -54.37 4.26 -6.43
N THR C 343 -53.41 3.37 -6.71
CA THR C 343 -53.70 2.04 -7.22
C THR C 343 -53.79 1.07 -6.06
N ASN C 344 -54.79 0.20 -6.08
CA ASN C 344 -54.97 -0.78 -5.03
C ASN C 344 -53.88 -1.84 -5.12
N SER C 345 -53.47 -2.37 -3.97
CA SER C 345 -52.43 -3.39 -3.93
C SER C 345 -52.83 -4.60 -3.11
N ILE C 346 -54.11 -4.67 -2.74
CA ILE C 346 -54.59 -5.78 -1.92
C ILE C 346 -54.45 -7.13 -2.62
N ALA C 347 -54.77 -7.18 -3.90
CA ALA C 347 -54.67 -8.44 -4.64
C ALA C 347 -53.23 -8.95 -4.66
N SER C 348 -52.27 -8.04 -4.85
CA SER C 348 -50.87 -8.43 -4.87
C SER C 348 -50.42 -8.91 -3.50
N ILE C 349 -50.80 -8.17 -2.46
CA ILE C 349 -50.44 -8.56 -1.09
C ILE C 349 -50.94 -9.98 -0.82
N PHE C 350 -52.18 -10.26 -1.20
CA PHE C 350 -52.74 -11.59 -0.97
C PHE C 350 -52.06 -12.66 -1.81
N ALA C 351 -51.53 -12.28 -2.97
CA ALA C 351 -50.83 -13.25 -3.80
C ALA C 351 -49.62 -13.72 -2.99
N TRP C 352 -48.92 -12.80 -2.33
CA TRP C 352 -47.77 -13.16 -1.51
C TRP C 352 -48.17 -13.98 -0.30
N SER C 353 -49.11 -13.45 0.47
CA SER C 353 -49.55 -14.14 1.67
C SER C 353 -50.02 -15.57 1.38
N ARG C 354 -50.84 -15.74 0.36
CA ARG C 354 -51.32 -17.08 0.02
C ARG C 354 -50.22 -18.02 -0.41
N GLY C 355 -49.24 -17.51 -1.15
CA GLY C 355 -48.14 -18.36 -1.58
C GLY C 355 -47.28 -18.73 -0.38
N LEU C 356 -47.03 -17.75 0.47
CA LEU C 356 -46.22 -17.97 1.67
C LEU C 356 -46.94 -18.97 2.58
N LEU C 357 -48.26 -18.88 2.64
CA LEU C 357 -49.05 -19.79 3.46
C LEU C 357 -48.78 -21.22 2.97
N LYS C 358 -48.79 -21.42 1.66
CA LYS C 358 -48.54 -22.75 1.09
C LYS C 358 -47.10 -23.21 1.38
N ARG C 359 -46.15 -22.29 1.25
CA ARG C 359 -44.75 -22.62 1.50
C ARG C 359 -44.62 -23.09 2.95
N GLY C 360 -45.27 -22.36 3.85
CA GLY C 360 -45.23 -22.71 5.27
C GLY C 360 -45.79 -24.09 5.55
N GLU C 361 -46.90 -24.42 4.90
CA GLU C 361 -47.54 -25.72 5.11
C GLU C 361 -46.68 -26.88 4.60
N LEU C 362 -46.14 -26.76 3.39
CA LEU C 362 -45.30 -27.82 2.84
C LEU C 362 -44.04 -28.04 3.68
N ASP C 363 -43.51 -26.95 4.24
CA ASP C 363 -42.30 -27.02 5.06
C ASP C 363 -42.58 -27.26 6.54
N ASN C 364 -43.84 -27.11 6.93
CA ASN C 364 -44.24 -27.27 8.32
C ASN C 364 -43.52 -26.21 9.16
N THR C 365 -43.74 -24.96 8.80
CA THR C 365 -43.14 -23.82 9.50
C THR C 365 -44.28 -22.93 9.93
N PRO C 366 -44.88 -23.23 11.09
CA PRO C 366 -46.00 -22.48 11.68
C PRO C 366 -45.78 -20.99 11.77
N ALA C 367 -44.54 -20.57 12.03
CA ALA C 367 -44.24 -19.15 12.13
C ALA C 367 -44.50 -18.44 10.79
N LEU C 368 -44.22 -19.12 9.69
CA LEU C 368 -44.43 -18.54 8.35
C LEU C 368 -45.93 -18.41 8.08
N CYS C 369 -46.66 -19.48 8.37
CA CYS C 369 -48.12 -19.50 8.19
C CYS C 369 -48.76 -18.41 9.04
N LYS C 370 -48.29 -18.26 10.26
CA LYS C 370 -48.84 -17.23 11.14
C LYS C 370 -48.56 -15.86 10.54
N PHE C 371 -47.36 -15.70 10.00
CA PHE C 371 -46.99 -14.43 9.39
C PHE C 371 -47.91 -14.09 8.22
N ALA C 372 -48.15 -15.07 7.34
CA ALA C 372 -49.00 -14.85 6.19
C ALA C 372 -50.39 -14.38 6.62
N ASN C 373 -50.91 -14.99 7.69
CA ASN C 373 -52.22 -14.63 8.19
C ASN C 373 -52.28 -13.22 8.72
N ILE C 374 -51.23 -12.80 9.43
CA ILE C 374 -51.23 -11.43 9.97
C ILE C 374 -51.08 -10.43 8.83
N LEU C 375 -50.36 -10.83 7.79
CA LEU C 375 -50.17 -9.96 6.62
C LEU C 375 -51.56 -9.65 6.07
N GLU C 376 -52.36 -10.68 5.85
CA GLU C 376 -53.71 -10.50 5.33
C GLU C 376 -54.56 -9.70 6.32
N SER C 377 -54.46 -10.06 7.60
CA SER C 377 -55.20 -9.38 8.66
C SER C 377 -54.86 -7.88 8.74
N ALA C 378 -53.56 -7.56 8.75
CA ALA C 378 -53.14 -6.18 8.83
C ALA C 378 -53.64 -5.35 7.65
N THR C 379 -53.66 -5.96 6.47
CA THR C 379 -54.11 -5.26 5.28
C THR C 379 -55.59 -4.90 5.37
N LEU C 380 -56.42 -5.88 5.71
CA LEU C 380 -57.86 -5.64 5.85
C LEU C 380 -58.18 -4.68 6.99
N ASN C 381 -57.45 -4.82 8.09
CA ASN C 381 -57.67 -3.95 9.25
C ASN C 381 -57.34 -2.51 8.85
N THR C 382 -56.32 -2.35 8.02
CA THR C 382 -55.91 -1.02 7.57
C THR C 382 -57.04 -0.33 6.82
N VAL C 383 -57.77 -1.11 6.02
CA VAL C 383 -58.88 -0.59 5.23
C VAL C 383 -60.13 -0.34 6.07
N GLN C 384 -60.53 -1.35 6.84
CA GLN C 384 -61.73 -1.26 7.66
C GLN C 384 -61.56 -0.57 9.01
N GLN C 385 -60.74 -1.17 9.88
CA GLN C 385 -60.51 -0.62 11.21
C GLN C 385 -59.90 0.78 11.24
N ASP C 386 -58.98 1.07 10.32
CA ASP C 386 -58.34 2.38 10.29
C ASP C 386 -58.88 3.31 9.21
N GLY C 387 -59.62 2.76 8.25
CA GLY C 387 -60.19 3.58 7.18
C GLY C 387 -59.22 4.07 6.13
N ILE C 388 -57.98 3.61 6.19
CA ILE C 388 -56.96 4.00 5.23
C ILE C 388 -57.09 3.14 3.97
N MET C 389 -57.39 3.79 2.85
CA MET C 389 -57.56 3.07 1.59
C MET C 389 -57.22 3.89 0.36
N THR C 390 -57.27 3.26 -0.80
CA THR C 390 -56.96 3.93 -2.05
C THR C 390 -58.25 4.39 -2.74
N LYS C 391 -58.09 5.16 -3.81
CA LYS C 391 -59.24 5.68 -4.56
C LYS C 391 -60.32 4.66 -4.85
N ASP C 392 -59.97 3.62 -5.61
CA ASP C 392 -60.92 2.58 -5.98
C ASP C 392 -61.82 2.13 -4.82
N LEU C 393 -61.24 1.91 -3.65
CA LEU C 393 -62.03 1.49 -2.50
C LEU C 393 -62.96 2.59 -2.01
N ALA C 394 -62.38 3.75 -1.72
CA ALA C 394 -63.16 4.89 -1.25
C ALA C 394 -64.28 5.17 -2.24
N LEU C 395 -63.92 5.25 -3.51
CA LEU C 395 -64.89 5.52 -4.57
C LEU C 395 -65.92 4.40 -4.66
N ALA C 396 -65.58 3.24 -4.12
CA ALA C 396 -66.48 2.09 -4.13
C ALA C 396 -67.41 2.14 -2.92
N CYS C 397 -66.96 2.83 -1.87
CA CYS C 397 -67.76 2.97 -0.65
C CYS C 397 -68.61 4.23 -0.71
N GLY C 398 -68.95 4.65 -1.91
CA GLY C 398 -69.78 5.83 -2.08
C GLY C 398 -69.08 7.14 -1.78
N ASN C 399 -67.76 7.09 -1.66
CA ASN C 399 -66.97 8.29 -1.37
C ASN C 399 -66.23 8.74 -2.62
N ASN C 400 -66.60 9.91 -3.14
CA ASN C 400 -65.97 10.46 -4.32
C ASN C 400 -64.91 11.49 -3.97
N GLU C 401 -65.05 12.08 -2.79
CA GLU C 401 -64.09 13.07 -2.31
C GLU C 401 -62.68 12.51 -2.36
N ARG C 402 -61.68 13.38 -2.50
CA ARG C 402 -60.29 12.95 -2.57
C ARG C 402 -59.78 12.61 -1.17
N SER C 403 -60.15 13.42 -0.19
CA SER C 403 -59.72 13.21 1.20
C SER C 403 -60.21 11.88 1.74
N ALA C 404 -60.93 11.13 0.92
CA ALA C 404 -61.46 9.83 1.33
C ALA C 404 -60.50 8.70 1.02
N TYR C 405 -59.40 9.01 0.34
CA TYR C 405 -58.41 8.00 -0.01
C TYR C 405 -56.98 8.52 0.05
N VAL C 406 -56.02 7.61 0.04
CA VAL C 406 -54.61 7.99 0.09
C VAL C 406 -53.84 7.47 -1.12
N THR C 407 -52.55 7.77 -1.15
CA THR C 407 -51.67 7.36 -2.24
C THR C 407 -51.35 5.88 -2.21
N THR C 408 -51.00 5.34 -3.37
CA THR C 408 -50.66 3.93 -3.49
C THR C 408 -49.58 3.57 -2.46
N GLU C 409 -48.57 4.42 -2.36
CA GLU C 409 -47.47 4.21 -1.43
C GLU C 409 -47.91 4.46 0.00
N GLU C 410 -48.83 5.41 0.19
CA GLU C 410 -49.33 5.72 1.52
C GLU C 410 -50.10 4.55 2.09
N PHE C 411 -50.89 3.88 1.25
CA PHE C 411 -51.65 2.71 1.72
C PHE C 411 -50.67 1.63 2.18
N LEU C 412 -49.68 1.35 1.35
CA LEU C 412 -48.67 0.34 1.67
C LEU C 412 -47.93 0.69 2.97
N ASP C 413 -47.59 1.96 3.15
CA ASP C 413 -46.90 2.37 4.37
C ASP C 413 -47.81 2.16 5.60
N ALA C 414 -49.11 2.35 5.41
CA ALA C 414 -50.07 2.17 6.49
C ALA C 414 -50.13 0.70 6.88
N VAL C 415 -50.22 -0.17 5.88
CA VAL C 415 -50.27 -1.60 6.12
C VAL C 415 -48.98 -2.04 6.80
N GLU C 416 -47.84 -1.51 6.35
CA GLU C 416 -46.56 -1.84 6.95
C GLU C 416 -46.63 -1.48 8.43
N LYS C 417 -47.06 -0.26 8.70
CA LYS C 417 -47.19 0.24 10.06
C LYS C 417 -48.06 -0.67 10.91
N ARG C 418 -49.13 -1.20 10.33
CA ARG C 418 -50.02 -2.07 11.07
C ARG C 418 -49.48 -3.49 11.17
N LEU C 419 -48.69 -3.89 10.18
CA LEU C 419 -48.11 -5.24 10.19
C LEU C 419 -47.20 -5.34 11.41
N GLN C 420 -46.39 -4.31 11.62
CA GLN C 420 -45.47 -4.30 12.73
C GLN C 420 -46.25 -4.24 14.05
N LYS C 421 -47.32 -3.47 14.06
CA LYS C 421 -48.16 -3.34 15.24
C LYS C 421 -48.78 -4.68 15.60
N GLU C 422 -49.42 -5.34 14.64
CA GLU C 422 -50.04 -6.63 14.89
C GLU C 422 -49.06 -7.76 15.11
N ILE C 423 -47.82 -7.60 14.64
CA ILE C 423 -46.81 -8.63 14.84
C ILE C 423 -46.26 -8.53 16.27
N LYS C 424 -46.43 -7.37 16.88
CA LYS C 424 -45.97 -7.16 18.25
C LYS C 424 -46.86 -7.95 19.18
N SER C 425 -48.14 -7.58 19.22
CA SER C 425 -49.11 -8.26 20.08
C SER C 425 -49.38 -9.68 19.59
N PHE D 16 -116.71 -6.80 -30.61
CA PHE D 16 -115.38 -6.29 -31.03
C PHE D 16 -115.09 -6.59 -32.50
N SER D 17 -114.59 -5.60 -33.22
CA SER D 17 -114.24 -5.75 -34.62
C SER D 17 -112.85 -6.37 -34.71
N LYS D 18 -112.79 -7.66 -35.03
CA LYS D 18 -111.52 -8.37 -35.13
C LYS D 18 -110.54 -7.73 -36.09
N ILE D 19 -109.26 -7.70 -35.69
CA ILE D 19 -108.22 -7.14 -36.53
C ILE D 19 -107.80 -8.20 -37.54
N LYS D 20 -107.71 -7.80 -38.80
CA LYS D 20 -107.36 -8.73 -39.86
C LYS D 20 -105.84 -8.83 -40.05
N VAL D 21 -105.30 -10.03 -39.84
CA VAL D 21 -103.86 -10.22 -40.03
C VAL D 21 -103.66 -10.58 -41.50
N LYS D 22 -102.98 -9.68 -42.21
CA LYS D 22 -102.73 -9.83 -43.64
C LYS D 22 -102.11 -11.15 -44.07
N GLN D 23 -100.97 -11.50 -43.50
CA GLN D 23 -100.27 -12.74 -43.84
C GLN D 23 -100.39 -13.81 -42.76
N PRO D 24 -100.33 -15.10 -43.15
CA PRO D 24 -100.43 -16.15 -42.14
C PRO D 24 -99.26 -16.17 -41.17
N VAL D 25 -99.51 -16.69 -39.97
CA VAL D 25 -98.48 -16.78 -38.94
C VAL D 25 -98.25 -18.25 -38.66
N VAL D 26 -96.99 -18.68 -38.70
CA VAL D 26 -96.69 -20.07 -38.44
C VAL D 26 -96.64 -20.31 -36.95
N GLU D 27 -97.34 -21.33 -36.50
CA GLU D 27 -97.41 -21.67 -35.09
C GLU D 27 -96.75 -23.03 -34.85
N LEU D 28 -95.86 -23.07 -33.87
CA LEU D 28 -95.18 -24.31 -33.51
C LEU D 28 -95.62 -24.66 -32.09
N ASP D 29 -96.48 -25.67 -31.97
CA ASP D 29 -97.00 -26.08 -30.67
C ASP D 29 -95.97 -26.91 -29.92
N GLY D 30 -95.91 -26.74 -28.60
CA GLY D 30 -94.94 -27.45 -27.79
C GLY D 30 -95.43 -28.57 -26.91
N ASP D 31 -94.75 -28.75 -25.78
CA ASP D 31 -95.04 -29.83 -24.84
C ASP D 31 -95.60 -29.46 -23.46
N GLU D 32 -96.10 -30.50 -22.80
CA GLU D 32 -96.67 -30.45 -21.45
C GLU D 32 -97.31 -29.16 -20.98
N MET D 33 -96.98 -28.73 -19.77
CA MET D 33 -97.57 -27.52 -19.22
C MET D 33 -97.59 -26.32 -20.15
N THR D 34 -96.45 -26.02 -20.77
CA THR D 34 -96.42 -24.89 -21.68
C THR D 34 -97.42 -25.06 -22.82
N ARG D 35 -97.61 -26.28 -23.30
CA ARG D 35 -98.58 -26.53 -24.37
C ARG D 35 -99.98 -26.19 -23.90
N ILE D 36 -100.26 -26.48 -22.62
CA ILE D 36 -101.55 -26.20 -22.03
C ILE D 36 -101.78 -24.70 -21.98
N ILE D 37 -100.81 -23.99 -21.41
CA ILE D 37 -100.86 -22.53 -21.30
C ILE D 37 -100.95 -21.89 -22.67
N TRP D 38 -100.22 -22.47 -23.61
CA TRP D 38 -100.19 -21.99 -24.98
C TRP D 38 -101.59 -22.02 -25.59
N ASP D 39 -102.32 -23.11 -25.33
CA ASP D 39 -103.67 -23.27 -25.85
C ASP D 39 -104.63 -22.26 -25.27
N LYS D 40 -104.52 -21.99 -23.98
CA LYS D 40 -105.41 -21.02 -23.34
C LYS D 40 -105.13 -19.61 -23.87
N ILE D 41 -103.84 -19.28 -23.99
CA ILE D 41 -103.47 -17.97 -24.50
C ILE D 41 -104.07 -17.79 -25.89
N LYS D 42 -103.93 -18.83 -26.71
CA LYS D 42 -104.44 -18.81 -28.07
C LYS D 42 -105.94 -18.56 -28.11
N LYS D 43 -106.67 -19.33 -27.32
CA LYS D 43 -108.13 -19.22 -27.28
C LYS D 43 -108.70 -18.05 -26.50
N LYS D 44 -108.00 -17.59 -25.48
CA LYS D 44 -108.51 -16.49 -24.68
C LYS D 44 -107.93 -15.11 -25.00
N LEU D 45 -106.66 -15.05 -25.38
CA LEU D 45 -106.02 -13.76 -25.65
C LEU D 45 -105.75 -13.38 -27.09
N ILE D 46 -105.69 -14.37 -27.99
CA ILE D 46 -105.40 -14.06 -29.39
C ILE D 46 -106.57 -14.21 -30.37
N LEU D 47 -107.06 -15.44 -30.56
CA LEU D 47 -108.14 -15.67 -31.50
C LEU D 47 -109.36 -14.76 -31.33
N PRO D 48 -109.81 -14.54 -30.09
CA PRO D 48 -110.96 -13.66 -29.87
C PRO D 48 -110.83 -12.27 -30.47
N TYR D 49 -109.59 -11.79 -30.63
CA TYR D 49 -109.38 -10.45 -31.16
C TYR D 49 -108.75 -10.35 -32.55
N LEU D 50 -108.19 -11.43 -33.04
CA LEU D 50 -107.55 -11.38 -34.36
C LEU D 50 -108.06 -12.44 -35.33
N ASP D 51 -108.21 -12.04 -36.59
CA ASP D 51 -108.61 -12.97 -37.64
C ASP D 51 -107.27 -13.37 -38.27
N VAL D 52 -106.64 -14.36 -37.67
CA VAL D 52 -105.33 -14.83 -38.13
C VAL D 52 -105.34 -16.22 -38.72
N ASP D 53 -104.65 -16.39 -39.83
CA ASP D 53 -104.53 -17.70 -40.47
C ASP D 53 -103.26 -18.31 -39.87
N LEU D 54 -103.46 -19.27 -38.97
CA LEU D 54 -102.33 -19.93 -38.31
C LEU D 54 -101.92 -21.23 -38.98
N LYS D 55 -100.70 -21.26 -39.51
CA LYS D 55 -100.17 -22.45 -40.14
C LYS D 55 -99.61 -23.25 -38.98
N TYR D 56 -100.39 -24.22 -38.55
CA TYR D 56 -100.07 -25.05 -37.39
C TYR D 56 -99.12 -26.23 -37.62
N TYR D 57 -98.10 -26.31 -36.79
CA TYR D 57 -97.12 -27.40 -36.83
C TYR D 57 -96.94 -27.87 -35.39
N ASP D 58 -97.35 -29.10 -35.13
CA ASP D 58 -97.28 -29.69 -33.79
C ASP D 58 -95.89 -30.25 -33.49
N LEU D 59 -95.14 -29.56 -32.62
CA LEU D 59 -93.81 -30.03 -32.27
C LEU D 59 -93.78 -30.69 -30.90
N SER D 60 -94.85 -31.39 -30.56
CA SER D 60 -94.88 -32.09 -29.28
C SER D 60 -93.90 -33.24 -29.45
N VAL D 61 -93.47 -33.83 -28.34
CA VAL D 61 -92.54 -34.95 -28.41
C VAL D 61 -93.12 -36.06 -29.28
N GLU D 62 -94.33 -36.49 -28.96
CA GLU D 62 -94.95 -37.56 -29.73
C GLU D 62 -95.06 -37.23 -31.21
N SER D 63 -95.49 -36.00 -31.53
CA SER D 63 -95.59 -35.62 -32.92
C SER D 63 -94.25 -35.75 -33.60
N ARG D 64 -93.23 -35.09 -33.04
CA ARG D 64 -91.89 -35.16 -33.60
C ARG D 64 -91.48 -36.62 -33.75
N ASP D 65 -91.72 -37.40 -32.71
CA ASP D 65 -91.36 -38.81 -32.74
C ASP D 65 -92.04 -39.55 -33.89
N ALA D 66 -93.34 -39.36 -34.03
CA ALA D 66 -94.12 -40.03 -35.08
C ALA D 66 -93.68 -39.64 -36.49
N THR D 67 -93.17 -38.42 -36.66
CA THR D 67 -92.73 -37.95 -37.97
C THR D 67 -91.21 -38.03 -38.15
N SER D 68 -90.54 -38.67 -37.20
CA SER D 68 -89.09 -38.80 -37.27
C SER D 68 -88.45 -37.41 -37.32
N ASP D 69 -89.03 -36.49 -36.57
CA ASP D 69 -88.55 -35.11 -36.49
C ASP D 69 -88.74 -34.31 -37.77
N LYS D 70 -89.35 -34.92 -38.77
CA LYS D 70 -89.59 -34.26 -40.05
C LYS D 70 -90.52 -33.05 -39.88
N ILE D 71 -91.38 -33.10 -38.87
CA ILE D 71 -92.31 -32.02 -38.60
C ILE D 71 -91.57 -30.75 -38.18
N THR D 72 -90.43 -30.92 -37.51
CA THR D 72 -89.63 -29.79 -37.04
C THR D 72 -89.03 -29.08 -38.25
N GLN D 73 -88.56 -29.88 -39.19
CA GLN D 73 -87.97 -29.36 -40.40
C GLN D 73 -89.01 -28.63 -41.25
N ASP D 74 -90.20 -29.22 -41.36
CA ASP D 74 -91.27 -28.60 -42.15
C ASP D 74 -91.63 -27.26 -41.53
N ALA D 75 -91.74 -27.23 -40.21
CA ALA D 75 -92.08 -26.00 -39.51
C ALA D 75 -91.05 -24.92 -39.84
N ALA D 76 -89.78 -25.28 -39.81
CA ALA D 76 -88.70 -24.34 -40.09
C ALA D 76 -88.83 -23.74 -41.47
N GLU D 77 -89.10 -24.59 -42.47
CA GLU D 77 -89.27 -24.12 -43.83
C GLU D 77 -90.52 -23.25 -43.94
N ALA D 78 -91.53 -23.55 -43.14
CA ALA D 78 -92.77 -22.77 -43.17
C ALA D 78 -92.49 -21.35 -42.67
N ILE D 79 -91.66 -21.25 -41.63
CA ILE D 79 -91.31 -19.94 -41.10
C ILE D 79 -90.60 -19.15 -42.18
N LYS D 80 -89.69 -19.82 -42.89
CA LYS D 80 -88.94 -19.20 -43.97
C LYS D 80 -89.87 -18.74 -45.09
N LYS D 81 -90.88 -19.56 -45.37
CA LYS D 81 -91.85 -19.26 -46.42
C LYS D 81 -92.73 -18.06 -46.08
N TYR D 82 -93.35 -18.08 -44.90
CA TYR D 82 -94.26 -17.02 -44.51
C TYR D 82 -93.64 -15.81 -43.81
N GLY D 83 -92.46 -15.99 -43.21
CA GLY D 83 -91.80 -14.88 -42.55
C GLY D 83 -91.82 -14.80 -41.03
N VAL D 84 -92.94 -15.14 -40.40
CA VAL D 84 -93.02 -15.07 -38.94
C VAL D 84 -93.49 -16.36 -38.28
N GLY D 85 -92.70 -16.84 -37.32
CA GLY D 85 -93.06 -18.03 -36.60
C GLY D 85 -93.18 -17.71 -35.11
N ILE D 86 -94.09 -18.39 -34.43
CA ILE D 86 -94.28 -18.20 -33.00
C ILE D 86 -94.23 -19.60 -32.41
N LYS D 87 -93.24 -19.85 -31.54
CA LYS D 87 -93.04 -21.18 -30.96
C LYS D 87 -93.27 -21.36 -29.46
N CYS D 88 -93.83 -22.53 -29.12
CA CYS D 88 -94.11 -22.92 -27.75
C CYS D 88 -92.91 -23.74 -27.24
N ALA D 89 -92.65 -23.66 -25.95
CA ALA D 89 -91.54 -24.41 -25.37
C ALA D 89 -91.70 -25.89 -25.65
N THR D 90 -90.62 -26.53 -26.08
CA THR D 90 -90.63 -27.94 -26.40
C THR D 90 -89.70 -28.72 -25.49
N ILE D 91 -89.75 -30.04 -25.59
CA ILE D 91 -88.90 -30.89 -24.77
C ILE D 91 -87.89 -31.61 -25.67
N THR D 92 -86.63 -31.57 -25.27
CA THR D 92 -85.58 -32.23 -26.02
C THR D 92 -85.40 -33.60 -25.38
N PRO D 93 -85.58 -34.67 -26.16
CA PRO D 93 -85.43 -36.03 -25.67
C PRO D 93 -84.05 -36.42 -25.16
N ASP D 94 -84.05 -37.03 -23.99
CA ASP D 94 -82.83 -37.49 -23.32
C ASP D 94 -83.08 -38.97 -23.03
N GLU D 95 -82.01 -39.74 -22.84
CA GLU D 95 -82.14 -41.16 -22.55
C GLU D 95 -83.29 -41.46 -21.59
N ALA D 96 -83.58 -40.53 -20.68
CA ALA D 96 -84.65 -40.72 -19.71
C ALA D 96 -86.02 -40.79 -20.39
N ARG D 97 -86.30 -39.84 -21.28
CA ARG D 97 -87.57 -39.82 -21.98
C ARG D 97 -87.58 -40.78 -23.18
N VAL D 98 -86.45 -40.90 -23.86
CA VAL D 98 -86.35 -41.78 -25.01
C VAL D 98 -86.81 -43.19 -24.63
N LYS D 99 -86.93 -43.44 -23.34
CA LYS D 99 -87.36 -44.75 -22.85
C LYS D 99 -88.66 -44.63 -22.05
N GLU D 100 -88.89 -43.46 -21.48
CA GLU D 100 -90.10 -43.22 -20.68
C GLU D 100 -91.30 -43.12 -21.61
N PHE D 101 -91.10 -42.55 -22.79
CA PHE D 101 -92.17 -42.39 -23.78
C PHE D 101 -91.94 -43.30 -24.98
N ASN D 102 -90.95 -44.18 -24.88
CA ASN D 102 -90.62 -45.11 -25.95
C ASN D 102 -90.36 -44.43 -27.28
N LEU D 103 -89.50 -43.42 -27.26
CA LEU D 103 -89.15 -42.68 -28.47
C LEU D 103 -88.30 -43.57 -29.36
N HIS D 104 -88.21 -43.21 -30.64
CA HIS D 104 -87.43 -44.01 -31.59
C HIS D 104 -86.00 -43.50 -31.75
N LYS D 105 -85.60 -42.54 -30.92
CA LYS D 105 -84.25 -41.99 -31.02
C LYS D 105 -84.03 -40.78 -30.11
N MET D 106 -82.77 -40.38 -29.97
CA MET D 106 -82.40 -39.22 -29.16
C MET D 106 -82.60 -38.00 -30.05
N TRP D 107 -83.86 -37.66 -30.33
CA TRP D 107 -84.18 -36.53 -31.19
C TRP D 107 -83.47 -35.24 -30.80
N LYS D 108 -82.92 -34.56 -31.81
CA LYS D 108 -82.20 -33.32 -31.60
C LYS D 108 -83.13 -32.17 -31.21
N SER D 109 -82.60 -31.24 -30.42
CA SER D 109 -83.36 -30.08 -29.99
C SER D 109 -84.01 -29.38 -31.19
N PRO D 110 -85.31 -29.11 -31.11
CA PRO D 110 -85.98 -28.45 -32.23
C PRO D 110 -85.49 -27.01 -32.41
N ASN D 111 -85.14 -26.35 -31.31
CA ASN D 111 -84.65 -24.98 -31.37
C ASN D 111 -83.31 -24.97 -32.09
N GLY D 112 -82.50 -25.98 -31.83
CA GLY D 112 -81.21 -26.09 -32.46
C GLY D 112 -81.40 -26.34 -33.96
N THR D 113 -82.36 -27.19 -34.28
CA THR D 113 -82.62 -27.52 -35.68
C THR D 113 -83.13 -26.29 -36.42
N ILE D 114 -84.09 -25.60 -35.82
CA ILE D 114 -84.67 -24.41 -36.42
C ILE D 114 -83.66 -23.30 -36.62
N ARG D 115 -82.85 -23.05 -35.59
CA ARG D 115 -81.82 -22.02 -35.68
C ARG D 115 -80.80 -22.37 -36.76
N ASN D 116 -80.44 -23.64 -36.84
CA ASN D 116 -79.46 -24.06 -37.85
C ASN D 116 -80.00 -23.88 -39.27
N ILE D 117 -81.30 -24.13 -39.44
CA ILE D 117 -81.94 -24.01 -40.74
C ILE D 117 -82.14 -22.55 -41.17
N LEU D 118 -82.66 -21.74 -40.26
CA LEU D 118 -82.92 -20.34 -40.58
C LEU D 118 -81.67 -19.47 -40.48
N GLY D 119 -80.80 -19.80 -39.53
CA GLY D 119 -79.58 -19.03 -39.34
C GLY D 119 -79.94 -17.71 -38.69
N GLY D 120 -78.98 -16.82 -38.53
CA GLY D 120 -79.26 -15.53 -37.95
C GLY D 120 -78.75 -15.24 -36.55
N THR D 121 -79.53 -14.48 -35.80
CA THR D 121 -79.17 -14.10 -34.43
C THR D 121 -80.39 -14.23 -33.51
N VAL D 122 -80.16 -14.66 -32.27
CA VAL D 122 -81.25 -14.75 -31.32
C VAL D 122 -81.11 -13.60 -30.34
N PHE D 123 -82.09 -12.71 -30.33
CA PHE D 123 -82.07 -11.57 -29.41
C PHE D 123 -82.86 -11.92 -28.16
N ARG D 124 -82.19 -11.81 -27.03
CA ARG D 124 -82.78 -12.12 -25.73
C ARG D 124 -82.83 -10.82 -24.94
N GLU D 125 -83.98 -10.54 -24.35
CA GLU D 125 -84.16 -9.33 -23.58
C GLU D 125 -85.10 -9.63 -22.42
N PRO D 126 -84.85 -8.99 -21.25
CA PRO D 126 -85.70 -9.23 -20.09
C PRO D 126 -87.07 -8.56 -20.17
N ILE D 127 -88.07 -9.19 -19.58
CA ILE D 127 -89.41 -8.62 -19.54
C ILE D 127 -89.42 -7.93 -18.18
N VAL D 128 -89.38 -6.61 -18.18
CA VAL D 128 -89.30 -5.83 -16.95
C VAL D 128 -90.60 -5.46 -16.24
N ILE D 129 -90.73 -5.95 -15.02
CA ILE D 129 -91.87 -5.67 -14.15
C ILE D 129 -91.26 -4.95 -12.94
N PRO D 130 -91.45 -3.63 -12.84
CA PRO D 130 -90.92 -2.80 -11.75
C PRO D 130 -91.04 -3.42 -10.35
N ARG D 131 -92.22 -3.95 -10.04
CA ARG D 131 -92.47 -4.58 -8.75
C ARG D 131 -91.48 -5.69 -8.43
N ILE D 132 -91.14 -6.51 -9.41
CA ILE D 132 -90.21 -7.61 -9.19
C ILE D 132 -88.83 -7.08 -8.85
N PRO D 133 -88.19 -7.66 -7.81
CA PRO D 133 -86.86 -7.26 -7.37
C PRO D 133 -85.77 -7.80 -8.29
N ARG D 134 -84.83 -6.95 -8.67
CA ARG D 134 -83.74 -7.40 -9.52
C ARG D 134 -82.59 -7.85 -8.63
N LEU D 135 -82.01 -9.00 -8.94
CA LEU D 135 -80.91 -9.55 -8.17
C LEU D 135 -79.64 -8.71 -8.32
N VAL D 136 -79.60 -7.90 -9.37
CA VAL D 136 -78.49 -7.00 -9.64
C VAL D 136 -79.14 -5.62 -9.69
N PRO D 137 -79.39 -5.03 -8.51
CA PRO D 137 -80.02 -3.73 -8.26
C PRO D 137 -79.74 -2.61 -9.27
N ARG D 138 -78.47 -2.43 -9.62
CA ARG D 138 -78.10 -1.37 -10.55
C ARG D 138 -78.66 -1.51 -11.97
N TRP D 139 -79.04 -2.72 -12.38
CA TRP D 139 -79.56 -2.91 -13.72
C TRP D 139 -80.94 -2.25 -13.85
N GLU D 140 -80.93 -0.99 -14.31
CA GLU D 140 -82.13 -0.18 -14.48
C GLU D 140 -82.58 -0.14 -15.92
N LYS D 141 -81.63 -0.28 -16.84
CA LYS D 141 -81.93 -0.25 -18.28
C LYS D 141 -81.72 -1.65 -18.83
N PRO D 142 -82.60 -2.07 -19.75
CA PRO D 142 -82.52 -3.38 -20.37
C PRO D 142 -81.19 -3.73 -21.01
N ILE D 143 -80.77 -4.98 -20.83
CA ILE D 143 -79.55 -5.48 -21.44
C ILE D 143 -80.02 -6.51 -22.46
N ILE D 144 -79.62 -6.31 -23.72
CA ILE D 144 -80.02 -7.22 -24.79
C ILE D 144 -78.87 -8.08 -25.24
N ILE D 145 -79.09 -9.40 -25.23
CA ILE D 145 -78.07 -10.32 -25.69
C ILE D 145 -78.34 -10.71 -27.14
N GLY D 146 -77.36 -10.49 -27.99
CA GLY D 146 -77.48 -10.85 -29.39
C GLY D 146 -76.64 -12.10 -29.54
N ARG D 147 -77.29 -13.25 -29.48
CA ARG D 147 -76.61 -14.53 -29.57
C ARG D 147 -76.55 -15.08 -31.00
N HIS D 148 -75.34 -15.37 -31.48
CA HIS D 148 -75.18 -15.93 -32.82
C HIS D 148 -75.90 -17.29 -32.79
N ALA D 149 -76.95 -17.43 -33.58
CA ALA D 149 -77.74 -18.67 -33.57
C ALA D 149 -77.13 -19.86 -34.30
N HIS D 150 -76.00 -19.67 -34.97
CA HIS D 150 -75.42 -20.76 -35.73
C HIS D 150 -74.00 -21.23 -35.45
N GLY D 151 -73.79 -22.53 -35.66
CA GLY D 151 -72.48 -23.14 -35.50
C GLY D 151 -71.85 -23.36 -34.14
N ASP D 152 -70.52 -23.32 -34.15
CA ASP D 152 -69.72 -23.51 -32.96
C ASP D 152 -70.10 -24.85 -32.31
N GLN D 153 -70.19 -24.87 -30.98
CA GLN D 153 -70.49 -26.10 -30.24
C GLN D 153 -71.77 -26.85 -30.57
N TYR D 154 -72.79 -26.14 -31.04
CA TYR D 154 -74.07 -26.77 -31.34
C TYR D 154 -74.10 -27.59 -32.62
N LYS D 155 -73.01 -27.51 -33.40
CA LYS D 155 -72.90 -28.28 -34.64
C LYS D 155 -71.52 -28.97 -34.64
N ALA D 156 -70.90 -29.01 -33.47
CA ALA D 156 -69.58 -29.60 -33.32
C ALA D 156 -69.52 -31.13 -33.36
N THR D 157 -68.32 -31.64 -33.56
CA THR D 157 -68.06 -33.07 -33.57
C THR D 157 -67.15 -33.34 -32.39
N ASP D 158 -67.56 -34.24 -31.50
CA ASP D 158 -66.74 -34.59 -30.35
C ASP D 158 -66.72 -36.10 -30.20
N THR D 159 -65.58 -36.63 -29.76
CA THR D 159 -65.43 -38.06 -29.58
C THR D 159 -64.40 -38.38 -28.51
N LEU D 160 -64.43 -39.61 -28.01
CA LEU D 160 -63.48 -40.05 -27.00
C LEU D 160 -62.24 -40.60 -27.69
N ILE D 161 -61.09 -40.36 -27.09
CA ILE D 161 -59.83 -40.86 -27.62
C ILE D 161 -59.38 -41.97 -26.69
N PRO D 162 -59.32 -43.22 -27.21
CA PRO D 162 -58.93 -44.43 -26.47
C PRO D 162 -57.51 -44.48 -25.89
N GLY D 163 -56.55 -43.90 -26.58
CA GLY D 163 -55.19 -43.92 -26.07
C GLY D 163 -54.22 -43.09 -26.90
N PRO D 164 -52.91 -43.27 -26.71
CA PRO D 164 -51.90 -42.52 -27.45
C PRO D 164 -52.18 -42.50 -28.96
N GLY D 165 -51.71 -41.45 -29.63
CA GLY D 165 -51.92 -41.33 -31.05
C GLY D 165 -51.92 -39.88 -31.46
N SER D 166 -51.96 -39.63 -32.77
CA SER D 166 -51.96 -38.27 -33.28
C SER D 166 -53.37 -37.82 -33.64
N LEU D 167 -53.68 -36.57 -33.33
CA LEU D 167 -54.99 -36.00 -33.61
C LEU D 167 -54.76 -34.83 -34.57
N GLU D 168 -55.32 -34.92 -35.77
CA GLU D 168 -55.14 -33.88 -36.76
C GLU D 168 -56.46 -33.27 -37.24
N LEU D 169 -56.36 -32.06 -37.78
CA LEU D 169 -57.51 -31.33 -38.30
C LEU D 169 -57.21 -31.14 -39.77
N VAL D 170 -57.92 -31.87 -40.63
CA VAL D 170 -57.67 -31.82 -42.07
C VAL D 170 -58.70 -31.12 -42.95
N TYR D 171 -58.21 -30.26 -43.85
CA TYR D 171 -59.06 -29.52 -44.76
C TYR D 171 -58.67 -29.77 -46.23
N LYS D 172 -59.61 -30.32 -46.99
CA LYS D 172 -59.38 -30.61 -48.41
C LYS D 172 -60.27 -29.70 -49.25
N PRO D 173 -59.67 -28.73 -49.96
CA PRO D 173 -60.44 -27.81 -50.79
C PRO D 173 -61.15 -28.48 -51.98
N SER D 174 -62.28 -27.91 -52.39
CA SER D 174 -63.04 -28.45 -53.50
C SER D 174 -62.43 -28.01 -54.83
N ASP D 175 -61.28 -27.35 -54.77
CA ASP D 175 -60.62 -26.89 -55.98
C ASP D 175 -59.18 -26.47 -55.66
N PRO D 176 -58.25 -27.43 -55.70
CA PRO D 176 -56.83 -27.21 -55.42
C PRO D 176 -56.20 -26.05 -56.19
N THR D 177 -56.77 -25.72 -57.35
CA THR D 177 -56.25 -24.64 -58.18
C THR D 177 -56.76 -23.26 -57.77
N THR D 178 -57.44 -23.21 -56.63
CA THR D 178 -57.98 -21.95 -56.11
C THR D 178 -57.65 -21.82 -54.62
N ALA D 179 -57.47 -22.96 -53.96
CA ALA D 179 -57.15 -22.99 -52.54
C ALA D 179 -56.15 -24.12 -52.23
N GLN D 180 -55.48 -24.01 -51.10
CA GLN D 180 -54.49 -25.00 -50.68
C GLN D 180 -55.02 -25.85 -49.52
N PRO D 181 -54.75 -27.16 -49.53
CA PRO D 181 -55.22 -28.04 -48.45
C PRO D 181 -54.53 -27.71 -47.14
N GLN D 182 -55.06 -28.25 -46.04
CA GLN D 182 -54.49 -28.01 -44.72
C GLN D 182 -54.49 -29.25 -43.84
N THR D 183 -53.40 -29.41 -43.09
CA THR D 183 -53.26 -30.53 -42.18
C THR D 183 -52.62 -29.96 -40.92
N LEU D 184 -53.41 -29.86 -39.86
CA LEU D 184 -52.91 -29.31 -38.61
C LEU D 184 -52.81 -30.35 -37.50
N LYS D 185 -51.68 -30.35 -36.80
CA LYS D 185 -51.48 -31.28 -35.70
C LYS D 185 -52.14 -30.69 -34.46
N VAL D 186 -53.29 -31.22 -34.10
CA VAL D 186 -54.00 -30.71 -32.94
C VAL D 186 -53.35 -31.17 -31.65
N TYR D 187 -52.98 -32.45 -31.59
CA TYR D 187 -52.36 -32.98 -30.38
C TYR D 187 -51.81 -34.38 -30.58
N ASP D 188 -50.94 -34.79 -29.66
CA ASP D 188 -50.35 -36.13 -29.68
C ASP D 188 -50.62 -36.74 -28.31
N TYR D 189 -51.78 -37.36 -28.16
CA TYR D 189 -52.15 -37.97 -26.90
C TYR D 189 -51.09 -38.95 -26.37
N LYS D 190 -51.03 -39.05 -25.05
CA LYS D 190 -50.09 -39.93 -24.37
C LYS D 190 -50.94 -40.83 -23.48
N GLY D 191 -52.25 -40.66 -23.57
CA GLY D 191 -53.19 -41.43 -22.79
C GLY D 191 -54.60 -41.18 -23.30
N SER D 192 -55.60 -41.76 -22.63
CA SER D 192 -56.98 -41.58 -23.04
C SER D 192 -57.47 -40.16 -22.81
N GLY D 193 -58.41 -39.72 -23.64
CA GLY D 193 -58.92 -38.37 -23.50
C GLY D 193 -60.14 -38.08 -24.35
N VAL D 194 -60.35 -36.79 -24.63
CA VAL D 194 -61.47 -36.34 -25.44
C VAL D 194 -61.00 -35.37 -26.52
N ALA D 195 -61.84 -35.15 -27.52
CA ALA D 195 -61.50 -34.25 -28.60
C ALA D 195 -62.76 -33.73 -29.27
N MET D 196 -62.65 -32.56 -29.88
CA MET D 196 -63.79 -32.00 -30.58
C MET D 196 -63.32 -30.94 -31.54
N ALA D 197 -64.13 -30.71 -32.56
CA ALA D 197 -63.80 -29.70 -33.56
C ALA D 197 -65.11 -29.03 -33.89
N MET D 198 -65.05 -27.73 -34.22
CA MET D 198 -66.25 -27.01 -34.56
C MET D 198 -65.94 -26.04 -35.67
N TYR D 199 -66.99 -25.45 -36.24
CA TYR D 199 -66.80 -24.54 -37.33
C TYR D 199 -67.83 -23.45 -37.32
N ASN D 200 -67.64 -22.52 -38.23
CA ASN D 200 -68.59 -21.45 -38.44
C ASN D 200 -68.29 -20.86 -39.80
N THR D 201 -69.27 -20.15 -40.33
CA THR D 201 -69.17 -19.57 -41.66
C THR D 201 -69.05 -18.07 -41.66
N ASP D 202 -68.26 -17.53 -42.60
CA ASP D 202 -68.07 -16.09 -42.72
C ASP D 202 -69.41 -15.45 -43.07
N GLU D 203 -70.19 -16.13 -43.90
CA GLU D 203 -71.48 -15.63 -44.31
C GLU D 203 -72.39 -15.54 -43.08
N SER D 204 -72.36 -16.57 -42.24
CA SER D 204 -73.18 -16.59 -41.04
C SER D 204 -72.72 -15.54 -40.04
N ILE D 205 -71.41 -15.39 -39.89
CA ILE D 205 -70.88 -14.40 -38.98
C ILE D 205 -71.24 -13.00 -39.44
N GLU D 206 -71.14 -12.77 -40.74
CA GLU D 206 -71.45 -11.46 -41.31
C GLU D 206 -72.92 -11.12 -41.08
N GLY D 207 -73.79 -12.12 -41.15
CA GLY D 207 -75.22 -11.88 -40.92
C GLY D 207 -75.45 -11.56 -39.45
N PHE D 208 -74.66 -12.20 -38.59
CA PHE D 208 -74.71 -12.01 -37.15
C PHE D 208 -74.39 -10.53 -36.90
N ALA D 209 -73.38 -10.01 -37.60
CA ALA D 209 -72.97 -8.62 -37.46
C ALA D 209 -74.03 -7.63 -37.95
N HIS D 210 -74.52 -7.86 -39.16
CA HIS D 210 -75.55 -6.97 -39.72
C HIS D 210 -76.75 -6.84 -38.79
N SER D 211 -77.25 -7.97 -38.29
CA SER D 211 -78.39 -7.91 -37.39
C SER D 211 -78.08 -7.19 -36.09
N SER D 212 -76.86 -7.36 -35.58
CA SER D 212 -76.44 -6.70 -34.36
C SER D 212 -76.36 -5.19 -34.55
N PHE D 213 -75.72 -4.77 -35.64
CA PHE D 213 -75.59 -3.35 -35.93
C PHE D 213 -76.93 -2.68 -36.18
N LYS D 214 -77.82 -3.37 -36.89
CA LYS D 214 -79.15 -2.83 -37.19
C LYS D 214 -79.94 -2.60 -35.90
N LEU D 215 -79.91 -3.58 -35.00
CA LEU D 215 -80.63 -3.52 -33.74
C LEU D 215 -80.11 -2.38 -32.88
N ALA D 216 -78.78 -2.23 -32.83
CA ALA D 216 -78.17 -1.17 -32.04
C ALA D 216 -78.69 0.17 -32.54
N ILE D 217 -78.71 0.33 -33.86
CA ILE D 217 -79.19 1.55 -34.48
C ILE D 217 -80.68 1.78 -34.22
N ASP D 218 -81.48 0.74 -34.41
CA ASP D 218 -82.92 0.84 -34.20
C ASP D 218 -83.26 1.20 -32.75
N LYS D 219 -82.59 0.55 -31.81
CA LYS D 219 -82.84 0.81 -30.40
C LYS D 219 -81.95 1.92 -29.85
N LYS D 220 -81.05 2.42 -30.68
CA LYS D 220 -80.13 3.48 -30.30
C LYS D 220 -79.37 3.12 -29.04
N LEU D 221 -78.73 1.96 -29.07
CA LEU D 221 -77.96 1.48 -27.93
C LEU D 221 -76.53 1.19 -28.35
N ASN D 222 -75.60 1.26 -27.40
CA ASN D 222 -74.21 0.94 -27.69
C ASN D 222 -74.18 -0.55 -27.92
N LEU D 223 -73.26 -0.99 -28.78
CA LEU D 223 -73.15 -2.40 -29.10
C LEU D 223 -71.76 -2.92 -28.73
N PHE D 224 -71.69 -4.08 -28.09
CA PHE D 224 -70.41 -4.67 -27.73
C PHE D 224 -70.32 -6.10 -28.22
N LEU D 225 -69.23 -6.44 -28.90
CA LEU D 225 -69.01 -7.79 -29.38
C LEU D 225 -67.95 -8.33 -28.42
N SER D 226 -68.14 -9.54 -27.90
CA SER D 226 -67.16 -10.13 -26.99
C SER D 226 -66.66 -11.47 -27.52
N THR D 227 -65.35 -11.67 -27.51
CA THR D 227 -64.74 -12.92 -27.95
C THR D 227 -63.51 -13.14 -27.10
N LYS D 228 -62.80 -14.24 -27.37
CA LYS D 228 -61.57 -14.51 -26.64
C LYS D 228 -60.48 -14.62 -27.71
N ASN D 229 -60.46 -13.63 -28.60
CA ASN D 229 -59.50 -13.60 -29.71
C ASN D 229 -58.04 -13.54 -29.27
N THR D 230 -57.79 -13.36 -27.98
CA THR D 230 -56.42 -13.34 -27.49
C THR D 230 -55.93 -14.78 -27.47
N ILE D 231 -56.87 -15.71 -27.29
CA ILE D 231 -56.55 -17.14 -27.24
C ILE D 231 -56.87 -17.86 -28.57
N LEU D 232 -57.96 -17.45 -29.21
CA LEU D 232 -58.37 -18.03 -30.49
C LEU D 232 -58.23 -16.93 -31.50
N LYS D 233 -56.98 -16.61 -31.82
CA LYS D 233 -56.65 -15.53 -32.74
C LYS D 233 -57.26 -15.62 -34.13
N LYS D 234 -57.45 -16.84 -34.64
CA LYS D 234 -58.04 -16.98 -35.96
C LYS D 234 -59.56 -17.11 -35.89
N TYR D 235 -60.03 -18.16 -35.24
CA TYR D 235 -61.46 -18.42 -35.10
C TYR D 235 -62.22 -17.21 -34.51
N ASP D 236 -61.82 -16.76 -33.33
CA ASP D 236 -62.49 -15.62 -32.70
C ASP D 236 -62.08 -14.30 -33.35
N GLY D 237 -60.85 -14.23 -33.83
CA GLY D 237 -60.39 -13.02 -34.49
C GLY D 237 -61.26 -12.76 -35.72
N ARG D 238 -61.78 -13.83 -36.31
CA ARG D 238 -62.63 -13.72 -37.49
C ARG D 238 -63.91 -12.94 -37.16
N PHE D 239 -64.47 -13.18 -35.97
CA PHE D 239 -65.68 -12.47 -35.56
C PHE D 239 -65.38 -10.98 -35.41
N LYS D 240 -64.30 -10.69 -34.70
CA LYS D 240 -63.89 -9.31 -34.48
C LYS D 240 -63.61 -8.60 -35.81
N ASP D 241 -62.90 -9.27 -36.70
CA ASP D 241 -62.58 -8.65 -37.99
C ASP D 241 -63.81 -8.45 -38.86
N ILE D 242 -64.64 -9.47 -39.01
CA ILE D 242 -65.85 -9.32 -39.82
C ILE D 242 -66.74 -8.21 -39.29
N PHE D 243 -66.93 -8.18 -37.97
CA PHE D 243 -67.76 -7.15 -37.35
C PHE D 243 -67.23 -5.76 -37.66
N GLN D 244 -65.92 -5.57 -37.50
CA GLN D 244 -65.31 -4.28 -37.76
C GLN D 244 -65.45 -3.93 -39.25
N GLU D 245 -65.30 -4.92 -40.12
CA GLU D 245 -65.43 -4.71 -41.56
C GLU D 245 -66.85 -4.30 -41.92
N VAL D 246 -67.84 -4.97 -41.33
CA VAL D 246 -69.23 -4.64 -41.59
C VAL D 246 -69.51 -3.25 -41.04
N TYR D 247 -68.99 -2.98 -39.84
CA TYR D 247 -69.17 -1.69 -39.22
C TYR D 247 -68.70 -0.60 -40.18
N GLU D 248 -67.49 -0.75 -40.70
CA GLU D 248 -66.91 0.22 -41.63
C GLU D 248 -67.58 0.18 -43.00
N ALA D 249 -68.24 -0.94 -43.30
CA ALA D 249 -68.90 -1.09 -44.59
C ALA D 249 -70.25 -0.38 -44.71
N GLN D 250 -71.06 -0.44 -43.66
CA GLN D 250 -72.39 0.16 -43.72
C GLN D 250 -72.94 0.97 -42.55
N TYR D 251 -72.35 0.85 -41.35
CA TYR D 251 -72.94 1.55 -40.22
C TYR D 251 -72.13 2.59 -39.46
N LYS D 252 -70.84 2.69 -39.71
CA LYS D 252 -69.99 3.64 -39.01
C LYS D 252 -70.61 5.03 -38.84
N SER D 253 -70.98 5.67 -39.95
CA SER D 253 -71.55 7.01 -39.90
C SER D 253 -72.90 7.08 -39.18
N LYS D 254 -73.70 6.02 -39.30
CA LYS D 254 -75.01 5.98 -38.64
C LYS D 254 -74.81 6.01 -37.12
N PHE D 255 -73.81 5.28 -36.66
CA PHE D 255 -73.50 5.23 -35.23
C PHE D 255 -73.09 6.61 -34.73
N GLU D 256 -72.24 7.29 -35.50
CA GLU D 256 -71.77 8.61 -35.12
C GLU D 256 -72.91 9.62 -35.09
N GLN D 257 -73.83 9.51 -36.03
CA GLN D 257 -74.96 10.42 -36.09
C GLN D 257 -75.85 10.23 -34.86
N LEU D 258 -76.10 8.97 -34.51
CA LEU D 258 -76.94 8.67 -33.35
C LEU D 258 -76.22 8.87 -32.03
N GLY D 259 -74.89 8.94 -32.07
CA GLY D 259 -74.13 9.14 -30.86
C GLY D 259 -73.91 7.85 -30.07
N ILE D 260 -73.96 6.72 -30.75
CA ILE D 260 -73.75 5.43 -30.12
C ILE D 260 -72.42 4.87 -30.60
N HIS D 261 -71.87 3.91 -29.88
CA HIS D 261 -70.58 3.35 -30.27
C HIS D 261 -70.55 1.85 -30.34
N TYR D 262 -69.65 1.34 -31.17
CA TYR D 262 -69.45 -0.09 -31.32
C TYR D 262 -68.07 -0.37 -30.76
N GLU D 263 -67.91 -1.52 -30.12
CA GLU D 263 -66.62 -1.86 -29.55
C GLU D 263 -66.50 -3.35 -29.30
N HIS D 264 -65.32 -3.90 -29.59
CA HIS D 264 -65.07 -5.30 -29.36
C HIS D 264 -64.34 -5.38 -28.03
N ARG D 265 -64.64 -6.41 -27.26
CA ARG D 265 -63.99 -6.60 -25.96
C ARG D 265 -63.78 -8.08 -25.72
N LEU D 266 -62.88 -8.39 -24.79
CA LEU D 266 -62.63 -9.78 -24.42
C LEU D 266 -63.82 -10.12 -23.53
N ILE D 267 -64.34 -11.33 -23.69
CA ILE D 267 -65.49 -11.78 -22.92
C ILE D 267 -65.32 -11.59 -21.41
N ASP D 268 -64.09 -11.78 -20.91
CA ASP D 268 -63.82 -11.64 -19.48
C ASP D 268 -64.12 -10.23 -19.01
N ASP D 269 -63.61 -9.25 -19.74
CA ASP D 269 -63.81 -7.85 -19.41
C ASP D 269 -65.28 -7.46 -19.57
N MET D 270 -65.89 -7.91 -20.65
CA MET D 270 -67.28 -7.56 -20.91
C MET D 270 -68.21 -8.01 -19.80
N VAL D 271 -68.15 -9.29 -19.42
CA VAL D 271 -69.04 -9.78 -18.37
C VAL D 271 -68.85 -9.06 -17.04
N ALA D 272 -67.62 -8.62 -16.76
CA ALA D 272 -67.35 -7.90 -15.53
C ALA D 272 -67.99 -6.51 -15.61
N GLN D 273 -67.83 -5.84 -16.76
CA GLN D 273 -68.43 -4.51 -16.92
C GLN D 273 -69.95 -4.60 -16.90
N MET D 274 -70.48 -5.68 -17.46
CA MET D 274 -71.92 -5.89 -17.49
C MET D 274 -72.46 -5.95 -16.06
N ILE D 275 -71.85 -6.81 -15.24
CA ILE D 275 -72.27 -6.99 -13.84
C ILE D 275 -72.17 -5.71 -13.01
N LYS D 276 -71.27 -4.81 -13.41
CA LYS D 276 -71.06 -3.57 -12.68
C LYS D 276 -71.80 -2.37 -13.28
N SER D 277 -72.46 -2.57 -14.41
CA SER D 277 -73.16 -1.47 -15.08
C SER D 277 -74.60 -1.28 -14.63
N LYS D 278 -75.27 -0.34 -15.27
CA LYS D 278 -76.67 -0.04 -15.01
C LYS D 278 -77.48 -0.61 -16.19
N GLY D 279 -76.81 -1.41 -17.02
CA GLY D 279 -77.45 -1.99 -18.18
C GLY D 279 -77.62 -0.97 -19.28
N GLY D 280 -78.49 -1.24 -20.25
CA GLY D 280 -78.74 -0.29 -21.32
C GLY D 280 -77.80 -0.36 -22.50
N PHE D 281 -77.56 -1.57 -23.00
CA PHE D 281 -76.70 -1.76 -24.16
C PHE D 281 -76.94 -3.16 -24.70
N ILE D 282 -76.36 -3.43 -25.87
CA ILE D 282 -76.50 -4.73 -26.51
C ILE D 282 -75.16 -5.45 -26.49
N MET D 283 -75.20 -6.75 -26.17
CA MET D 283 -73.99 -7.57 -26.16
C MET D 283 -74.13 -8.66 -27.21
N ALA D 284 -73.33 -8.57 -28.27
CA ALA D 284 -73.34 -9.57 -29.32
C ALA D 284 -72.36 -10.63 -28.81
N LEU D 285 -72.83 -11.87 -28.77
CA LEU D 285 -72.03 -12.98 -28.27
C LEU D 285 -72.09 -14.20 -29.17
N LYS D 286 -71.02 -14.99 -29.15
CA LYS D 286 -70.97 -16.22 -29.94
C LYS D 286 -72.04 -17.15 -29.38
N ASN D 287 -72.43 -18.14 -30.17
CA ASN D 287 -73.47 -19.08 -29.77
C ASN D 287 -73.45 -19.51 -28.31
N TYR D 288 -72.38 -20.18 -27.88
CA TYR D 288 -72.27 -20.66 -26.50
C TYR D 288 -72.38 -19.58 -25.43
N ASP D 289 -71.59 -18.52 -25.56
CA ASP D 289 -71.62 -17.44 -24.57
C ASP D 289 -72.99 -16.78 -24.50
N GLY D 290 -73.62 -16.60 -25.66
CA GLY D 290 -74.93 -15.97 -25.70
C GLY D 290 -75.94 -16.80 -24.94
N ASP D 291 -75.82 -18.11 -25.06
CA ASP D 291 -76.71 -19.04 -24.38
C ASP D 291 -76.56 -18.92 -22.86
N VAL D 292 -75.32 -19.00 -22.39
CA VAL D 292 -75.03 -18.91 -20.97
C VAL D 292 -75.35 -17.55 -20.36
N GLN D 293 -74.83 -16.49 -20.98
CA GLN D 293 -75.04 -15.13 -20.49
C GLN D 293 -76.49 -14.72 -20.48
N SER D 294 -77.27 -15.32 -21.37
CA SER D 294 -78.70 -15.02 -21.46
C SER D 294 -79.37 -15.34 -20.12
N ASP D 295 -79.06 -16.50 -19.57
CA ASP D 295 -79.64 -16.91 -18.29
C ASP D 295 -79.14 -16.02 -17.15
N ILE D 296 -77.88 -15.61 -17.21
CA ILE D 296 -77.34 -14.73 -16.17
C ILE D 296 -78.08 -13.40 -16.20
N VAL D 297 -78.24 -12.82 -17.38
CA VAL D 297 -78.93 -11.55 -17.51
C VAL D 297 -80.41 -11.67 -17.10
N ALA D 298 -81.05 -12.75 -17.51
CA ALA D 298 -82.46 -12.97 -17.19
C ALA D 298 -82.66 -13.09 -15.68
N GLN D 299 -81.85 -13.92 -15.04
CA GLN D 299 -81.95 -14.09 -13.60
C GLN D 299 -81.64 -12.78 -12.89
N GLY D 300 -80.60 -12.09 -13.38
CA GLY D 300 -80.19 -10.82 -12.79
C GLY D 300 -81.30 -9.78 -12.76
N PHE D 301 -82.06 -9.69 -13.85
CA PHE D 301 -83.14 -8.73 -13.92
C PHE D 301 -84.34 -9.09 -13.05
N GLY D 302 -84.40 -10.34 -12.60
CA GLY D 302 -85.51 -10.73 -11.74
C GLY D 302 -85.94 -12.18 -11.81
N SER D 303 -86.07 -12.72 -13.01
CA SER D 303 -86.52 -14.10 -13.18
C SER D 303 -86.23 -14.65 -14.56
N LEU D 304 -85.92 -15.94 -14.62
CA LEU D 304 -85.65 -16.58 -15.91
C LEU D 304 -86.94 -16.59 -16.72
N GLY D 305 -88.06 -16.61 -16.03
CA GLY D 305 -89.35 -16.64 -16.69
C GLY D 305 -89.74 -15.32 -17.33
N LEU D 306 -88.96 -14.27 -17.07
CA LEU D 306 -89.24 -12.97 -17.65
C LEU D 306 -88.19 -12.57 -18.69
N MET D 307 -88.14 -13.33 -19.78
CA MET D 307 -87.17 -13.07 -20.85
C MET D 307 -87.81 -13.41 -22.21
N THR D 308 -87.50 -12.60 -23.23
CA THR D 308 -88.01 -12.86 -24.57
C THR D 308 -86.86 -13.41 -25.41
N SER D 309 -87.21 -14.09 -26.49
CA SER D 309 -86.22 -14.69 -27.37
C SER D 309 -86.74 -14.69 -28.80
N ILE D 310 -86.12 -13.90 -29.67
CA ILE D 310 -86.56 -13.85 -31.05
C ILE D 310 -85.40 -14.05 -32.03
N LEU D 311 -85.53 -15.08 -32.87
CA LEU D 311 -84.51 -15.37 -33.87
C LEU D 311 -84.81 -14.49 -35.06
N VAL D 312 -83.77 -13.85 -35.59
CA VAL D 312 -83.93 -12.96 -36.72
C VAL D 312 -82.87 -13.29 -37.76
N THR D 313 -83.23 -13.13 -39.04
CA THR D 313 -82.30 -13.38 -40.12
C THR D 313 -81.77 -12.02 -40.59
N PRO D 314 -80.55 -11.98 -41.10
CA PRO D 314 -79.93 -10.75 -41.58
C PRO D 314 -80.71 -9.97 -42.65
N ASP D 315 -81.43 -10.68 -43.52
CA ASP D 315 -82.20 -10.02 -44.57
C ASP D 315 -83.32 -9.17 -43.97
N GLY D 316 -83.63 -9.40 -42.69
CA GLY D 316 -84.67 -8.66 -42.02
C GLY D 316 -86.09 -9.03 -42.41
N LYS D 317 -86.29 -10.21 -42.97
CA LYS D 317 -87.64 -10.61 -43.37
C LYS D 317 -88.16 -11.88 -42.71
N THR D 318 -87.33 -12.51 -41.88
CA THR D 318 -87.76 -13.74 -41.20
C THR D 318 -87.54 -13.69 -39.69
N PHE D 319 -88.58 -14.05 -38.96
CA PHE D 319 -88.54 -14.03 -37.51
C PHE D 319 -89.16 -15.27 -36.87
N GLU D 320 -88.59 -15.69 -35.75
CA GLU D 320 -89.13 -16.80 -34.99
C GLU D 320 -89.16 -16.36 -33.54
N SER D 321 -90.36 -16.10 -33.03
CA SER D 321 -90.53 -15.66 -31.66
C SER D 321 -90.86 -16.87 -30.81
N GLU D 322 -89.95 -17.24 -29.92
CA GLU D 322 -90.16 -18.41 -29.08
C GLU D 322 -90.20 -18.09 -27.59
N ALA D 323 -90.85 -18.97 -26.84
CA ALA D 323 -90.93 -18.80 -25.39
C ALA D 323 -89.67 -19.41 -24.81
N ALA D 324 -88.90 -18.61 -24.09
CA ALA D 324 -87.65 -19.08 -23.49
C ALA D 324 -87.93 -19.97 -22.29
N HIS D 325 -88.73 -19.46 -21.36
CA HIS D 325 -89.09 -20.17 -20.14
C HIS D 325 -89.51 -21.61 -20.44
N GLY D 326 -88.56 -22.53 -20.31
CA GLY D 326 -88.84 -23.93 -20.58
C GLY D 326 -89.95 -24.51 -19.74
N THR D 327 -90.56 -25.59 -20.22
CA THR D 327 -91.64 -26.25 -19.50
C THR D 327 -91.10 -27.13 -18.39
N VAL D 328 -91.85 -27.22 -17.30
CA VAL D 328 -91.45 -28.03 -16.16
C VAL D 328 -92.42 -29.20 -16.03
N THR D 329 -91.88 -30.42 -16.12
CA THR D 329 -92.70 -31.62 -16.01
C THR D 329 -93.41 -31.67 -14.67
N ARG D 330 -92.79 -31.08 -13.65
CA ARG D 330 -93.37 -31.05 -12.32
C ARG D 330 -94.82 -30.57 -12.41
N HIS D 331 -95.01 -29.35 -12.90
CA HIS D 331 -96.33 -28.77 -13.04
C HIS D 331 -97.24 -29.64 -13.89
N TYR D 332 -96.69 -30.23 -14.94
CA TYR D 332 -97.48 -31.06 -15.84
C TYR D 332 -98.08 -32.28 -15.15
N ARG D 333 -97.22 -33.11 -14.56
CA ARG D 333 -97.69 -34.31 -13.87
C ARG D 333 -98.71 -33.93 -12.80
N LYS D 334 -98.50 -32.78 -12.18
CA LYS D 334 -99.40 -32.29 -11.15
C LYS D 334 -100.74 -31.96 -11.82
N TYR D 335 -100.65 -31.37 -13.01
CA TYR D 335 -101.83 -31.01 -13.79
C TYR D 335 -102.61 -32.28 -14.16
N GLN D 336 -101.88 -33.28 -14.64
CA GLN D 336 -102.47 -34.55 -15.05
C GLN D 336 -103.20 -35.21 -13.89
N LYS D 337 -102.53 -35.33 -12.75
CA LYS D 337 -103.11 -35.95 -11.56
C LYS D 337 -104.40 -35.28 -11.12
N GLY D 338 -104.50 -33.97 -11.34
CA GLY D 338 -105.72 -33.25 -10.95
C GLY D 338 -105.47 -32.04 -10.07
N GLU D 339 -104.33 -32.02 -9.37
CA GLU D 339 -103.99 -30.91 -8.49
C GLU D 339 -103.84 -29.62 -9.27
N GLU D 340 -103.89 -28.49 -8.57
CA GLU D 340 -103.77 -27.19 -9.22
C GLU D 340 -102.31 -26.79 -9.40
N THR D 341 -102.06 -25.92 -10.38
CA THR D 341 -100.71 -25.45 -10.67
C THR D 341 -100.66 -23.94 -10.74
N SER D 342 -99.45 -23.40 -10.62
CA SER D 342 -99.24 -21.96 -10.69
C SER D 342 -98.02 -21.67 -11.55
N THR D 343 -98.16 -21.94 -12.85
CA THR D 343 -97.07 -21.72 -13.79
C THR D 343 -97.22 -20.35 -14.43
N ASN D 344 -96.10 -19.65 -14.59
CA ASN D 344 -96.11 -18.34 -15.21
C ASN D 344 -96.31 -18.49 -16.72
N SER D 345 -97.15 -17.64 -17.29
CA SER D 345 -97.44 -17.69 -18.71
C SER D 345 -96.95 -16.44 -19.43
N ILE D 346 -96.37 -15.51 -18.68
CA ILE D 346 -95.89 -14.27 -19.25
C ILE D 346 -94.90 -14.45 -20.43
N ALA D 347 -94.01 -15.43 -20.34
CA ALA D 347 -93.04 -15.66 -21.41
C ALA D 347 -93.75 -16.11 -22.68
N SER D 348 -94.72 -17.02 -22.53
CA SER D 348 -95.49 -17.53 -23.66
C SER D 348 -96.34 -16.42 -24.30
N ILE D 349 -96.93 -15.57 -23.46
CA ILE D 349 -97.74 -14.47 -23.95
C ILE D 349 -96.88 -13.52 -24.78
N PHE D 350 -95.68 -13.25 -24.28
CA PHE D 350 -94.78 -12.35 -25.01
C PHE D 350 -94.26 -12.99 -26.28
N ALA D 351 -94.22 -14.32 -26.32
CA ALA D 351 -93.76 -14.98 -27.54
C ALA D 351 -94.76 -14.58 -28.63
N TRP D 352 -96.04 -14.60 -28.29
CA TRP D 352 -97.09 -14.22 -29.24
C TRP D 352 -97.03 -12.72 -29.60
N SER D 353 -96.98 -11.88 -28.57
CA SER D 353 -96.91 -10.43 -28.77
C SER D 353 -95.82 -10.01 -29.74
N ARG D 354 -94.59 -10.45 -29.48
CA ARG D 354 -93.47 -10.07 -30.33
C ARG D 354 -93.60 -10.62 -31.74
N GLY D 355 -94.08 -11.85 -31.85
CA GLY D 355 -94.25 -12.43 -33.17
C GLY D 355 -95.28 -11.63 -33.94
N LEU D 356 -96.39 -11.31 -33.29
CA LEU D 356 -97.44 -10.53 -33.92
C LEU D 356 -96.93 -9.14 -34.27
N LEU D 357 -96.05 -8.60 -33.44
CA LEU D 357 -95.48 -7.27 -33.70
C LEU D 357 -94.71 -7.26 -35.02
N LYS D 358 -93.90 -8.30 -35.24
CA LYS D 358 -93.12 -8.40 -36.47
C LYS D 358 -94.02 -8.59 -37.69
N ARG D 359 -95.02 -9.45 -37.54
CA ARG D 359 -95.99 -9.69 -38.61
C ARG D 359 -96.60 -8.35 -39.01
N GLY D 360 -97.02 -7.59 -38.00
CA GLY D 360 -97.62 -6.29 -38.24
C GLY D 360 -96.66 -5.37 -38.97
N GLU D 361 -95.41 -5.35 -38.55
CA GLU D 361 -94.40 -4.51 -39.19
C GLU D 361 -94.19 -4.92 -40.64
N LEU D 362 -94.06 -6.23 -40.87
CA LEU D 362 -93.87 -6.74 -42.22
C LEU D 362 -95.08 -6.43 -43.10
N ASP D 363 -96.27 -6.49 -42.52
CA ASP D 363 -97.49 -6.24 -43.28
C ASP D 363 -97.97 -4.79 -43.27
N ASN D 364 -97.32 -3.95 -42.48
CA ASN D 364 -97.73 -2.56 -42.38
C ASN D 364 -99.18 -2.51 -41.92
N THR D 365 -99.45 -3.18 -40.80
CA THR D 365 -100.78 -3.22 -40.23
C THR D 365 -100.73 -2.60 -38.84
N PRO D 366 -100.78 -1.26 -38.77
CA PRO D 366 -100.72 -0.55 -37.49
C PRO D 366 -101.64 -1.09 -36.39
N ALA D 367 -102.84 -1.53 -36.76
CA ALA D 367 -103.78 -2.06 -35.79
C ALA D 367 -103.24 -3.30 -35.06
N LEU D 368 -102.51 -4.14 -35.77
CA LEU D 368 -101.96 -5.35 -35.18
C LEU D 368 -100.89 -4.98 -34.14
N CYS D 369 -99.97 -4.11 -34.53
CA CYS D 369 -98.91 -3.69 -33.63
C CYS D 369 -99.51 -3.09 -32.36
N LYS D 370 -100.57 -2.31 -32.53
CA LYS D 370 -101.22 -1.69 -31.39
C LYS D 370 -101.78 -2.77 -30.48
N PHE D 371 -102.31 -3.83 -31.08
CA PHE D 371 -102.86 -4.93 -30.30
C PHE D 371 -101.78 -5.66 -29.52
N ALA D 372 -100.67 -5.94 -30.18
CA ALA D 372 -99.58 -6.66 -29.54
C ALA D 372 -99.08 -5.90 -28.30
N ASN D 373 -98.95 -4.59 -28.44
CA ASN D 373 -98.49 -3.75 -27.34
C ASN D 373 -99.45 -3.72 -26.16
N ILE D 374 -100.75 -3.56 -26.42
CA ILE D 374 -101.69 -3.53 -25.31
C ILE D 374 -101.74 -4.90 -24.63
N LEU D 375 -101.47 -5.95 -25.41
CA LEU D 375 -101.47 -7.32 -24.89
C LEU D 375 -100.36 -7.43 -23.83
N GLU D 376 -99.24 -6.77 -24.09
CA GLU D 376 -98.11 -6.78 -23.17
C GLU D 376 -98.41 -5.89 -21.97
N SER D 377 -99.03 -4.75 -22.22
CA SER D 377 -99.39 -3.81 -21.15
C SER D 377 -100.35 -4.47 -20.17
N ALA D 378 -101.37 -5.13 -20.71
CA ALA D 378 -102.38 -5.79 -19.90
C ALA D 378 -101.77 -6.93 -19.10
N THR D 379 -100.82 -7.63 -19.72
CA THR D 379 -100.15 -8.74 -19.07
C THR D 379 -99.28 -8.25 -17.91
N LEU D 380 -98.49 -7.21 -18.17
CA LEU D 380 -97.59 -6.70 -17.14
C LEU D 380 -98.32 -5.99 -16.00
N ASN D 381 -99.34 -5.19 -16.34
CA ASN D 381 -100.09 -4.48 -15.30
C ASN D 381 -100.84 -5.42 -14.36
N THR D 382 -101.18 -6.62 -14.85
CA THR D 382 -101.88 -7.59 -14.02
C THR D 382 -101.04 -7.94 -12.79
N VAL D 383 -99.72 -7.91 -12.98
CA VAL D 383 -98.78 -8.21 -11.89
C VAL D 383 -98.37 -6.92 -11.20
N GLN D 384 -97.91 -5.96 -12.01
CA GLN D 384 -97.44 -4.67 -11.54
C GLN D 384 -98.50 -3.80 -10.86
N GLN D 385 -99.64 -3.64 -11.53
CA GLN D 385 -100.70 -2.79 -11.01
C GLN D 385 -101.75 -3.51 -10.17
N ASP D 386 -102.15 -4.71 -10.59
CA ASP D 386 -103.17 -5.46 -9.86
C ASP D 386 -102.61 -6.47 -8.85
N GLY D 387 -101.29 -6.61 -8.81
CA GLY D 387 -100.68 -7.53 -7.88
C GLY D 387 -101.06 -8.99 -8.08
N ILE D 388 -101.59 -9.32 -9.24
CA ILE D 388 -101.99 -10.69 -9.54
C ILE D 388 -100.81 -11.36 -10.25
N MET D 389 -100.30 -12.44 -9.67
CA MET D 389 -99.16 -13.13 -10.25
C MET D 389 -99.11 -14.61 -9.85
N THR D 390 -98.23 -15.37 -10.52
CA THR D 390 -98.09 -16.78 -10.22
C THR D 390 -97.05 -17.02 -9.13
N LYS D 391 -96.95 -18.28 -8.69
CA LYS D 391 -96.03 -18.69 -7.64
C LYS D 391 -94.61 -18.13 -7.80
N ASP D 392 -93.97 -18.49 -8.89
CA ASP D 392 -92.60 -18.05 -9.18
C ASP D 392 -92.37 -16.59 -8.79
N LEU D 393 -93.12 -15.68 -9.39
CA LEU D 393 -92.96 -14.26 -9.10
C LEU D 393 -93.32 -13.91 -7.66
N ALA D 394 -94.16 -14.72 -7.03
CA ALA D 394 -94.55 -14.48 -5.64
C ALA D 394 -93.31 -14.66 -4.77
N LEU D 395 -92.61 -15.76 -4.97
CA LEU D 395 -91.41 -16.04 -4.20
C LEU D 395 -90.36 -14.97 -4.47
N ALA D 396 -90.28 -14.53 -5.73
CA ALA D 396 -89.32 -13.51 -6.12
C ALA D 396 -89.53 -12.26 -5.27
N CYS D 397 -90.77 -12.05 -4.85
CA CYS D 397 -91.11 -10.89 -4.01
C CYS D 397 -91.00 -11.30 -2.54
N GLY D 398 -90.41 -12.46 -2.30
CA GLY D 398 -90.23 -12.93 -0.94
C GLY D 398 -91.51 -13.37 -0.25
N ASN D 399 -92.53 -13.72 -1.02
CA ASN D 399 -93.80 -14.15 -0.45
C ASN D 399 -94.02 -15.64 -0.71
N ASN D 400 -93.55 -16.47 0.22
CA ASN D 400 -93.71 -17.92 0.07
C ASN D 400 -95.05 -18.40 0.62
N GLU D 401 -95.96 -17.45 0.82
CA GLU D 401 -97.30 -17.74 1.31
C GLU D 401 -98.19 -18.07 0.12
N ARG D 402 -98.95 -19.16 0.19
CA ARG D 402 -99.82 -19.56 -0.91
C ARG D 402 -100.79 -18.43 -1.26
N SER D 403 -101.38 -17.81 -0.25
CA SER D 403 -102.33 -16.74 -0.44
C SER D 403 -101.76 -15.58 -1.26
N ALA D 404 -100.45 -15.58 -1.46
CA ALA D 404 -99.78 -14.51 -2.19
C ALA D 404 -99.84 -14.62 -3.72
N TYR D 405 -100.21 -15.79 -4.23
CA TYR D 405 -100.28 -15.98 -5.68
C TYR D 405 -101.58 -16.64 -6.14
N VAL D 406 -101.75 -16.72 -7.45
CA VAL D 406 -102.94 -17.33 -8.05
C VAL D 406 -102.54 -18.51 -8.92
N THR D 407 -103.51 -19.25 -9.42
CA THR D 407 -103.25 -20.42 -10.26
C THR D 407 -102.93 -20.05 -11.71
N THR D 408 -102.43 -21.02 -12.46
CA THR D 408 -102.09 -20.80 -13.86
C THR D 408 -103.30 -20.23 -14.60
N GLU D 409 -104.46 -20.84 -14.39
CA GLU D 409 -105.71 -20.42 -15.02
C GLU D 409 -106.17 -19.03 -14.56
N GLU D 410 -106.15 -18.81 -13.26
CA GLU D 410 -106.59 -17.52 -12.72
C GLU D 410 -105.76 -16.36 -13.22
N PHE D 411 -104.45 -16.57 -13.35
CA PHE D 411 -103.61 -15.48 -13.85
C PHE D 411 -104.03 -15.14 -15.27
N LEU D 412 -104.18 -16.16 -16.11
CA LEU D 412 -104.59 -15.94 -17.50
C LEU D 412 -105.97 -15.27 -17.59
N ASP D 413 -106.90 -15.68 -16.73
CA ASP D 413 -108.23 -15.08 -16.75
C ASP D 413 -108.14 -13.59 -16.43
N ALA D 414 -107.24 -13.25 -15.51
CA ALA D 414 -107.04 -11.87 -15.11
C ALA D 414 -106.52 -11.05 -16.28
N VAL D 415 -105.56 -11.61 -17.01
CA VAL D 415 -105.02 -10.91 -18.16
C VAL D 415 -106.14 -10.71 -19.18
N GLU D 416 -106.99 -11.73 -19.32
CA GLU D 416 -108.12 -11.65 -20.25
C GLU D 416 -109.00 -10.46 -19.88
N LYS D 417 -109.34 -10.35 -18.60
CA LYS D 417 -110.17 -9.25 -18.12
C LYS D 417 -109.50 -7.91 -18.43
N ARG D 418 -108.23 -7.79 -18.07
CA ARG D 418 -107.45 -6.57 -18.31
C ARG D 418 -107.46 -6.22 -19.80
N LEU D 419 -107.16 -7.22 -20.62
CA LEU D 419 -107.12 -7.05 -22.07
C LEU D 419 -108.46 -6.58 -22.60
N GLN D 420 -109.52 -7.19 -22.10
CA GLN D 420 -110.88 -6.86 -22.51
C GLN D 420 -111.16 -5.36 -22.44
N LYS D 421 -110.68 -4.71 -21.38
CA LYS D 421 -110.89 -3.28 -21.19
C LYS D 421 -109.89 -2.43 -21.98
N GLU D 422 -108.60 -2.65 -21.76
CA GLU D 422 -107.57 -1.89 -22.44
C GLU D 422 -107.69 -1.96 -23.96
N ILE D 423 -108.19 -3.09 -24.46
CA ILE D 423 -108.35 -3.26 -25.90
C ILE D 423 -109.38 -2.28 -26.44
N LYS D 424 -110.36 -1.93 -25.61
CA LYS D 424 -111.40 -0.99 -26.00
C LYS D 424 -110.79 0.38 -26.27
N SER D 425 -109.55 0.55 -25.84
CA SER D 425 -108.84 1.81 -26.04
C SER D 425 -108.20 1.87 -27.42
N ILE D 426 -108.96 1.48 -28.44
CA ILE D 426 -108.47 1.48 -29.81
C ILE D 426 -109.55 2.03 -30.74
N ALA E 15 111.66 7.84 21.27
CA ALA E 15 112.54 6.77 21.79
C ALA E 15 113.59 7.35 22.74
N PHE E 16 114.60 6.54 23.05
CA PHE E 16 115.68 6.98 23.95
C PHE E 16 116.62 7.95 23.25
N SER E 17 116.50 8.03 21.92
CA SER E 17 117.33 8.93 21.11
C SER E 17 116.57 10.22 20.81
N LYS E 18 115.44 10.40 21.48
CA LYS E 18 114.60 11.58 21.32
C LYS E 18 114.25 11.96 19.88
N ILE E 19 112.98 11.79 19.54
CA ILE E 19 112.51 12.13 18.20
C ILE E 19 112.41 13.64 18.10
N LYS E 20 112.88 14.18 16.98
CA LYS E 20 112.84 15.62 16.76
C LYS E 20 111.52 16.06 16.13
N VAL E 21 110.77 16.88 16.86
CA VAL E 21 109.51 17.39 16.37
C VAL E 21 109.77 18.71 15.65
N LYS E 22 109.60 18.70 14.33
CA LYS E 22 109.85 19.88 13.52
C LYS E 22 109.28 21.18 14.11
N GLN E 23 107.97 21.39 13.95
CA GLN E 23 107.33 22.60 14.44
C GLN E 23 106.87 22.50 15.89
N PRO E 24 106.80 23.64 16.59
CA PRO E 24 106.38 23.64 18.00
C PRO E 24 104.92 23.20 18.19
N VAL E 25 104.62 22.74 19.40
CA VAL E 25 103.29 22.28 19.75
C VAL E 25 102.74 23.19 20.84
N VAL E 26 101.49 23.62 20.69
CA VAL E 26 100.88 24.48 21.70
C VAL E 26 100.24 23.61 22.76
N GLU E 27 100.62 23.86 24.01
CA GLU E 27 100.12 23.08 25.13
C GLU E 27 99.29 23.95 26.08
N LEU E 28 98.04 23.56 26.31
CA LEU E 28 97.17 24.29 27.20
C LEU E 28 97.05 23.45 28.46
N ASP E 29 97.57 23.97 29.58
CA ASP E 29 97.50 23.24 30.83
C ASP E 29 96.13 23.40 31.48
N GLY E 30 95.70 22.37 32.20
CA GLY E 30 94.39 22.41 32.81
C GLY E 30 94.28 22.64 34.31
N ASP E 31 93.24 22.06 34.88
CA ASP E 31 92.96 22.21 36.31
C ASP E 31 93.06 20.95 37.15
N GLU E 32 93.16 21.18 38.46
CA GLU E 32 93.25 20.16 39.49
C GLU E 32 93.86 18.82 39.12
N MET E 33 93.15 17.74 39.44
CA MET E 33 93.61 16.39 39.19
C MET E 33 94.15 16.14 37.77
N THR E 34 93.36 16.45 36.76
CA THR E 34 93.80 16.25 35.38
C THR E 34 95.10 17.00 35.10
N ARG E 35 95.30 18.11 35.80
CA ARG E 35 96.52 18.90 35.62
C ARG E 35 97.69 18.08 36.15
N ILE E 36 97.47 17.35 37.23
CA ILE E 36 98.50 16.53 37.83
C ILE E 36 98.84 15.36 36.92
N ILE E 37 97.81 14.70 36.39
CA ILE E 37 98.02 13.59 35.49
C ILE E 37 98.70 14.10 34.23
N TRP E 38 98.39 15.34 33.88
CA TRP E 38 98.94 16.00 32.71
C TRP E 38 100.45 16.21 32.83
N ASP E 39 100.89 16.68 33.99
CA ASP E 39 102.31 16.92 34.20
C ASP E 39 103.07 15.59 34.16
N LYS E 40 102.56 14.59 34.88
CA LYS E 40 103.18 13.27 34.90
C LYS E 40 103.32 12.67 33.51
N ILE E 41 102.30 12.87 32.67
CA ILE E 41 102.31 12.33 31.31
C ILE E 41 103.38 12.99 30.44
N LYS E 42 103.58 14.28 30.65
CA LYS E 42 104.55 15.04 29.88
C LYS E 42 105.99 14.64 30.22
N LYS E 43 106.27 14.56 31.51
CA LYS E 43 107.61 14.24 31.99
C LYS E 43 107.97 12.76 32.01
N LYS E 44 106.98 11.89 31.87
CA LYS E 44 107.22 10.45 31.89
C LYS E 44 106.93 9.73 30.58
N LEU E 45 106.08 10.29 29.74
CA LEU E 45 105.73 9.64 28.48
C LEU E 45 106.08 10.42 27.23
N ILE E 46 106.15 11.75 27.32
CA ILE E 46 106.46 12.57 26.16
C ILE E 46 107.87 13.12 26.11
N LEU E 47 108.19 14.03 27.03
CA LEU E 47 109.51 14.66 27.06
C LEU E 47 110.68 13.69 26.96
N PRO E 48 110.64 12.59 27.71
CA PRO E 48 111.73 11.61 27.65
C PRO E 48 112.07 11.11 26.25
N TYR E 49 111.05 10.93 25.41
CA TYR E 49 111.26 10.42 24.06
C TYR E 49 111.19 11.46 22.96
N LEU E 50 110.72 12.66 23.26
CA LEU E 50 110.60 13.68 22.24
C LEU E 50 111.29 14.99 22.58
N ASP E 51 111.86 15.62 21.57
CA ASP E 51 112.52 16.91 21.73
C ASP E 51 111.54 17.91 21.13
N VAL E 52 110.52 18.27 21.92
CA VAL E 52 109.47 19.17 21.48
C VAL E 52 109.49 20.53 22.13
N ASP E 53 109.33 21.56 21.29
CA ASP E 53 109.27 22.93 21.77
C ASP E 53 107.79 23.16 22.06
N LEU E 54 107.44 23.17 23.34
CA LEU E 54 106.06 23.36 23.73
C LEU E 54 105.74 24.82 24.06
N LYS E 55 104.73 25.36 23.40
CA LYS E 55 104.29 26.71 23.65
C LYS E 55 103.26 26.53 24.75
N TYR E 56 103.69 26.80 25.97
CA TYR E 56 102.86 26.62 27.16
C TYR E 56 101.91 27.75 27.53
N TYR E 57 100.64 27.39 27.70
CA TYR E 57 99.60 28.33 28.09
C TYR E 57 98.85 27.72 29.26
N ASP E 58 98.95 28.36 30.41
CA ASP E 58 98.29 27.87 31.63
C ASP E 58 96.83 28.32 31.61
N LEU E 59 95.91 27.37 31.47
CA LEU E 59 94.50 27.71 31.45
C LEU E 59 93.78 27.29 32.72
N SER E 60 94.53 27.25 33.83
CA SER E 60 93.93 26.88 35.10
C SER E 60 92.97 27.99 35.49
N VAL E 61 92.02 27.69 36.36
CA VAL E 61 91.05 28.68 36.81
C VAL E 61 91.76 29.95 37.26
N GLU E 62 92.72 29.80 38.16
CA GLU E 62 93.46 30.96 38.68
C GLU E 62 94.20 31.73 37.60
N SER E 63 94.80 31.02 36.64
CA SER E 63 95.52 31.69 35.56
C SER E 63 94.54 32.50 34.70
N ARG E 64 93.40 31.91 34.37
CA ARG E 64 92.40 32.61 33.57
C ARG E 64 91.81 33.79 34.34
N ASP E 65 91.58 33.59 35.63
CA ASP E 65 91.03 34.66 36.46
C ASP E 65 92.00 35.84 36.56
N ALA E 66 93.28 35.53 36.70
CA ALA E 66 94.31 36.57 36.81
C ALA E 66 94.45 37.39 35.54
N THR E 67 94.26 36.75 34.39
CA THR E 67 94.37 37.44 33.11
C THR E 67 92.99 37.85 32.59
N SER E 68 91.96 37.70 33.42
CA SER E 68 90.61 38.04 32.98
C SER E 68 90.30 37.21 31.72
N ASP E 69 90.73 35.95 31.73
CA ASP E 69 90.51 35.00 30.65
C ASP E 69 91.22 35.31 29.32
N LYS E 70 92.10 36.31 29.32
CA LYS E 70 92.81 36.68 28.11
C LYS E 70 93.78 35.57 27.68
N ILE E 71 94.25 34.78 28.65
CA ILE E 71 95.18 33.69 28.36
C ILE E 71 94.54 32.66 27.41
N THR E 72 93.23 32.44 27.57
CA THR E 72 92.51 31.49 26.72
C THR E 72 92.53 31.98 25.29
N GLN E 73 92.31 33.28 25.13
CA GLN E 73 92.33 33.89 23.80
C GLN E 73 93.71 33.76 23.18
N ASP E 74 94.75 34.01 23.96
CA ASP E 74 96.11 33.92 23.45
C ASP E 74 96.40 32.47 23.05
N ALA E 75 95.98 31.53 23.88
CA ALA E 75 96.20 30.12 23.60
C ALA E 75 95.58 29.71 22.27
N ALA E 76 94.35 30.18 22.03
CA ALA E 76 93.66 29.87 20.79
C ALA E 76 94.37 30.47 19.58
N GLU E 77 94.89 31.68 19.73
CA GLU E 77 95.59 32.32 18.62
C GLU E 77 96.94 31.64 18.35
N ALA E 78 97.53 31.05 19.40
CA ALA E 78 98.78 30.35 19.24
C ALA E 78 98.51 29.06 18.46
N ILE E 79 97.41 28.41 18.77
CA ILE E 79 97.04 27.18 18.06
C ILE E 79 96.92 27.47 16.57
N LYS E 80 96.28 28.58 16.24
CA LYS E 80 96.10 28.97 14.85
C LYS E 80 97.41 29.34 14.18
N LYS E 81 98.33 29.90 14.96
CA LYS E 81 99.63 30.30 14.42
C LYS E 81 100.51 29.08 14.11
N TYR E 82 100.61 28.17 15.07
CA TYR E 82 101.45 27.00 14.90
C TYR E 82 100.83 25.75 14.30
N GLY E 83 99.50 25.66 14.31
CA GLY E 83 98.86 24.51 13.70
C GLY E 83 98.26 23.47 14.63
N VAL E 84 99.03 23.00 15.61
CA VAL E 84 98.52 21.99 16.52
C VAL E 84 98.55 22.40 17.98
N GLY E 85 97.46 22.12 18.67
CA GLY E 85 97.36 22.42 20.08
C GLY E 85 96.90 21.18 20.82
N ILE E 86 97.37 21.00 22.04
CA ILE E 86 96.97 19.87 22.85
C ILE E 86 96.47 20.46 24.15
N LYS E 87 95.23 20.16 24.50
CA LYS E 87 94.62 20.72 25.69
C LYS E 87 94.28 19.76 26.80
N CYS E 88 94.45 20.25 28.03
CA CYS E 88 94.18 19.52 29.25
C CYS E 88 92.77 19.87 29.71
N ALA E 89 92.13 18.96 30.44
CA ALA E 89 90.78 19.20 30.93
C ALA E 89 90.78 20.43 31.83
N THR E 90 89.84 21.35 31.59
CA THR E 90 89.74 22.56 32.39
C THR E 90 88.40 22.67 33.09
N ILE E 91 88.37 23.50 34.12
CA ILE E 91 87.16 23.73 34.90
C ILE E 91 86.44 25.02 34.55
N THR E 92 85.13 24.92 34.37
CA THR E 92 84.31 26.07 34.08
C THR E 92 83.66 26.48 35.40
N PRO E 93 84.06 27.63 35.95
CA PRO E 93 83.51 28.11 37.22
C PRO E 93 81.99 28.25 37.26
N ASP E 94 81.43 27.98 38.45
CA ASP E 94 80.00 28.09 38.69
C ASP E 94 79.82 29.00 39.89
N GLU E 95 78.57 29.33 40.22
CA GLU E 95 78.29 30.21 41.36
C GLU E 95 79.08 29.85 42.62
N ALA E 96 79.31 28.56 42.83
CA ALA E 96 80.05 28.09 43.99
C ALA E 96 81.54 28.35 43.85
N ARG E 97 82.17 27.66 42.91
CA ARG E 97 83.60 27.81 42.68
C ARG E 97 84.02 29.26 42.50
N VAL E 98 83.11 30.09 42.00
CA VAL E 98 83.42 31.50 41.78
C VAL E 98 83.46 32.29 43.09
N LYS E 99 82.65 31.88 44.05
CA LYS E 99 82.61 32.55 45.34
C LYS E 99 83.65 31.99 46.30
N GLU E 100 83.89 30.68 46.21
CA GLU E 100 84.85 30.01 47.06
C GLU E 100 86.27 30.49 46.79
N PHE E 101 86.60 30.66 45.51
CA PHE E 101 87.92 31.12 45.12
C PHE E 101 87.93 32.61 44.80
N ASN E 102 86.85 33.29 45.15
CA ASN E 102 86.73 34.72 44.88
C ASN E 102 87.21 35.12 43.50
N LEU E 103 86.61 34.52 42.48
CA LEU E 103 86.97 34.83 41.10
C LEU E 103 86.29 36.15 40.73
N HIS E 104 86.86 36.85 39.75
CA HIS E 104 86.28 38.14 39.35
C HIS E 104 84.97 37.94 38.60
N LYS E 105 84.83 36.78 37.97
CA LYS E 105 83.63 36.50 37.18
C LYS E 105 83.44 35.00 36.97
N MET E 106 82.24 34.61 36.55
CA MET E 106 81.94 33.21 36.27
C MET E 106 82.39 33.02 34.82
N TRP E 107 83.70 32.95 34.64
CA TRP E 107 84.31 32.80 33.32
C TRP E 107 83.68 31.72 32.44
N LYS E 108 83.51 32.07 31.17
CA LYS E 108 82.92 31.16 30.19
C LYS E 108 83.91 30.05 29.85
N SER E 109 83.39 28.87 29.58
CA SER E 109 84.20 27.72 29.23
C SER E 109 85.26 28.09 28.20
N PRO E 110 86.52 27.71 28.46
CA PRO E 110 87.60 28.02 27.52
C PRO E 110 87.44 27.20 26.23
N ASN E 111 86.79 26.04 26.34
CA ASN E 111 86.55 25.18 25.18
C ASN E 111 85.67 25.92 24.19
N GLY E 112 84.64 26.56 24.70
CA GLY E 112 83.73 27.31 23.84
C GLY E 112 84.46 28.48 23.21
N THR E 113 85.28 29.16 24.00
CA THR E 113 86.04 30.29 23.51
C THR E 113 87.01 29.88 22.42
N ILE E 114 87.70 28.76 22.63
CA ILE E 114 88.67 28.30 21.63
C ILE E 114 87.95 27.85 20.35
N ARG E 115 86.83 27.15 20.50
CA ARG E 115 86.07 26.70 19.35
C ARG E 115 85.52 27.89 18.57
N ASN E 116 85.09 28.93 19.28
CA ASN E 116 84.55 30.10 18.61
C ASN E 116 85.63 30.80 17.79
N ILE E 117 86.84 30.86 18.33
CA ILE E 117 87.94 31.52 17.64
C ILE E 117 88.48 30.69 16.48
N LEU E 118 88.66 29.39 16.69
CA LEU E 118 89.18 28.53 15.63
C LEU E 118 88.10 28.08 14.65
N GLY E 119 86.90 27.84 15.17
CA GLY E 119 85.82 27.37 14.32
C GLY E 119 86.12 25.94 13.90
N GLY E 120 85.37 25.43 12.94
CA GLY E 120 85.61 24.07 12.48
C GLY E 120 84.64 23.03 13.00
N THR E 121 85.15 21.81 13.16
CA THR E 121 84.34 20.68 13.61
C THR E 121 85.07 19.89 14.70
N VAL E 122 84.31 19.48 15.71
CA VAL E 122 84.88 18.69 16.80
C VAL E 122 84.50 17.22 16.62
N PHE E 123 85.44 16.42 16.16
CA PHE E 123 85.21 14.99 15.96
C PHE E 123 85.48 14.22 17.24
N ARG E 124 84.51 13.44 17.67
CA ARG E 124 84.66 12.66 18.88
C ARG E 124 84.32 11.19 18.62
N GLU E 125 85.22 10.30 19.00
CA GLU E 125 84.99 8.87 18.83
C GLU E 125 85.48 8.15 20.07
N PRO E 126 84.97 6.93 20.32
CA PRO E 126 85.33 6.12 21.48
C PRO E 126 86.72 5.51 21.44
N ILE E 127 87.33 5.38 22.62
CA ILE E 127 88.63 4.75 22.75
C ILE E 127 88.26 3.31 23.10
N VAL E 128 88.40 2.43 22.13
CA VAL E 128 88.03 1.03 22.30
C VAL E 128 88.94 0.12 23.11
N ILE E 129 88.37 -0.45 24.18
CA ILE E 129 89.06 -1.39 25.05
C ILE E 129 88.08 -2.56 25.20
N PRO E 130 88.12 -3.51 24.25
CA PRO E 130 87.24 -4.69 24.24
C PRO E 130 87.00 -5.36 25.59
N ARG E 131 87.98 -5.25 26.49
CA ARG E 131 87.86 -5.84 27.82
C ARG E 131 86.72 -5.19 28.59
N ILE E 132 86.45 -3.92 28.30
CA ILE E 132 85.41 -3.17 29.00
C ILE E 132 84.00 -3.50 28.46
N PRO E 133 83.01 -3.57 29.38
CA PRO E 133 81.62 -3.88 29.03
C PRO E 133 80.90 -2.73 28.33
N ARG E 134 80.25 -3.05 27.21
CA ARG E 134 79.52 -2.04 26.46
C ARG E 134 78.07 -1.94 26.94
N LEU E 135 77.67 -0.73 27.30
CA LEU E 135 76.31 -0.50 27.77
C LEU E 135 75.30 -0.72 26.65
N VAL E 136 75.79 -0.69 25.41
CA VAL E 136 74.95 -0.93 24.23
C VAL E 136 75.65 -2.03 23.42
N PRO E 137 75.36 -3.29 23.74
CA PRO E 137 75.88 -4.53 23.13
C PRO E 137 76.23 -4.53 21.64
N ARG E 138 75.24 -4.28 20.79
CA ARG E 138 75.44 -4.29 19.35
C ARG E 138 76.45 -3.30 18.79
N TRP E 139 76.91 -2.35 19.62
CA TRP E 139 77.88 -1.37 19.14
C TRP E 139 79.26 -2.00 19.05
N GLU E 140 79.52 -2.65 17.92
CA GLU E 140 80.79 -3.32 17.67
C GLU E 140 81.72 -2.41 16.87
N LYS E 141 81.15 -1.61 15.98
CA LYS E 141 81.93 -0.70 15.16
C LYS E 141 81.87 0.71 15.77
N PRO E 142 82.94 1.49 15.61
CA PRO E 142 82.97 2.85 16.16
C PRO E 142 82.01 3.86 15.53
N ILE E 143 81.36 4.64 16.38
CA ILE E 143 80.46 5.69 15.92
C ILE E 143 81.22 6.99 16.15
N ILE E 144 81.35 7.80 15.09
CA ILE E 144 82.07 9.06 15.21
C ILE E 144 81.13 10.26 15.06
N ILE E 145 81.13 11.13 16.07
CA ILE E 145 80.29 12.31 16.04
C ILE E 145 81.09 13.51 15.53
N GLY E 146 80.59 14.14 14.48
CA GLY E 146 81.22 15.33 13.91
C GLY E 146 80.37 16.50 14.38
N ARG E 147 80.78 17.13 15.49
CA ARG E 147 80.05 18.25 16.06
C ARG E 147 80.47 19.62 15.55
N HIS E 148 79.52 20.36 14.97
CA HIS E 148 79.80 21.70 14.48
C HIS E 148 80.30 22.47 15.71
N ALA E 149 81.50 23.02 15.65
CA ALA E 149 82.05 23.72 16.80
C ALA E 149 81.66 25.18 16.99
N HIS E 150 80.92 25.75 16.05
CA HIS E 150 80.56 27.16 16.15
C HIS E 150 79.08 27.55 16.11
N GLY E 151 78.76 28.64 16.82
CA GLY E 151 77.42 29.18 16.82
C GLY E 151 76.32 28.54 17.65
N ASP E 152 75.09 28.80 17.23
CA ASP E 152 73.91 28.28 17.90
C ASP E 152 73.89 28.72 19.37
N GLN E 153 73.35 27.88 20.25
CA GLN E 153 73.26 28.28 21.65
C GLN E 153 74.56 28.54 22.43
N TYR E 154 75.70 28.21 21.85
CA TYR E 154 76.97 28.46 22.54
C TYR E 154 77.50 29.88 22.34
N LYS E 155 76.74 30.69 21.59
CA LYS E 155 77.08 32.09 21.34
C LYS E 155 75.78 32.87 21.31
N ALA E 156 74.74 32.26 21.89
CA ALA E 156 73.42 32.85 21.92
C ALA E 156 73.27 34.02 22.87
N THR E 157 72.17 34.75 22.68
CA THR E 157 71.82 35.89 23.52
C THR E 157 70.50 35.54 24.19
N ASP E 158 70.52 35.31 25.49
CA ASP E 158 69.29 34.99 26.21
C ASP E 158 69.05 36.02 27.29
N THR E 159 67.81 36.11 27.76
CA THR E 159 67.47 37.09 28.78
C THR E 159 66.08 36.86 29.35
N LEU E 160 65.87 37.32 30.58
CA LEU E 160 64.58 37.19 31.22
C LEU E 160 63.67 38.30 30.72
N ILE E 161 62.38 38.02 30.65
CA ILE E 161 61.39 39.01 30.21
C ILE E 161 60.49 39.24 31.42
N PRO E 162 60.59 40.43 32.03
CA PRO E 162 59.86 40.88 33.21
C PRO E 162 58.34 40.74 33.18
N GLY E 163 57.73 41.16 32.07
CA GLY E 163 56.30 41.07 31.97
C GLY E 163 55.80 41.27 30.56
N PRO E 164 54.50 41.51 30.38
CA PRO E 164 53.90 41.72 29.07
C PRO E 164 54.73 42.68 28.22
N GLY E 165 54.70 42.46 26.91
CA GLY E 165 55.45 43.30 25.99
C GLY E 165 55.74 42.54 24.72
N SER E 166 56.20 43.25 23.68
CA SER E 166 56.52 42.60 22.42
C SER E 166 58.00 42.22 22.39
N LEU E 167 58.32 41.29 21.49
CA LEU E 167 59.69 40.84 21.34
C LEU E 167 59.88 40.66 19.84
N GLU E 168 60.86 41.37 19.29
CA GLU E 168 61.15 41.30 17.87
C GLU E 168 62.60 40.97 17.60
N LEU E 169 62.84 40.32 16.47
CA LEU E 169 64.17 39.96 16.02
C LEU E 169 64.41 40.95 14.89
N VAL E 170 65.35 41.86 15.09
CA VAL E 170 65.62 42.91 14.10
C VAL E 170 66.95 42.78 13.36
N TYR E 171 66.86 42.75 12.03
CA TYR E 171 68.03 42.65 11.18
C TYR E 171 68.17 43.88 10.29
N LYS E 172 69.29 44.58 10.43
CA LYS E 172 69.54 45.79 9.64
C LYS E 172 70.78 45.57 8.78
N PRO E 173 70.58 45.23 7.49
CA PRO E 173 71.68 44.99 6.56
C PRO E 173 72.56 46.21 6.35
N SER E 174 73.86 45.97 6.22
CA SER E 174 74.81 47.06 5.99
C SER E 174 74.52 47.68 4.63
N ASP E 175 74.05 46.84 3.71
CA ASP E 175 73.71 47.30 2.36
C ASP E 175 72.26 46.99 1.98
N PRO E 176 71.34 47.90 2.30
CA PRO E 176 69.91 47.75 1.99
C PRO E 176 69.65 47.55 0.50
N THR E 177 70.65 47.86 -0.32
CA THR E 177 70.54 47.72 -1.76
C THR E 177 70.48 46.24 -2.18
N THR E 178 71.39 45.44 -1.62
CA THR E 178 71.44 44.03 -1.96
C THR E 178 70.59 43.18 -1.01
N ALA E 179 70.67 43.48 0.28
CA ALA E 179 69.91 42.75 1.29
C ALA E 179 68.74 43.60 1.77
N GLN E 180 67.69 42.94 2.24
CA GLN E 180 66.51 43.64 2.72
C GLN E 180 66.41 43.57 4.24
N PRO E 181 66.10 44.71 4.88
CA PRO E 181 65.97 44.76 6.35
C PRO E 181 64.82 43.88 6.85
N GLN E 182 64.92 43.41 8.09
CA GLN E 182 63.89 42.54 8.65
C GLN E 182 63.57 42.80 10.11
N THR E 183 62.29 42.86 10.40
CA THR E 183 61.80 43.04 11.76
C THR E 183 60.76 41.95 11.91
N LEU E 184 61.08 40.93 12.70
CA LEU E 184 60.18 39.80 12.87
C LEU E 184 59.60 39.73 14.27
N LYS E 185 58.27 39.66 14.33
CA LYS E 185 57.60 39.55 15.61
C LYS E 185 57.83 38.13 16.11
N VAL E 186 58.55 38.01 17.21
CA VAL E 186 58.84 36.70 17.78
C VAL E 186 57.73 36.25 18.70
N TYR E 187 57.22 37.17 19.52
CA TYR E 187 56.17 36.84 20.46
C TYR E 187 55.72 38.06 21.24
N ASP E 188 54.45 38.04 21.66
CA ASP E 188 53.88 39.12 22.46
C ASP E 188 53.56 38.51 23.82
N TYR E 189 54.45 38.73 24.79
CA TYR E 189 54.27 38.18 26.13
C TYR E 189 53.04 38.72 26.85
N LYS E 190 52.44 37.85 27.67
CA LYS E 190 51.26 38.21 28.45
C LYS E 190 51.64 38.07 29.92
N GLY E 191 52.90 37.70 30.15
CA GLY E 191 53.41 37.52 31.50
C GLY E 191 54.92 37.42 31.45
N SER E 192 55.54 37.13 32.59
CA SER E 192 56.99 37.02 32.65
C SER E 192 57.44 35.77 31.89
N GLY E 193 58.69 35.78 31.41
CA GLY E 193 59.19 34.64 30.66
C GLY E 193 60.65 34.77 30.31
N VAL E 194 61.05 34.04 29.28
CA VAL E 194 62.43 34.04 28.82
C VAL E 194 62.48 34.17 27.31
N ALA E 195 63.65 34.53 26.80
CA ALA E 195 63.83 34.67 25.38
C ALA E 195 65.29 34.47 25.03
N MET E 196 65.53 34.05 23.79
CA MET E 196 66.90 33.85 23.34
C MET E 196 66.95 33.94 21.83
N ALA E 197 68.11 34.33 21.32
CA ALA E 197 68.30 34.41 19.89
C ALA E 197 69.67 33.82 19.64
N MET E 198 69.83 33.15 18.50
CA MET E 198 71.10 32.54 18.18
C MET E 198 71.33 32.64 16.68
N TYR E 199 72.55 32.39 16.25
CA TYR E 199 72.89 32.53 14.85
C TYR E 199 73.96 31.56 14.42
N ASN E 200 74.22 31.56 13.12
CA ASN E 200 75.29 30.78 12.54
C ASN E 200 75.53 31.35 11.17
N THR E 201 76.62 30.93 10.55
CA THR E 201 76.97 31.45 9.24
C THR E 201 77.12 30.39 8.19
N ASP E 202 76.87 30.78 6.94
CA ASP E 202 76.98 29.89 5.82
C ASP E 202 78.43 29.45 5.68
N GLU E 203 79.37 30.36 5.93
CA GLU E 203 80.78 30.02 5.82
C GLU E 203 81.14 28.92 6.83
N SER E 204 80.68 29.09 8.07
CA SER E 204 80.93 28.10 9.11
C SER E 204 80.27 26.76 8.77
N ILE E 205 79.05 26.82 8.26
CA ILE E 205 78.32 25.60 7.90
C ILE E 205 79.06 24.84 6.80
N GLU E 206 79.52 25.56 5.79
CA GLU E 206 80.26 24.95 4.69
C GLU E 206 81.50 24.24 5.22
N GLY E 207 82.23 24.91 6.10
CA GLY E 207 83.43 24.33 6.69
C GLY E 207 83.06 23.04 7.39
N PHE E 208 81.95 23.09 8.13
CA PHE E 208 81.42 21.95 8.85
C PHE E 208 81.21 20.82 7.84
N ALA E 209 80.59 21.15 6.71
CA ALA E 209 80.32 20.17 5.66
C ALA E 209 81.60 19.51 5.18
N HIS E 210 82.51 20.34 4.64
CA HIS E 210 83.78 19.87 4.12
C HIS E 210 84.52 18.92 5.05
N SER E 211 84.68 19.30 6.32
CA SER E 211 85.38 18.43 7.27
C SER E 211 84.64 17.11 7.47
N SER E 212 83.31 17.17 7.44
CA SER E 212 82.51 15.97 7.63
C SER E 212 82.70 15.01 6.45
N PHE E 213 82.58 15.53 5.24
CA PHE E 213 82.74 14.69 4.06
C PHE E 213 84.15 14.11 3.97
N LYS E 214 85.15 14.95 4.23
CA LYS E 214 86.54 14.51 4.16
C LYS E 214 86.79 13.36 5.12
N LEU E 215 86.32 13.50 6.36
CA LEU E 215 86.52 12.47 7.36
C LEU E 215 85.80 11.19 6.93
N ALA E 216 84.63 11.33 6.34
CA ALA E 216 83.85 10.18 5.88
C ALA E 216 84.62 9.39 4.83
N ILE E 217 85.19 10.11 3.87
CA ILE E 217 85.97 9.49 2.81
C ILE E 217 87.25 8.89 3.39
N ASP E 218 87.92 9.66 4.24
CA ASP E 218 89.15 9.22 4.89
C ASP E 218 89.00 7.88 5.62
N LYS E 219 87.93 7.74 6.39
CA LYS E 219 87.70 6.51 7.15
C LYS E 219 86.74 5.54 6.47
N LYS E 220 86.34 5.85 5.25
CA LYS E 220 85.42 5.01 4.48
C LYS E 220 84.18 4.62 5.30
N LEU E 221 83.46 5.63 5.78
CA LEU E 221 82.26 5.40 6.57
C LEU E 221 81.08 6.20 6.03
N ASN E 222 79.86 5.73 6.28
CA ASN E 222 78.67 6.45 5.84
C ASN E 222 78.56 7.70 6.72
N LEU E 223 78.02 8.78 6.16
CA LEU E 223 77.87 10.04 6.89
C LEU E 223 76.40 10.43 6.95
N PHE E 224 75.94 10.80 8.13
CA PHE E 224 74.54 11.22 8.31
C PHE E 224 74.48 12.58 8.99
N LEU E 225 73.82 13.55 8.35
CA LEU E 225 73.66 14.87 8.92
C LEU E 225 72.26 14.82 9.50
N SER E 226 72.11 15.21 10.77
CA SER E 226 70.79 15.20 11.38
C SER E 226 70.40 16.59 11.83
N THR E 227 69.14 16.96 11.62
CA THR E 227 68.64 18.26 12.03
C THR E 227 67.16 18.18 12.37
N LYS E 228 66.56 19.32 12.65
CA LYS E 228 65.15 19.38 12.97
C LYS E 228 64.53 20.34 11.96
N ASN E 229 64.88 20.17 10.69
CA ASN E 229 64.41 21.04 9.63
C ASN E 229 62.90 21.01 9.40
N THR E 230 62.19 20.12 10.09
CA THR E 230 60.75 20.06 9.96
C THR E 230 60.15 21.12 10.87
N ILE E 231 60.94 21.56 11.85
CA ILE E 231 60.48 22.59 12.79
C ILE E 231 61.19 23.89 12.46
N LEU E 232 62.51 23.83 12.30
CA LEU E 232 63.30 25.02 11.94
C LEU E 232 63.62 24.90 10.46
N LYS E 233 62.62 25.21 9.63
CA LYS E 233 62.75 25.12 8.19
C LYS E 233 63.87 25.94 7.55
N LYS E 234 64.08 27.16 8.04
CA LYS E 234 65.11 28.01 7.48
C LYS E 234 66.48 27.75 8.11
N TYR E 235 66.54 27.78 9.43
CA TYR E 235 67.78 27.57 10.16
C TYR E 235 68.39 26.19 9.85
N ASP E 236 67.68 25.13 10.23
CA ASP E 236 68.18 23.79 9.97
C ASP E 236 68.18 23.43 8.49
N GLY E 237 67.26 24.03 7.74
CA GLY E 237 67.21 23.76 6.32
C GLY E 237 68.48 24.24 5.64
N ARG E 238 69.09 25.28 6.23
CA ARG E 238 70.31 25.82 5.66
C ARG E 238 71.42 24.79 5.76
N PHE E 239 71.50 24.08 6.88
CA PHE E 239 72.51 23.05 7.04
C PHE E 239 72.29 21.94 6.01
N LYS E 240 71.05 21.47 5.91
CA LYS E 240 70.70 20.41 4.97
C LYS E 240 71.09 20.78 3.54
N ASP E 241 70.65 21.96 3.11
CA ASP E 241 70.94 22.45 1.76
C ASP E 241 72.43 22.62 1.48
N ILE E 242 73.14 23.31 2.38
CA ILE E 242 74.56 23.52 2.18
C ILE E 242 75.30 22.19 2.07
N PHE E 243 75.01 21.26 2.96
CA PHE E 243 75.66 19.96 2.93
C PHE E 243 75.41 19.26 1.59
N GLN E 244 74.14 19.20 1.18
CA GLN E 244 73.78 18.56 -0.09
C GLN E 244 74.53 19.21 -1.23
N GLU E 245 74.54 20.54 -1.25
CA GLU E 245 75.22 21.28 -2.30
C GLU E 245 76.71 20.94 -2.33
N VAL E 246 77.37 21.03 -1.19
CA VAL E 246 78.79 20.73 -1.12
C VAL E 246 79.05 19.28 -1.51
N TYR E 247 78.12 18.40 -1.15
CA TYR E 247 78.23 16.99 -1.47
C TYR E 247 78.23 16.75 -2.98
N GLU E 248 77.12 17.09 -3.62
CA GLU E 248 76.97 16.94 -5.06
C GLU E 248 78.05 17.71 -5.82
N ALA E 249 78.59 18.75 -5.19
CA ALA E 249 79.60 19.59 -5.80
C ALA E 249 81.02 19.03 -5.84
N GLN E 250 81.38 18.16 -4.91
CA GLN E 250 82.74 17.64 -4.91
C GLN E 250 83.05 16.50 -3.95
N TYR E 251 82.07 15.61 -3.72
CA TYR E 251 82.28 14.47 -2.82
C TYR E 251 81.45 13.25 -3.22
N LYS E 252 80.34 13.48 -3.92
CA LYS E 252 79.45 12.41 -4.35
C LYS E 252 80.17 11.28 -5.09
N SER E 253 80.95 11.64 -6.10
CA SER E 253 81.70 10.66 -6.89
C SER E 253 82.62 9.81 -6.01
N LYS E 254 83.35 10.46 -5.11
CA LYS E 254 84.27 9.74 -4.24
C LYS E 254 83.51 8.80 -3.31
N PHE E 255 82.33 9.21 -2.86
CA PHE E 255 81.51 8.39 -1.97
C PHE E 255 81.05 7.11 -2.67
N GLU E 256 80.67 7.25 -3.94
CA GLU E 256 80.20 6.11 -4.71
C GLU E 256 81.35 5.13 -4.95
N GLN E 257 82.47 5.67 -5.43
CA GLN E 257 83.66 4.87 -5.71
C GLN E 257 84.10 4.05 -4.51
N LEU E 258 83.76 4.52 -3.30
CA LEU E 258 84.13 3.82 -2.08
C LEU E 258 82.98 2.99 -1.52
N GLY E 259 81.79 3.18 -2.09
CA GLY E 259 80.63 2.44 -1.64
C GLY E 259 80.06 2.95 -0.34
N ILE E 260 80.23 4.24 -0.07
CA ILE E 260 79.69 4.84 1.15
C ILE E 260 78.63 5.86 0.76
N HIS E 261 77.69 6.11 1.67
CA HIS E 261 76.62 7.05 1.37
C HIS E 261 76.50 8.21 2.34
N TYR E 262 75.98 9.32 1.84
CA TYR E 262 75.71 10.50 2.66
C TYR E 262 74.21 10.68 2.65
N GLU E 263 73.65 11.11 3.78
CA GLU E 263 72.21 11.31 3.85
C GLU E 263 71.82 12.18 5.03
N HIS E 264 70.79 12.99 4.84
CA HIS E 264 70.27 13.85 5.89
C HIS E 264 69.10 13.14 6.55
N ARG E 265 69.00 13.28 7.86
CA ARG E 265 67.91 12.65 8.61
C ARG E 265 67.41 13.56 9.70
N LEU E 266 66.19 13.29 10.15
CA LEU E 266 65.61 14.05 11.24
C LEU E 266 66.37 13.55 12.46
N ILE E 267 66.74 14.45 13.36
CA ILE E 267 67.48 14.05 14.55
C ILE E 267 66.78 12.89 15.27
N ASP E 268 65.44 12.91 15.27
CA ASP E 268 64.63 11.87 15.91
C ASP E 268 64.95 10.48 15.38
N ASP E 269 64.82 10.33 14.06
CA ASP E 269 65.07 9.06 13.41
C ASP E 269 66.51 8.60 13.58
N MET E 270 67.44 9.54 13.44
CA MET E 270 68.86 9.24 13.56
C MET E 270 69.24 8.60 14.88
N VAL E 271 68.91 9.28 15.99
CA VAL E 271 69.27 8.77 17.31
C VAL E 271 68.66 7.39 17.60
N ALA E 272 67.47 7.13 17.06
CA ALA E 272 66.82 5.84 17.26
C ALA E 272 67.58 4.83 16.43
N GLN E 273 67.88 5.20 15.19
CA GLN E 273 68.62 4.33 14.29
C GLN E 273 69.98 4.02 14.91
N MET E 274 70.58 5.04 15.52
CA MET E 274 71.89 4.92 16.17
C MET E 274 71.85 3.87 17.28
N ILE E 275 70.91 4.01 18.20
CA ILE E 275 70.74 3.09 19.33
C ILE E 275 70.48 1.64 18.88
N LYS E 276 69.81 1.51 17.74
CA LYS E 276 69.43 0.22 17.19
C LYS E 276 70.51 -0.44 16.33
N SER E 277 71.45 0.37 15.85
CA SER E 277 72.50 -0.11 14.96
C SER E 277 73.65 -0.86 15.64
N LYS E 278 74.64 -1.19 14.81
CA LYS E 278 75.85 -1.89 15.23
C LYS E 278 77.01 -0.90 15.08
N GLY E 279 76.66 0.38 14.92
CA GLY E 279 77.67 1.40 14.76
C GLY E 279 78.33 1.36 13.40
N GLY E 280 79.49 2.01 13.27
CA GLY E 280 80.21 2.01 12.00
C GLY E 280 79.82 3.13 11.08
N PHE E 281 79.60 4.31 11.64
CA PHE E 281 79.22 5.46 10.82
C PHE E 281 79.53 6.79 11.50
N ILE E 282 79.48 7.85 10.70
CA ILE E 282 79.74 9.18 11.21
C ILE E 282 78.46 9.99 11.27
N MET E 283 78.20 10.62 12.42
CA MET E 283 77.02 11.44 12.58
C MET E 283 77.38 12.92 12.70
N ALA E 284 77.15 13.66 11.62
CA ALA E 284 77.40 15.09 11.64
C ALA E 284 76.22 15.72 12.39
N LEU E 285 76.51 16.41 13.47
CA LEU E 285 75.47 17.04 14.28
C LEU E 285 75.74 18.52 14.54
N LYS E 286 74.67 19.26 14.81
CA LYS E 286 74.81 20.68 15.09
C LYS E 286 75.49 20.81 16.44
N ASN E 287 75.99 22.00 16.75
CA ASN E 287 76.70 22.24 18.00
C ASN E 287 76.07 21.58 19.23
N TYR E 288 74.82 21.92 19.53
CA TYR E 288 74.15 21.38 20.70
C TYR E 288 73.93 19.87 20.68
N ASP E 289 73.41 19.35 19.57
CA ASP E 289 73.16 17.92 19.44
C ASP E 289 74.48 17.15 19.56
N GLY E 290 75.51 17.69 18.94
CA GLY E 290 76.83 17.06 19.01
C GLY E 290 77.31 16.93 20.43
N ASP E 291 77.10 17.97 21.23
CA ASP E 291 77.53 17.96 22.63
C ASP E 291 76.81 16.85 23.41
N VAL E 292 75.49 16.79 23.28
CA VAL E 292 74.69 15.79 23.99
C VAL E 292 74.89 14.36 23.48
N GLN E 293 74.79 14.16 22.17
CA GLN E 293 74.94 12.82 21.60
C GLN E 293 76.35 12.24 21.76
N SER E 294 77.34 13.11 21.94
CA SER E 294 78.72 12.65 22.11
C SER E 294 78.84 11.89 23.43
N ASP E 295 78.21 12.41 24.48
CA ASP E 295 78.25 11.77 25.79
C ASP E 295 77.48 10.45 25.79
N ILE E 296 76.36 10.41 25.06
CA ILE E 296 75.55 9.20 24.96
C ILE E 296 76.38 8.10 24.31
N VAL E 297 76.97 8.41 23.16
CA VAL E 297 77.80 7.46 22.43
C VAL E 297 78.99 7.02 23.27
N ALA E 298 79.62 7.96 23.95
CA ALA E 298 80.79 7.66 24.78
C ALA E 298 80.39 6.73 25.91
N GLN E 299 79.32 7.08 26.61
CA GLN E 299 78.86 6.27 27.73
C GLN E 299 78.40 4.90 27.23
N GLY E 300 77.86 4.87 26.01
CA GLY E 300 77.37 3.63 25.45
C GLY E 300 78.44 2.63 25.04
N PHE E 301 79.57 3.11 24.55
CA PHE E 301 80.66 2.25 24.13
C PHE E 301 81.45 1.68 25.31
N GLY E 302 81.34 2.31 26.47
CA GLY E 302 82.08 1.82 27.62
C GLY E 302 82.16 2.78 28.79
N SER E 303 82.82 3.92 28.59
CA SER E 303 82.96 4.91 29.66
C SER E 303 83.22 6.31 29.09
N LEU E 304 82.82 7.32 29.84
CA LEU E 304 83.02 8.71 29.42
C LEU E 304 84.50 9.06 29.32
N GLY E 305 85.31 8.42 30.15
CA GLY E 305 86.74 8.68 30.14
C GLY E 305 87.41 8.07 28.92
N LEU E 306 86.69 7.22 28.19
CA LEU E 306 87.25 6.59 27.01
C LEU E 306 86.70 7.20 25.73
N MET E 307 87.01 8.48 25.52
CA MET E 307 86.56 9.19 24.33
C MET E 307 87.60 10.22 23.90
N THR E 308 87.83 10.33 22.59
CA THR E 308 88.78 11.29 22.06
C THR E 308 88.00 12.49 21.57
N SER E 309 88.69 13.62 21.43
CA SER E 309 88.05 14.85 20.96
C SER E 309 89.06 15.77 20.27
N ILE E 310 88.88 15.95 18.97
CA ILE E 310 89.78 16.80 18.21
C ILE E 310 89.03 17.80 17.34
N LEU E 311 89.38 19.08 17.49
CA LEU E 311 88.78 20.18 16.72
C LEU E 311 89.59 20.31 15.44
N VAL E 312 88.89 20.39 14.31
CA VAL E 312 89.54 20.49 13.02
C VAL E 312 88.94 21.63 12.20
N THR E 313 89.80 22.44 11.59
CA THR E 313 89.33 23.54 10.77
C THR E 313 89.24 22.99 9.35
N PRO E 314 88.29 23.50 8.55
CA PRO E 314 88.12 23.05 7.17
C PRO E 314 89.34 23.09 6.25
N ASP E 315 90.22 24.07 6.44
CA ASP E 315 91.41 24.20 5.60
C ASP E 315 92.42 23.07 5.82
N GLY E 316 92.13 22.21 6.80
CA GLY E 316 92.99 21.08 7.08
C GLY E 316 94.38 21.39 7.62
N LYS E 317 94.57 22.55 8.24
CA LYS E 317 95.89 22.86 8.76
C LYS E 317 95.93 23.28 10.23
N THR E 318 94.81 23.15 10.93
CA THR E 318 94.77 23.51 12.35
C THR E 318 94.01 22.45 13.14
N PHE E 319 94.62 21.97 14.20
CA PHE E 319 94.00 20.93 15.01
C PHE E 319 94.18 21.20 16.50
N GLU E 320 93.17 20.87 17.28
CA GLU E 320 93.24 21.03 18.72
C GLU E 320 92.74 19.74 19.38
N SER E 321 93.67 18.93 19.89
CA SER E 321 93.33 17.69 20.55
C SER E 321 93.15 18.00 22.02
N GLU E 322 91.97 17.71 22.56
CA GLU E 322 91.68 18.00 23.96
C GLU E 322 91.30 16.76 24.73
N ALA E 323 91.53 16.79 26.04
CA ALA E 323 91.18 15.68 26.90
C ALA E 323 89.71 15.87 27.23
N ALA E 324 88.91 14.86 26.88
CA ALA E 324 87.47 14.90 27.11
C ALA E 324 87.08 14.70 28.57
N HIS E 325 87.70 13.72 29.22
CA HIS E 325 87.40 13.39 30.61
C HIS E 325 87.64 14.58 31.54
N GLY E 326 86.55 15.23 31.94
CA GLY E 326 86.65 16.38 32.83
C GLY E 326 87.17 15.97 34.20
N THR E 327 87.82 16.91 34.90
CA THR E 327 88.38 16.63 36.22
C THR E 327 87.32 16.52 37.31
N VAL E 328 87.59 15.67 38.29
CA VAL E 328 86.68 15.46 39.41
C VAL E 328 87.33 16.05 40.67
N THR E 329 86.73 17.11 41.21
CA THR E 329 87.25 17.78 42.39
C THR E 329 87.54 16.88 43.60
N ARG E 330 86.79 15.80 43.75
CA ARG E 330 87.01 14.92 44.89
C ARG E 330 88.38 14.25 44.80
N HIS E 331 88.75 13.81 43.61
CA HIS E 331 90.04 13.17 43.38
C HIS E 331 91.17 14.12 43.76
N TYR E 332 90.96 15.40 43.45
CA TYR E 332 91.94 16.44 43.75
C TYR E 332 92.12 16.57 45.26
N ARG E 333 91.01 16.80 45.96
CA ARG E 333 91.06 16.95 47.41
C ARG E 333 91.71 15.73 48.08
N LYS E 334 91.44 14.54 47.55
CA LYS E 334 92.02 13.33 48.10
C LYS E 334 93.53 13.33 47.88
N TYR E 335 93.96 14.01 46.82
CA TYR E 335 95.37 14.11 46.50
C TYR E 335 96.02 15.08 47.49
N GLN E 336 95.39 16.24 47.67
CA GLN E 336 95.87 17.26 48.59
C GLN E 336 95.56 16.89 50.04
N LYS E 337 95.32 15.60 50.27
CA LYS E 337 95.03 15.09 51.60
C LYS E 337 95.96 13.92 51.89
N GLY E 338 96.79 13.60 50.90
CA GLY E 338 97.74 12.50 51.05
C GLY E 338 97.17 11.14 50.70
N GLU E 339 95.85 11.05 50.61
CA GLU E 339 95.19 9.80 50.29
C GLU E 339 95.47 9.36 48.85
N GLU E 340 95.25 8.08 48.57
CA GLU E 340 95.48 7.54 47.23
C GLU E 340 94.38 7.96 46.28
N THR E 341 94.66 7.83 44.98
CA THR E 341 93.69 8.18 43.94
C THR E 341 93.82 7.17 42.82
N SER E 342 92.71 6.90 42.13
CA SER E 342 92.71 5.97 41.02
C SER E 342 91.97 6.61 39.85
N THR E 343 92.40 7.82 39.49
CA THR E 343 91.81 8.58 38.39
C THR E 343 92.38 8.10 37.06
N ASN E 344 91.51 7.98 36.06
CA ASN E 344 91.91 7.52 34.74
C ASN E 344 92.75 8.58 34.03
N SER E 345 93.63 8.15 33.13
CA SER E 345 94.50 9.07 32.40
C SER E 345 94.56 8.78 30.91
N ILE E 346 93.81 7.77 30.47
CA ILE E 346 93.79 7.39 29.06
C ILE E 346 93.32 8.54 28.16
N ALA E 347 92.31 9.28 28.61
CA ALA E 347 91.79 10.39 27.84
C ALA E 347 92.90 11.42 27.61
N SER E 348 93.67 11.69 28.66
CA SER E 348 94.76 12.65 28.57
C SER E 348 95.86 12.16 27.64
N ILE E 349 96.24 10.89 27.79
CA ILE E 349 97.29 10.32 26.95
C ILE E 349 96.93 10.41 25.48
N PHE E 350 95.69 10.05 25.13
CA PHE E 350 95.27 10.12 23.74
C PHE E 350 95.24 11.56 23.22
N ALA E 351 94.95 12.51 24.11
CA ALA E 351 94.94 13.90 23.71
C ALA E 351 96.33 14.22 23.16
N TRP E 352 97.36 13.74 23.85
CA TRP E 352 98.73 13.96 23.42
C TRP E 352 99.04 13.19 22.13
N SER E 353 98.79 11.89 22.15
CA SER E 353 99.06 11.04 20.99
C SER E 353 98.42 11.58 19.71
N ARG E 354 97.14 11.89 19.80
CA ARG E 354 96.40 12.41 18.65
C ARG E 354 96.99 13.75 18.23
N GLY E 355 97.35 14.57 19.21
CA GLY E 355 97.92 15.85 18.91
C GLY E 355 99.24 15.67 18.17
N LEU E 356 100.09 14.80 18.70
CA LEU E 356 101.39 14.53 18.10
C LEU E 356 101.23 13.90 16.70
N LEU E 357 100.20 13.08 16.54
CA LEU E 357 99.94 12.45 15.25
C LEU E 357 99.71 13.50 14.18
N LYS E 358 98.84 14.47 14.48
CA LYS E 358 98.54 15.55 13.53
C LYS E 358 99.80 16.39 13.26
N ARG E 359 100.59 16.63 14.30
CA ARG E 359 101.81 17.41 14.14
C ARG E 359 102.71 16.61 13.20
N GLY E 360 102.83 15.31 13.48
CA GLY E 360 103.65 14.43 12.65
C GLY E 360 103.25 14.44 11.19
N GLU E 361 101.95 14.41 10.93
CA GLU E 361 101.44 14.41 9.58
C GLU E 361 101.72 15.74 8.88
N LEU E 362 101.45 16.83 9.58
CA LEU E 362 101.70 18.16 9.00
C LEU E 362 103.18 18.38 8.71
N ASP E 363 104.03 17.84 9.57
CA ASP E 363 105.48 18.01 9.39
C ASP E 363 106.11 16.89 8.60
N ASN E 364 105.34 15.83 8.37
CA ASN E 364 105.85 14.67 7.64
C ASN E 364 107.03 14.09 8.40
N THR E 365 106.81 13.82 9.69
CA THR E 365 107.83 13.25 10.55
C THR E 365 107.29 11.90 11.02
N PRO E 366 107.27 10.90 10.13
CA PRO E 366 106.79 9.54 10.40
C PRO E 366 107.27 8.94 11.71
N ALA E 367 108.48 9.30 12.12
CA ALA E 367 109.01 8.79 13.37
C ALA E 367 108.13 9.24 14.53
N LEU E 368 107.58 10.45 14.39
CA LEU E 368 106.72 11.04 15.42
C LEU E 368 105.39 10.27 15.44
N CYS E 369 104.82 10.05 14.26
CA CYS E 369 103.55 9.33 14.15
C CYS E 369 103.65 7.93 14.73
N LYS E 370 104.75 7.24 14.43
CA LYS E 370 104.96 5.88 14.93
C LYS E 370 104.99 5.90 16.45
N PHE E 371 105.61 6.93 17.02
CA PHE E 371 105.69 7.06 18.47
C PHE E 371 104.30 7.25 19.05
N ALA E 372 103.52 8.11 18.41
CA ALA E 372 102.16 8.40 18.86
C ALA E 372 101.36 7.11 18.92
N ASN E 373 101.46 6.30 17.87
CA ASN E 373 100.74 5.02 17.80
C ASN E 373 101.14 4.01 18.87
N ILE E 374 102.44 3.83 19.08
CA ILE E 374 102.87 2.88 20.09
C ILE E 374 102.47 3.39 21.47
N LEU E 375 102.27 4.70 21.58
CA LEU E 375 101.87 5.31 22.84
C LEU E 375 100.44 4.87 23.16
N GLU E 376 99.56 4.97 22.16
CA GLU E 376 98.17 4.56 22.32
C GLU E 376 98.12 3.04 22.51
N SER E 377 98.88 2.36 21.65
CA SER E 377 98.96 0.91 21.68
C SER E 377 99.39 0.42 23.07
N ALA E 378 100.42 1.06 23.61
CA ALA E 378 100.95 0.70 24.94
C ALA E 378 99.97 1.05 26.06
N THR E 379 99.27 2.15 25.92
CA THR E 379 98.32 2.58 26.94
C THR E 379 97.11 1.63 26.99
N LEU E 380 96.72 1.11 25.84
CA LEU E 380 95.57 0.21 25.76
C LEU E 380 95.91 -1.20 26.25
N ASN E 381 97.06 -1.73 25.83
CA ASN E 381 97.46 -3.06 26.24
C ASN E 381 97.61 -3.13 27.76
N THR E 382 97.97 -2.00 28.36
CA THR E 382 98.13 -1.92 29.81
C THR E 382 96.88 -2.37 30.55
N VAL E 383 95.73 -2.18 29.92
CA VAL E 383 94.46 -2.58 30.53
C VAL E 383 93.85 -3.78 29.81
N GLN E 384 94.06 -3.86 28.51
CA GLN E 384 93.51 -4.95 27.71
C GLN E 384 94.22 -6.28 27.94
N GLN E 385 95.55 -6.23 28.06
CA GLN E 385 96.33 -7.45 28.27
C GLN E 385 96.89 -7.63 29.67
N ASP E 386 97.40 -6.56 30.26
CA ASP E 386 97.97 -6.63 31.60
C ASP E 386 96.93 -6.48 32.70
N GLY E 387 95.67 -6.27 32.31
CA GLY E 387 94.61 -6.12 33.29
C GLY E 387 94.80 -5.03 34.32
N ILE E 388 95.81 -4.18 34.12
CA ILE E 388 96.09 -3.09 35.04
C ILE E 388 95.24 -1.89 34.64
N MET E 389 94.27 -1.56 35.49
CA MET E 389 93.38 -0.43 35.22
C MET E 389 93.08 0.36 36.49
N THR E 390 92.35 1.45 36.34
CA THR E 390 91.99 2.29 37.48
C THR E 390 90.59 1.97 38.00
N LYS E 391 90.22 2.62 39.10
CA LYS E 391 88.94 2.43 39.75
C LYS E 391 87.74 2.37 38.80
N ASP E 392 87.42 3.51 38.19
CA ASP E 392 86.28 3.60 37.27
C ASP E 392 86.17 2.43 36.30
N LEU E 393 87.27 2.11 35.61
CA LEU E 393 87.25 1.01 34.66
C LEU E 393 87.02 -0.34 35.35
N ALA E 394 87.44 -0.43 36.60
CA ALA E 394 87.27 -1.66 37.38
C ALA E 394 85.79 -1.83 37.68
N LEU E 395 85.18 -0.82 38.31
CA LEU E 395 83.77 -0.85 38.65
C LEU E 395 82.92 -0.99 37.39
N ALA E 396 83.56 -0.79 36.23
CA ALA E 396 82.89 -0.89 34.95
C ALA E 396 82.84 -2.34 34.47
N CYS E 397 83.84 -3.12 34.85
CA CYS E 397 83.92 -4.52 34.46
C CYS E 397 83.13 -5.39 35.44
N GLY E 398 82.57 -4.75 36.47
CA GLY E 398 81.81 -5.48 37.46
C GLY E 398 82.61 -5.85 38.69
N ASN E 399 83.93 -5.67 38.60
CA ASN E 399 84.83 -5.97 39.71
C ASN E 399 84.96 -4.77 40.63
N ASN E 400 84.26 -4.83 41.76
CA ASN E 400 84.27 -3.73 42.73
C ASN E 400 85.38 -3.80 43.76
N GLU E 401 86.03 -4.95 43.87
CA GLU E 401 87.12 -5.12 44.84
C GLU E 401 88.18 -4.04 44.66
N ARG E 402 88.84 -3.68 45.77
CA ARG E 402 89.87 -2.65 45.73
C ARG E 402 91.13 -3.17 45.02
N SER E 403 91.39 -4.46 45.16
CA SER E 403 92.57 -5.06 44.53
C SER E 403 92.36 -5.27 43.03
N ALA E 404 91.31 -4.67 42.49
CA ALA E 404 91.01 -4.80 41.07
C ALA E 404 91.59 -3.65 40.26
N TYR E 405 91.97 -2.58 40.95
CA TYR E 405 92.54 -1.41 40.28
C TYR E 405 93.77 -0.83 40.98
N VAL E 406 94.65 -0.22 40.20
CA VAL E 406 95.87 0.38 40.72
C VAL E 406 95.67 1.89 40.88
N THR E 407 96.59 2.54 41.57
CA THR E 407 96.50 3.98 41.79
C THR E 407 96.73 4.74 40.48
N THR E 408 96.61 6.06 40.54
CA THR E 408 96.79 6.91 39.36
C THR E 408 98.24 6.84 38.86
N GLU E 409 99.17 7.22 39.74
CA GLU E 409 100.59 7.22 39.41
C GLU E 409 101.03 5.84 38.95
N GLU E 410 100.44 4.82 39.55
CA GLU E 410 100.76 3.44 39.23
C GLU E 410 100.37 3.06 37.80
N PHE E 411 99.16 3.44 37.41
CA PHE E 411 98.68 3.12 36.07
C PHE E 411 99.59 3.78 35.04
N LEU E 412 100.04 4.99 35.35
CA LEU E 412 100.92 5.73 34.47
C LEU E 412 102.28 5.05 34.39
N ASP E 413 102.81 4.66 35.54
CA ASP E 413 104.09 3.98 35.59
C ASP E 413 104.03 2.67 34.81
N ALA E 414 102.86 2.03 34.85
CA ALA E 414 102.66 0.79 34.13
C ALA E 414 102.73 1.03 32.63
N VAL E 415 102.01 2.05 32.16
CA VAL E 415 102.01 2.39 30.74
C VAL E 415 103.42 2.73 30.29
N GLU E 416 104.11 3.56 31.07
CA GLU E 416 105.47 3.95 30.75
C GLU E 416 106.36 2.74 30.54
N LYS E 417 106.20 1.74 31.40
CA LYS E 417 106.97 0.53 31.31
C LYS E 417 106.70 -0.20 30.01
N ARG E 418 105.44 -0.25 29.61
CA ARG E 418 105.08 -0.93 28.37
C ARG E 418 105.50 -0.10 27.16
N LEU E 419 105.62 1.20 27.35
CA LEU E 419 106.03 2.10 26.28
C LEU E 419 107.46 1.74 25.91
N GLN E 420 108.21 1.30 26.90
CA GLN E 420 109.60 0.88 26.71
C GLN E 420 109.64 -0.40 25.92
N LYS E 421 108.78 -1.34 26.30
CA LYS E 421 108.70 -2.64 25.62
C LYS E 421 108.58 -2.46 24.11
N GLU E 422 107.60 -1.67 23.69
CA GLU E 422 107.37 -1.44 22.26
C GLU E 422 108.43 -0.57 21.60
N ILE E 423 108.82 0.51 22.27
CA ILE E 423 109.83 1.41 21.72
C ILE E 423 111.18 0.69 21.63
N LYS E 424 111.32 -0.37 22.41
CA LYS E 424 112.55 -1.16 22.43
C LYS E 424 112.28 -2.62 22.06
N SER E 425 111.61 -2.83 20.93
CA SER E 425 111.29 -4.18 20.48
C SER E 425 111.26 -4.25 18.95
N PHE F 16 27.67 -9.82 27.98
CA PHE F 16 28.40 -8.69 28.62
C PHE F 16 27.67 -7.36 28.45
N SER F 17 27.29 -6.75 29.57
CA SER F 17 26.61 -5.47 29.53
C SER F 17 27.69 -4.41 29.33
N LYS F 18 27.47 -3.52 28.37
CA LYS F 18 28.45 -2.48 28.08
C LYS F 18 28.66 -1.52 29.26
N ILE F 19 29.92 -1.10 29.42
CA ILE F 19 30.26 -0.18 30.49
C ILE F 19 29.90 1.22 30.00
N LYS F 20 29.10 1.94 30.78
CA LYS F 20 28.68 3.28 30.39
C LYS F 20 29.72 4.33 30.76
N VAL F 21 30.21 5.04 29.76
CA VAL F 21 31.19 6.10 29.98
C VAL F 21 30.38 7.36 30.31
N LYS F 22 30.58 7.87 31.51
CA LYS F 22 29.87 9.05 31.99
C LYS F 22 29.98 10.28 31.09
N GLN F 23 31.20 10.77 30.89
CA GLN F 23 31.42 11.95 30.07
C GLN F 23 31.89 11.59 28.66
N PRO F 24 31.64 12.48 27.68
CA PRO F 24 32.06 12.21 26.30
C PRO F 24 33.58 12.15 26.17
N VAL F 25 34.05 11.43 25.16
CA VAL F 25 35.47 11.31 24.90
C VAL F 25 35.73 11.94 23.53
N VAL F 26 36.79 12.73 23.43
CA VAL F 26 37.11 13.37 22.17
C VAL F 26 38.04 12.48 21.37
N GLU F 27 37.66 12.18 20.14
CA GLU F 27 38.44 11.30 19.26
C GLU F 27 38.96 12.04 18.05
N LEU F 28 40.28 12.01 17.87
CA LEU F 28 40.90 12.66 16.73
C LEU F 28 41.38 11.56 15.80
N ASP F 29 40.72 11.41 14.66
CA ASP F 29 41.08 10.38 13.69
C ASP F 29 42.30 10.81 12.89
N GLY F 30 43.06 9.84 12.39
CA GLY F 30 44.28 10.14 11.66
C GLY F 30 44.41 9.80 10.18
N ASP F 31 45.62 9.37 9.82
CA ASP F 31 45.95 9.06 8.43
C ASP F 31 46.40 7.63 8.12
N GLU F 32 46.28 7.30 6.83
CA GLU F 32 46.67 6.02 6.24
C GLU F 32 46.57 4.76 7.10
N MET F 33 47.67 4.01 7.19
CA MET F 33 47.67 2.76 7.95
C MET F 33 47.15 2.90 9.36
N THR F 34 47.69 3.85 10.11
CA THR F 34 47.24 4.04 11.49
C THR F 34 45.75 4.34 11.53
N ARG F 35 45.22 4.96 10.48
CA ARG F 35 43.80 5.26 10.44
C ARG F 35 43.03 3.94 10.30
N ILE F 36 43.49 3.09 9.38
CA ILE F 36 42.84 1.79 9.17
C ILE F 36 42.84 0.99 10.49
N ILE F 37 43.99 0.95 11.15
CA ILE F 37 44.13 0.24 12.41
C ILE F 37 43.27 0.86 13.51
N TRP F 38 43.17 2.18 13.50
CA TRP F 38 42.40 2.92 14.49
C TRP F 38 40.93 2.53 14.42
N ASP F 39 40.41 2.43 13.22
CA ASP F 39 39.01 2.06 13.03
C ASP F 39 38.71 0.65 13.53
N LYS F 40 39.64 -0.27 13.28
CA LYS F 40 39.53 -1.66 13.71
C LYS F 40 39.51 -1.75 15.25
N ILE F 41 40.44 -1.06 15.90
CA ILE F 41 40.49 -1.06 17.35
C ILE F 41 39.15 -0.61 17.92
N LYS F 42 38.68 0.52 17.42
CA LYS F 42 37.42 1.11 17.85
C LYS F 42 36.22 0.16 17.70
N LYS F 43 36.10 -0.43 16.52
CA LYS F 43 34.96 -1.32 16.28
C LYS F 43 35.03 -2.69 16.94
N LYS F 44 36.24 -3.24 17.10
CA LYS F 44 36.39 -4.57 17.69
C LYS F 44 36.80 -4.61 19.15
N LEU F 45 37.58 -3.64 19.60
CA LEU F 45 38.04 -3.66 20.99
C LEU F 45 37.41 -2.65 21.93
N ILE F 46 36.84 -1.59 21.39
CA ILE F 46 36.24 -0.56 22.25
C ILE F 46 34.71 -0.46 22.25
N LEU F 47 34.12 -0.13 21.10
CA LEU F 47 32.67 0.04 21.03
C LEU F 47 31.81 -1.12 21.54
N PRO F 48 32.19 -2.38 21.24
CA PRO F 48 31.37 -3.49 21.72
C PRO F 48 31.29 -3.59 23.24
N TYR F 49 32.25 -2.99 23.95
CA TYR F 49 32.26 -3.07 25.41
C TYR F 49 31.88 -1.81 26.15
N LEU F 50 31.95 -0.68 25.45
CA LEU F 50 31.64 0.58 26.09
C LEU F 50 30.52 1.36 25.41
N ASP F 51 29.69 1.99 26.22
CA ASP F 51 28.63 2.83 25.70
C ASP F 51 29.29 4.21 25.85
N VAL F 52 30.01 4.63 24.81
CA VAL F 52 30.72 5.91 24.85
C VAL F 52 30.21 6.91 23.84
N ASP F 53 30.20 8.16 24.26
CA ASP F 53 29.78 9.27 23.40
C ASP F 53 31.09 9.88 22.88
N LEU F 54 31.46 9.50 21.65
CA LEU F 54 32.69 9.99 21.05
C LEU F 54 32.51 11.26 20.23
N LYS F 55 33.21 12.32 20.61
CA LYS F 55 33.16 13.59 19.88
C LYS F 55 34.25 13.44 18.81
N TYR F 56 33.80 13.12 17.59
CA TYR F 56 34.70 12.86 16.48
C TYR F 56 35.26 14.02 15.68
N TYR F 57 36.58 14.04 15.54
CA TYR F 57 37.27 15.06 14.75
C TYR F 57 38.19 14.35 13.77
N ASP F 58 37.96 14.58 12.48
CA ASP F 58 38.76 13.96 11.45
C ASP F 58 40.00 14.81 11.15
N LEU F 59 41.15 14.40 11.67
CA LEU F 59 42.38 15.15 11.41
C LEU F 59 43.22 14.50 10.32
N SER F 60 42.55 13.93 9.33
CA SER F 60 43.26 13.33 8.21
C SER F 60 43.84 14.52 7.47
N VAL F 61 44.86 14.28 6.65
CA VAL F 61 45.48 15.35 5.87
C VAL F 61 44.44 16.07 5.02
N GLU F 62 43.61 15.29 4.32
CA GLU F 62 42.59 15.85 3.45
C GLU F 62 41.56 16.67 4.22
N SER F 63 41.20 16.20 5.41
CA SER F 63 40.24 16.90 6.24
C SER F 63 40.84 18.24 6.69
N ARG F 64 42.09 18.20 7.18
CA ARG F 64 42.76 19.41 7.63
C ARG F 64 42.92 20.37 6.45
N ASP F 65 43.19 19.83 5.27
CA ASP F 65 43.36 20.69 4.11
C ASP F 65 42.04 21.36 3.77
N ALA F 66 40.97 20.58 3.71
CA ALA F 66 39.65 21.10 3.37
C ALA F 66 39.19 22.19 4.34
N THR F 67 39.58 22.10 5.60
CA THR F 67 39.17 23.09 6.60
C THR F 67 40.25 24.13 6.89
N SER F 68 41.33 24.12 6.11
CA SER F 68 42.43 25.04 6.32
C SER F 68 42.96 24.85 7.73
N ASP F 69 43.01 23.58 8.15
CA ASP F 69 43.51 23.15 9.46
C ASP F 69 42.67 23.63 10.64
N LYS F 70 41.47 24.11 10.35
CA LYS F 70 40.58 24.59 11.39
C LYS F 70 40.11 23.41 12.25
N ILE F 71 39.91 22.25 11.61
CA ILE F 71 39.46 21.05 12.34
C ILE F 71 40.43 20.75 13.50
N THR F 72 41.72 21.01 13.30
CA THR F 72 42.70 20.74 14.35
C THR F 72 42.45 21.65 15.55
N GLN F 73 42.22 22.94 15.29
CA GLN F 73 41.95 23.88 16.37
C GLN F 73 40.64 23.50 17.08
N ASP F 74 39.64 23.13 16.30
CA ASP F 74 38.36 22.73 16.88
C ASP F 74 38.55 21.54 17.81
N ALA F 75 39.32 20.56 17.35
CA ALA F 75 39.56 19.37 18.14
C ALA F 75 40.25 19.70 19.46
N ALA F 76 41.30 20.53 19.38
CA ALA F 76 42.02 20.90 20.60
C ALA F 76 41.08 21.58 21.59
N GLU F 77 40.19 22.42 21.09
CA GLU F 77 39.25 23.11 21.97
C GLU F 77 38.24 22.12 22.56
N ALA F 78 37.91 21.09 21.80
CA ALA F 78 36.97 20.08 22.28
C ALA F 78 37.61 19.37 23.47
N ILE F 79 38.90 19.05 23.33
CA ILE F 79 39.62 18.36 24.40
C ILE F 79 39.55 19.22 25.65
N LYS F 80 39.83 20.52 25.50
CA LYS F 80 39.78 21.45 26.62
C LYS F 80 38.40 21.41 27.26
N LYS F 81 37.37 21.39 26.42
CA LYS F 81 35.99 21.37 26.89
C LYS F 81 35.58 20.10 27.64
N TYR F 82 35.85 18.91 27.07
CA TYR F 82 35.44 17.68 27.72
C TYR F 82 36.45 17.03 28.68
N GLY F 83 37.72 17.41 28.56
CA GLY F 83 38.72 16.88 29.47
C GLY F 83 39.66 15.80 28.96
N VAL F 84 39.16 14.87 28.16
CA VAL F 84 40.02 13.80 27.65
C VAL F 84 39.91 13.59 26.15
N GLY F 85 41.07 13.55 25.50
CA GLY F 85 41.11 13.34 24.07
C GLY F 85 42.00 12.16 23.74
N ILE F 86 41.66 11.45 22.67
CA ILE F 86 42.42 10.28 22.23
C ILE F 86 42.74 10.52 20.76
N LYS F 87 44.02 10.55 20.43
CA LYS F 87 44.44 10.85 19.07
C LYS F 87 45.17 9.78 18.27
N CYS F 88 44.75 9.63 17.02
CA CYS F 88 45.36 8.68 16.09
C CYS F 88 46.57 9.37 15.44
N ALA F 89 47.59 8.60 15.10
CA ALA F 89 48.78 9.18 14.46
C ALA F 89 48.34 9.93 13.20
N THR F 90 48.93 11.10 12.98
CA THR F 90 48.62 11.91 11.82
C THR F 90 49.86 12.19 10.99
N ILE F 91 49.66 12.68 9.78
CA ILE F 91 50.76 13.00 8.89
C ILE F 91 50.95 14.51 8.79
N THR F 92 52.21 14.94 8.86
CA THR F 92 52.55 16.35 8.71
C THR F 92 53.11 16.37 7.29
N PRO F 93 52.35 16.90 6.34
CA PRO F 93 52.76 16.98 4.93
C PRO F 93 54.04 17.75 4.65
N ASP F 94 54.92 17.13 3.86
CA ASP F 94 56.16 17.77 3.47
C ASP F 94 56.03 18.25 2.03
N GLU F 95 57.10 18.81 1.47
CA GLU F 95 57.08 19.31 0.10
C GLU F 95 56.48 18.28 -0.86
N ALA F 96 57.01 17.06 -0.81
CA ALA F 96 56.55 15.98 -1.66
C ALA F 96 55.04 15.77 -1.60
N ARG F 97 54.52 15.57 -0.39
CA ARG F 97 53.10 15.34 -0.21
C ARG F 97 52.24 16.52 -0.63
N VAL F 98 52.72 17.74 -0.38
CA VAL F 98 51.97 18.93 -0.76
C VAL F 98 51.73 18.95 -2.27
N LYS F 99 52.75 18.58 -3.03
CA LYS F 99 52.64 18.56 -4.49
C LYS F 99 51.87 17.33 -4.98
N GLU F 100 52.20 16.17 -4.43
CA GLU F 100 51.55 14.93 -4.86
C GLU F 100 50.05 14.92 -4.56
N PHE F 101 49.64 15.57 -3.48
CA PHE F 101 48.22 15.60 -3.12
C PHE F 101 47.58 16.98 -3.28
N ASN F 102 48.24 17.84 -4.04
CA ASN F 102 47.73 19.19 -4.31
C ASN F 102 47.11 19.84 -3.07
N LEU F 103 47.93 20.02 -2.02
CA LEU F 103 47.45 20.64 -0.79
C LEU F 103 47.66 22.15 -0.83
N HIS F 104 46.84 22.88 -0.09
CA HIS F 104 46.92 24.33 -0.05
C HIS F 104 48.21 24.87 0.54
N LYS F 105 48.90 24.06 1.32
CA LYS F 105 50.16 24.47 1.93
C LYS F 105 50.73 23.37 2.80
N MET F 106 51.96 23.56 3.27
CA MET F 106 52.61 22.58 4.13
C MET F 106 52.12 22.79 5.55
N TRP F 107 50.91 22.30 5.83
CA TRP F 107 50.29 22.43 7.13
C TRP F 107 51.21 22.04 8.28
N LYS F 108 51.12 22.79 9.38
CA LYS F 108 51.93 22.52 10.57
C LYS F 108 51.48 21.23 11.24
N SER F 109 52.35 20.67 12.06
CA SER F 109 52.07 19.45 12.80
C SER F 109 50.88 19.60 13.73
N PRO F 110 49.85 18.75 13.55
CA PRO F 110 48.67 18.81 14.41
C PRO F 110 49.04 18.66 15.87
N ASN F 111 50.08 17.88 16.16
CA ASN F 111 50.51 17.68 17.53
C ASN F 111 51.04 18.99 18.12
N GLY F 112 51.84 19.70 17.32
CA GLY F 112 52.39 20.96 17.78
C GLY F 112 51.28 21.97 18.08
N THR F 113 50.31 22.05 17.17
CA THR F 113 49.18 22.97 17.34
C THR F 113 48.42 22.63 18.61
N ILE F 114 48.12 21.34 18.79
CA ILE F 114 47.38 20.89 19.94
C ILE F 114 48.15 21.12 21.24
N ARG F 115 49.44 20.81 21.24
CA ARG F 115 50.26 21.03 22.43
C ARG F 115 50.34 22.52 22.76
N ASN F 116 50.44 23.37 21.74
CA ASN F 116 50.55 24.80 21.97
C ASN F 116 49.25 25.34 22.58
N ILE F 117 48.12 24.85 22.07
CA ILE F 117 46.82 25.28 22.57
C ILE F 117 46.54 24.81 24.00
N LEU F 118 46.75 23.52 24.24
CA LEU F 118 46.49 22.94 25.56
C LEU F 118 47.58 23.23 26.59
N GLY F 119 48.83 23.28 26.13
CA GLY F 119 49.94 23.52 27.02
C GLY F 119 50.17 22.31 27.92
N GLY F 120 51.09 22.43 28.87
CA GLY F 120 51.33 21.31 29.76
C GLY F 120 52.59 20.50 29.53
N THR F 121 52.49 19.21 29.79
CA THR F 121 53.63 18.31 29.65
C THR F 121 53.25 17.02 28.95
N VAL F 122 54.16 16.51 28.13
CA VAL F 122 53.93 15.26 27.43
C VAL F 122 54.75 14.15 28.06
N PHE F 123 54.07 13.23 28.72
CA PHE F 123 54.74 12.12 29.37
C PHE F 123 54.82 10.94 28.43
N ARG F 124 56.04 10.46 28.24
CA ARG F 124 56.25 9.33 27.36
C ARG F 124 57.01 8.27 28.12
N GLU F 125 56.52 7.04 28.01
CA GLU F 125 57.16 5.92 28.66
C GLU F 125 56.98 4.68 27.81
N PRO F 126 57.93 3.75 27.89
CA PRO F 126 57.88 2.53 27.10
C PRO F 126 56.76 1.58 27.49
N ILE F 127 56.35 0.76 26.54
CA ILE F 127 55.34 -0.26 26.79
C ILE F 127 56.24 -1.48 26.88
N VAL F 128 56.42 -1.99 28.09
CA VAL F 128 57.32 -3.12 28.31
C VAL F 128 56.71 -4.50 28.09
N ILE F 129 57.35 -5.25 27.19
CA ILE F 129 56.94 -6.61 26.88
C ILE F 129 58.21 -7.44 27.14
N PRO F 130 58.30 -8.08 28.31
CA PRO F 130 59.43 -8.91 28.73
C PRO F 130 60.16 -9.66 27.61
N ARG F 131 59.39 -10.38 26.79
CA ARG F 131 59.96 -11.15 25.69
C ARG F 131 60.80 -10.32 24.72
N ILE F 132 60.51 -9.03 24.62
CA ILE F 132 61.23 -8.16 23.70
C ILE F 132 62.63 -7.76 24.18
N PRO F 133 63.64 -7.96 23.33
CA PRO F 133 65.04 -7.63 23.65
C PRO F 133 65.24 -6.13 23.84
N ARG F 134 66.00 -5.75 24.86
CA ARG F 134 66.28 -4.35 25.13
C ARG F 134 67.67 -3.98 24.63
N LEU F 135 67.72 -3.05 23.68
CA LEU F 135 68.99 -2.62 23.12
C LEU F 135 69.95 -2.08 24.19
N VAL F 136 69.41 -1.75 25.36
CA VAL F 136 70.21 -1.28 26.48
C VAL F 136 69.82 -2.20 27.65
N PRO F 137 70.51 -3.35 27.77
CA PRO F 137 70.33 -4.40 28.78
C PRO F 137 69.99 -3.98 30.20
N ARG F 138 70.84 -3.17 30.82
CA ARG F 138 70.62 -2.75 32.20
C ARG F 138 69.27 -2.08 32.47
N TRP F 139 68.60 -1.60 31.43
CA TRP F 139 67.31 -0.92 31.59
C TRP F 139 66.20 -1.89 31.97
N GLU F 140 66.13 -2.20 33.26
CA GLU F 140 65.14 -3.13 33.78
C GLU F 140 63.94 -2.42 34.40
N LYS F 141 64.02 -1.10 34.49
CA LYS F 141 62.93 -0.31 35.04
C LYS F 141 62.57 0.82 34.10
N PRO F 142 61.26 1.09 33.95
CA PRO F 142 60.75 2.15 33.08
C PRO F 142 61.34 3.53 33.30
N ILE F 143 61.78 4.16 32.23
CA ILE F 143 62.31 5.52 32.28
C ILE F 143 61.19 6.37 31.70
N ILE F 144 60.71 7.33 32.46
CA ILE F 144 59.65 8.21 31.98
C ILE F 144 60.21 9.55 31.59
N ILE F 145 59.76 10.07 30.45
CA ILE F 145 60.22 11.37 30.01
C ILE F 145 59.10 12.39 30.07
N GLY F 146 59.31 13.42 30.89
CA GLY F 146 58.33 14.48 31.01
C GLY F 146 58.82 15.60 30.10
N ARG F 147 58.25 15.66 28.90
CA ARG F 147 58.65 16.65 27.91
C ARG F 147 57.79 17.91 28.00
N HIS F 148 58.42 19.07 28.21
CA HIS F 148 57.68 20.34 28.29
C HIS F 148 57.02 20.45 26.91
N ALA F 149 55.70 20.54 26.90
CA ALA F 149 54.94 20.59 25.65
C ALA F 149 54.84 21.93 24.94
N HIS F 150 55.33 22.99 25.56
CA HIS F 150 55.20 24.32 24.97
C HIS F 150 56.47 25.14 24.74
N GLY F 151 56.44 25.93 23.66
CA GLY F 151 57.53 26.83 23.33
C GLY F 151 58.82 26.34 22.71
N ASP F 152 59.88 27.10 22.98
CA ASP F 152 61.21 26.84 22.46
C ASP F 152 61.19 26.72 20.94
N GLN F 153 62.03 25.84 20.39
CA GLN F 153 62.13 25.68 18.95
C GLN F 153 60.82 25.51 18.20
N TYR F 154 59.82 24.91 18.84
CA TYR F 154 58.55 24.64 18.20
C TYR F 154 57.64 25.84 17.95
N LYS F 155 57.98 26.98 18.54
CA LYS F 155 57.21 28.20 18.36
C LYS F 155 58.20 29.31 17.97
N ALA F 156 59.40 28.88 17.63
CA ALA F 156 60.46 29.80 17.26
C ALA F 156 60.28 30.50 15.93
N THR F 157 61.03 31.58 15.78
CA THR F 157 61.04 32.36 14.55
C THR F 157 62.46 32.19 14.01
N ASP F 158 62.59 31.71 12.78
CA ASP F 158 63.90 31.53 12.18
C ASP F 158 63.90 32.17 10.80
N THR F 159 65.08 32.55 10.32
CA THR F 159 65.15 33.21 9.03
C THR F 159 66.55 33.17 8.42
N LEU F 160 66.62 33.44 7.13
CA LEU F 160 67.88 33.51 6.43
C LEU F 160 68.38 34.95 6.50
N ILE F 161 69.69 35.11 6.71
CA ILE F 161 70.32 36.41 6.76
C ILE F 161 71.15 36.47 5.48
N PRO F 162 70.67 37.23 4.48
CA PRO F 162 71.31 37.40 3.17
C PRO F 162 72.71 38.01 3.11
N GLY F 163 73.09 38.78 4.13
CA GLY F 163 74.40 39.39 4.11
C GLY F 163 74.78 40.11 5.38
N PRO F 164 75.92 40.85 5.36
CA PRO F 164 76.43 41.61 6.51
C PRO F 164 75.36 42.52 7.10
N GLY F 165 75.34 42.63 8.42
CA GLY F 165 74.35 43.47 9.06
C GLY F 165 74.22 43.13 10.52
N SER F 166 73.55 44.00 11.27
CA SER F 166 73.37 43.77 12.70
C SER F 166 72.09 42.99 12.97
N LEU F 167 72.13 42.19 14.02
CA LEU F 167 71.00 41.37 14.45
C LEU F 167 70.75 41.73 15.90
N GLU F 168 69.53 42.13 16.22
CA GLU F 168 69.20 42.51 17.60
C GLU F 168 67.91 41.88 18.10
N LEU F 169 67.86 41.68 19.42
CA LEU F 169 66.70 41.11 20.09
C LEU F 169 66.06 42.30 20.80
N VAL F 170 64.87 42.71 20.36
CA VAL F 170 64.20 43.87 20.94
C VAL F 170 62.93 43.59 21.74
N TYR F 171 62.93 44.01 22.99
CA TYR F 171 61.80 43.85 23.88
C TYR F 171 61.24 45.21 24.28
N LYS F 172 59.91 45.33 24.26
CA LYS F 172 59.23 46.57 24.62
C LYS F 172 58.13 46.26 25.63
N PRO F 173 58.37 46.56 26.92
CA PRO F 173 57.36 46.28 27.95
C PRO F 173 56.05 47.01 27.68
N SER F 174 54.93 46.32 27.90
CA SER F 174 53.63 46.93 27.68
C SER F 174 53.44 48.07 28.68
N ASP F 175 54.08 47.93 29.84
CA ASP F 175 53.99 48.95 30.88
C ASP F 175 55.40 49.44 31.24
N PRO F 176 55.86 50.51 30.58
CA PRO F 176 57.18 51.09 30.83
C PRO F 176 57.39 51.57 32.26
N THR F 177 56.30 51.88 32.96
CA THR F 177 56.40 52.38 34.33
C THR F 177 56.90 51.31 35.30
N THR F 178 56.78 50.04 34.92
CA THR F 178 57.23 48.94 35.77
C THR F 178 58.42 48.19 35.15
N ALA F 179 58.29 47.84 33.87
CA ALA F 179 59.33 47.12 33.17
C ALA F 179 60.12 48.01 32.21
N GLN F 180 61.39 47.68 32.01
CA GLN F 180 62.27 48.44 31.13
C GLN F 180 62.43 47.74 29.78
N PRO F 181 62.70 48.51 28.72
CA PRO F 181 62.88 47.94 27.38
C PRO F 181 64.23 47.24 27.24
N GLN F 182 64.38 46.45 26.18
CA GLN F 182 65.61 45.72 25.95
C GLN F 182 66.00 45.67 24.48
N THR F 183 67.25 46.01 24.21
CA THR F 183 67.80 46.00 22.86
C THR F 183 69.16 45.33 23.00
N LEU F 184 69.22 44.04 22.67
CA LEU F 184 70.46 43.29 22.80
C LEU F 184 71.06 42.96 21.43
N LYS F 185 72.36 43.18 21.29
CA LYS F 185 73.03 42.85 20.04
C LYS F 185 73.24 41.35 20.06
N VAL F 186 72.67 40.66 19.07
CA VAL F 186 72.82 39.22 19.00
C VAL F 186 74.06 38.87 18.19
N TYR F 187 74.24 39.55 17.07
CA TYR F 187 75.39 39.31 16.21
C TYR F 187 75.50 40.29 15.05
N ASP F 188 76.71 40.50 14.58
CA ASP F 188 76.96 41.37 13.44
C ASP F 188 77.53 40.48 12.36
N TYR F 189 76.67 40.09 11.41
CA TYR F 189 77.10 39.22 10.33
C TYR F 189 78.05 39.92 9.37
N LYS F 190 79.06 39.18 8.92
CA LYS F 190 80.03 39.69 7.96
C LYS F 190 79.83 38.92 6.67
N GLY F 191 78.79 38.09 6.68
CA GLY F 191 78.44 37.27 5.54
C GLY F 191 77.05 36.72 5.75
N SER F 192 76.54 35.93 4.81
CA SER F 192 75.21 35.36 4.93
C SER F 192 75.15 34.27 6.02
N GLY F 193 73.98 34.07 6.58
CA GLY F 193 73.82 33.07 7.61
C GLY F 193 72.37 32.81 7.93
N VAL F 194 72.14 32.38 9.16
CA VAL F 194 70.80 32.08 9.62
C VAL F 194 70.65 32.62 11.04
N ALA F 195 69.42 32.88 11.43
CA ALA F 195 69.14 33.40 12.75
C ALA F 195 67.81 32.89 13.24
N MET F 196 67.65 32.85 14.55
CA MET F 196 66.39 32.43 15.13
C MET F 196 66.26 32.91 16.56
N ALA F 197 65.03 33.00 17.01
CA ALA F 197 64.74 33.44 18.36
C ALA F 197 63.59 32.59 18.84
N MET F 198 63.57 32.30 20.13
CA MET F 198 62.51 31.49 20.70
C MET F 198 62.20 31.98 22.10
N TYR F 199 61.05 31.57 22.59
CA TYR F 199 60.62 32.02 23.91
C TYR F 199 59.93 30.93 24.70
N ASN F 200 59.60 31.29 25.92
CA ASN F 200 58.85 30.45 26.82
C ASN F 200 58.38 31.33 27.95
N THR F 201 57.37 30.90 28.68
CA THR F 201 56.82 31.72 29.75
C THR F 201 56.95 31.08 31.11
N ASP F 202 57.00 31.91 32.14
CA ASP F 202 57.12 31.44 33.51
C ASP F 202 55.92 30.57 33.85
N GLU F 203 54.73 31.01 33.46
CA GLU F 203 53.52 30.25 33.73
C GLU F 203 53.62 28.84 33.13
N SER F 204 54.04 28.75 31.87
CA SER F 204 54.17 27.45 31.22
C SER F 204 55.22 26.59 31.91
N ILE F 205 56.34 27.20 32.29
CA ILE F 205 57.39 26.47 32.96
C ILE F 205 56.88 25.95 34.30
N GLU F 206 56.12 26.78 35.00
CA GLU F 206 55.57 26.39 36.30
C GLU F 206 54.66 25.16 36.16
N GLY F 207 53.81 25.16 35.15
CA GLY F 207 52.92 24.02 34.94
C GLY F 207 53.73 22.75 34.72
N PHE F 208 54.76 22.87 33.88
CA PHE F 208 55.68 21.79 33.55
C PHE F 208 56.25 21.22 34.85
N ALA F 209 56.65 22.12 35.75
CA ALA F 209 57.20 21.72 37.03
C ALA F 209 56.16 20.99 37.86
N HIS F 210 54.99 21.60 38.00
CA HIS F 210 53.89 21.02 38.78
C HIS F 210 53.53 19.62 38.33
N SER F 211 53.40 19.41 37.03
CA SER F 211 53.05 18.09 36.51
C SER F 211 54.17 17.08 36.72
N SER F 212 55.42 17.52 36.57
CA SER F 212 56.56 16.63 36.74
C SER F 212 56.66 16.13 38.18
N PHE F 213 56.44 17.02 39.14
CA PHE F 213 56.52 16.64 40.55
C PHE F 213 55.41 15.70 40.96
N LYS F 214 54.18 16.02 40.56
CA LYS F 214 53.04 15.17 40.91
C LYS F 214 53.19 13.76 40.36
N LEU F 215 53.66 13.65 39.12
CA LEU F 215 53.85 12.35 38.51
C LEU F 215 54.89 11.59 39.31
N ALA F 216 55.95 12.28 39.71
CA ALA F 216 57.02 11.67 40.49
C ALA F 216 56.47 11.11 41.80
N ILE F 217 55.61 11.87 42.45
CA ILE F 217 55.01 11.43 43.71
C ILE F 217 54.10 10.23 43.45
N ASP F 218 53.17 10.40 42.50
CA ASP F 218 52.22 9.35 42.16
C ASP F 218 52.94 8.05 41.76
N LYS F 219 54.05 8.17 41.06
CA LYS F 219 54.80 7.01 40.60
C LYS F 219 55.93 6.65 41.57
N LYS F 220 56.09 7.44 42.62
CA LYS F 220 57.16 7.21 43.59
C LYS F 220 58.48 6.96 42.88
N LEU F 221 58.92 7.94 42.10
CA LEU F 221 60.17 7.82 41.38
C LEU F 221 60.98 9.10 41.51
N ASN F 222 62.30 8.98 41.37
CA ASN F 222 63.15 10.15 41.46
C ASN F 222 62.91 11.02 40.23
N LEU F 223 63.03 12.34 40.40
CA LEU F 223 62.82 13.29 39.32
C LEU F 223 64.10 14.03 38.98
N PHE F 224 64.49 14.03 37.71
CA PHE F 224 65.67 14.75 37.27
C PHE F 224 65.28 15.76 36.19
N LEU F 225 65.62 17.03 36.39
CA LEU F 225 65.34 18.07 35.41
C LEU F 225 66.68 18.36 34.74
N SER F 226 66.74 18.29 33.42
CA SER F 226 68.00 18.53 32.71
C SER F 226 67.97 19.74 31.80
N THR F 227 68.97 20.61 31.95
CA THR F 227 69.08 21.81 31.13
C THR F 227 70.54 22.07 30.78
N LYS F 228 70.77 23.19 30.10
CA LYS F 228 72.11 23.62 29.72
C LYS F 228 72.27 24.98 30.35
N ASN F 229 71.85 25.11 31.61
CA ASN F 229 71.92 26.40 32.29
C ASN F 229 73.33 26.96 32.41
N THR F 230 74.32 26.15 32.10
CA THR F 230 75.71 26.59 32.16
C THR F 230 76.01 27.47 30.94
N ILE F 231 75.28 27.23 29.86
CA ILE F 231 75.46 27.99 28.62
C ILE F 231 74.34 29.00 28.45
N LEU F 232 73.12 28.59 28.79
CA LEU F 232 71.97 29.47 28.69
C LEU F 232 71.57 29.82 30.12
N LYS F 233 72.48 30.49 30.80
CA LYS F 233 72.32 30.88 32.20
C LYS F 233 70.99 31.56 32.54
N LYS F 234 70.42 32.31 31.62
CA LYS F 234 69.16 32.97 31.91
C LYS F 234 67.93 32.16 31.47
N TYR F 235 67.95 31.71 30.23
CA TYR F 235 66.83 30.93 29.66
C TYR F 235 66.66 29.60 30.40
N ASP F 236 67.70 28.77 30.38
CA ASP F 236 67.63 27.47 31.06
C ASP F 236 67.69 27.64 32.57
N GLY F 237 68.39 28.68 33.03
CA GLY F 237 68.50 28.93 34.45
C GLY F 237 67.13 29.16 35.04
N ARG F 238 66.21 29.70 34.25
CA ARG F 238 64.85 29.95 34.72
C ARG F 238 64.11 28.63 35.00
N PHE F 239 64.34 27.62 34.15
CA PHE F 239 63.70 26.32 34.34
C PHE F 239 64.19 25.75 35.67
N LYS F 240 65.50 25.79 35.85
CA LYS F 240 66.13 25.29 37.07
C LYS F 240 65.56 25.98 38.31
N ASP F 241 65.55 27.32 38.31
CA ASP F 241 65.06 28.07 39.45
C ASP F 241 63.57 27.88 39.74
N ILE F 242 62.75 27.87 38.70
CA ILE F 242 61.30 27.70 38.90
C ILE F 242 61.02 26.32 39.50
N PHE F 243 61.63 25.29 38.95
CA PHE F 243 61.44 23.94 39.47
C PHE F 243 61.86 23.86 40.93
N GLN F 244 63.09 24.27 41.22
CA GLN F 244 63.60 24.25 42.59
C GLN F 244 62.69 25.07 43.50
N GLU F 245 62.20 26.19 42.98
CA GLU F 245 61.32 27.06 43.72
C GLU F 245 60.01 26.36 44.05
N VAL F 246 59.38 25.77 43.03
CA VAL F 246 58.13 25.06 43.21
C VAL F 246 58.35 23.84 44.10
N TYR F 247 59.49 23.19 43.93
CA TYR F 247 59.83 22.01 44.71
C TYR F 247 59.83 22.29 46.21
N GLU F 248 60.68 23.22 46.65
CA GLU F 248 60.79 23.55 48.06
C GLU F 248 59.50 24.09 48.64
N ALA F 249 58.74 24.83 47.86
CA ALA F 249 57.51 25.40 48.35
C ALA F 249 56.26 24.56 48.13
N GLN F 250 56.41 23.25 47.94
CA GLN F 250 55.21 22.44 47.72
C GLN F 250 55.36 20.92 47.67
N TYR F 251 56.49 20.42 47.21
CA TYR F 251 56.66 18.97 47.10
C TYR F 251 57.82 18.35 47.87
N LYS F 252 58.72 19.17 48.39
CA LYS F 252 59.88 18.63 49.11
C LYS F 252 59.48 17.67 50.23
N SER F 253 58.43 18.00 50.96
CA SER F 253 57.97 17.15 52.06
C SER F 253 57.52 15.78 51.56
N LYS F 254 56.70 15.77 50.51
CA LYS F 254 56.21 14.51 49.93
C LYS F 254 57.37 13.64 49.49
N PHE F 255 58.27 14.21 48.70
CA PHE F 255 59.44 13.48 48.22
C PHE F 255 60.18 12.83 49.38
N GLU F 256 60.38 13.62 50.44
CA GLU F 256 61.09 13.11 51.62
C GLU F 256 60.33 12.00 52.30
N GLN F 257 59.00 12.14 52.34
CA GLN F 257 58.14 11.15 52.97
C GLN F 257 58.21 9.81 52.23
N LEU F 258 58.24 9.87 50.90
CA LEU F 258 58.29 8.67 50.07
C LEU F 258 59.72 8.21 49.82
N GLY F 259 60.69 9.02 50.22
CA GLY F 259 62.08 8.65 50.03
C GLY F 259 62.60 8.81 48.62
N ILE F 260 61.93 9.63 47.80
CA ILE F 260 62.36 9.87 46.43
C ILE F 260 63.09 11.21 46.42
N HIS F 261 63.85 11.47 45.37
CA HIS F 261 64.60 12.73 45.29
C HIS F 261 64.44 13.49 43.99
N TYR F 262 64.61 14.81 44.07
CA TYR F 262 64.55 15.69 42.91
C TYR F 262 65.92 16.34 42.79
N GLU F 263 66.40 16.47 41.56
CA GLU F 263 67.71 17.06 41.35
C GLU F 263 67.86 17.60 39.93
N HIS F 264 68.49 18.77 39.80
CA HIS F 264 68.72 19.37 38.49
C HIS F 264 70.09 18.92 38.01
N ARG F 265 70.21 18.66 36.73
CA ARG F 265 71.49 18.21 36.18
C ARG F 265 71.72 18.72 34.77
N LEU F 266 72.99 18.80 34.40
CA LEU F 266 73.37 19.26 33.08
C LEU F 266 72.94 18.14 32.13
N ILE F 267 72.22 18.51 31.07
CA ILE F 267 71.75 17.53 30.10
C ILE F 267 72.86 16.56 29.70
N ASP F 268 74.09 17.07 29.59
CA ASP F 268 75.28 16.28 29.23
C ASP F 268 75.42 15.06 30.13
N ASP F 269 75.44 15.31 31.43
CA ASP F 269 75.59 14.26 32.42
C ASP F 269 74.38 13.35 32.47
N MET F 270 73.20 13.95 32.55
CA MET F 270 71.95 13.20 32.63
C MET F 270 71.87 12.07 31.60
N VAL F 271 72.07 12.40 30.33
CA VAL F 271 72.02 11.40 29.28
C VAL F 271 73.06 10.32 29.44
N ALA F 272 74.26 10.71 29.90
CA ALA F 272 75.32 9.73 30.10
C ALA F 272 74.89 8.83 31.25
N GLN F 273 74.38 9.44 32.32
CA GLN F 273 73.91 8.71 33.48
C GLN F 273 72.75 7.78 33.11
N MET F 274 71.89 8.26 32.22
CA MET F 274 70.73 7.50 31.75
C MET F 274 71.20 6.22 31.06
N ILE F 275 72.09 6.37 30.08
CA ILE F 275 72.63 5.25 29.32
C ILE F 275 73.33 4.23 30.22
N LYS F 276 73.86 4.69 31.34
CA LYS F 276 74.59 3.85 32.28
C LYS F 276 73.72 3.27 33.39
N SER F 277 72.54 3.83 33.58
CA SER F 277 71.64 3.37 34.64
C SER F 277 70.86 2.10 34.34
N LYS F 278 69.95 1.76 35.25
CA LYS F 278 69.07 0.61 35.13
C LYS F 278 67.64 1.12 34.97
N GLY F 279 67.52 2.41 34.68
CA GLY F 279 66.22 3.03 34.52
C GLY F 279 65.52 3.22 35.85
N GLY F 280 64.21 3.45 35.81
CA GLY F 280 63.47 3.63 37.05
C GLY F 280 63.52 5.04 37.61
N PHE F 281 63.17 6.02 36.77
CA PHE F 281 63.15 7.43 37.16
C PHE F 281 62.51 8.29 36.07
N ILE F 282 62.16 9.51 36.42
CA ILE F 282 61.53 10.45 35.49
C ILE F 282 62.50 11.56 35.07
N MET F 283 62.59 11.81 33.77
CA MET F 283 63.46 12.86 33.24
C MET F 283 62.66 14.03 32.67
N ALA F 284 62.60 15.13 33.41
CA ALA F 284 61.91 16.32 32.95
C ALA F 284 62.86 16.98 31.96
N LEU F 285 62.38 17.18 30.75
CA LEU F 285 63.19 17.75 29.69
C LEU F 285 62.48 18.85 28.91
N LYS F 286 63.26 19.83 28.44
CA LYS F 286 62.72 20.93 27.65
C LYS F 286 62.15 20.32 26.37
N ASN F 287 61.23 21.05 25.74
CA ASN F 287 60.57 20.59 24.53
C ASN F 287 61.42 19.79 23.56
N TYR F 288 62.49 20.41 23.05
CA TYR F 288 63.36 19.75 22.09
C TYR F 288 64.05 18.50 22.63
N ASP F 289 64.70 18.62 23.79
CA ASP F 289 65.39 17.48 24.37
C ASP F 289 64.41 16.33 24.64
N GLY F 290 63.23 16.67 25.13
CA GLY F 290 62.23 15.65 25.41
C GLY F 290 61.85 14.92 24.14
N ASP F 291 61.74 15.66 23.03
CA ASP F 291 61.39 15.09 21.75
C ASP F 291 62.47 14.08 21.32
N VAL F 292 63.72 14.52 21.31
CA VAL F 292 64.84 13.67 20.91
C VAL F 292 65.11 12.50 21.85
N GLN F 293 65.16 12.75 23.15
CA GLN F 293 65.44 11.69 24.10
C GLN F 293 64.36 10.63 24.17
N SER F 294 63.11 11.01 23.91
CA SER F 294 62.00 10.06 23.95
C SER F 294 62.22 8.92 22.96
N ASP F 295 62.81 9.23 21.81
CA ASP F 295 63.06 8.20 20.80
C ASP F 295 64.27 7.32 21.16
N ILE F 296 65.20 7.87 21.94
CA ILE F 296 66.37 7.11 22.38
C ILE F 296 65.91 6.13 23.45
N VAL F 297 65.13 6.63 24.39
CA VAL F 297 64.61 5.78 25.46
C VAL F 297 63.69 4.71 24.90
N ALA F 298 62.79 5.09 24.00
CA ALA F 298 61.85 4.14 23.39
C ALA F 298 62.63 3.07 22.64
N GLN F 299 63.60 3.49 21.85
CA GLN F 299 64.39 2.54 21.09
C GLN F 299 65.20 1.67 22.06
N GLY F 300 65.67 2.28 23.13
CA GLY F 300 66.45 1.56 24.12
C GLY F 300 65.71 0.42 24.79
N PHE F 301 64.43 0.62 25.09
CA PHE F 301 63.62 -0.40 25.74
C PHE F 301 63.14 -1.52 24.82
N GLY F 302 63.33 -1.37 23.51
CA GLY F 302 62.90 -2.41 22.61
C GLY F 302 62.48 -1.97 21.22
N SER F 303 61.49 -1.08 21.14
CA SER F 303 60.99 -0.61 19.85
C SER F 303 60.32 0.76 19.92
N LEU F 304 60.44 1.52 18.84
CA LEU F 304 59.81 2.83 18.81
C LEU F 304 58.29 2.65 18.90
N GLY F 305 57.80 1.51 18.41
CA GLY F 305 56.38 1.23 18.43
C GLY F 305 55.84 0.78 19.78
N LEU F 306 56.72 0.72 20.77
CA LEU F 306 56.32 0.32 22.12
C LEU F 306 56.56 1.50 23.06
N MET F 307 55.77 2.55 22.89
CA MET F 307 55.89 3.76 23.70
C MET F 307 54.54 4.48 23.78
N THR F 308 54.22 5.01 24.96
CA THR F 308 52.98 5.74 25.14
C THR F 308 53.32 7.22 25.19
N SER F 309 52.33 8.05 24.90
CA SER F 309 52.52 9.49 24.90
C SER F 309 51.22 10.14 25.35
N ILE F 310 51.28 10.89 26.44
CA ILE F 310 50.08 11.56 26.92
C ILE F 310 50.39 13.01 27.34
N LEU F 311 49.58 13.93 26.84
CA LEU F 311 49.72 15.34 27.15
C LEU F 311 48.81 15.60 28.34
N VAL F 312 49.36 16.26 29.35
CA VAL F 312 48.63 16.57 30.57
C VAL F 312 48.78 18.05 30.91
N THR F 313 47.70 18.68 31.37
CA THR F 313 47.78 20.09 31.76
C THR F 313 48.05 20.14 33.26
N PRO F 314 48.55 21.28 33.77
CA PRO F 314 48.87 21.48 35.19
C PRO F 314 47.72 21.31 36.19
N ASP F 315 46.52 21.74 35.84
CA ASP F 315 45.37 21.63 36.73
C ASP F 315 44.93 20.19 36.96
N GLY F 316 45.47 19.26 36.19
CA GLY F 316 45.13 17.86 36.34
C GLY F 316 43.73 17.48 35.86
N LYS F 317 43.16 18.23 34.93
CA LYS F 317 41.83 17.89 34.44
C LYS F 317 41.70 17.75 32.92
N THR F 318 42.81 17.91 32.21
CA THR F 318 42.80 17.78 30.75
C THR F 318 43.89 16.81 30.31
N PHE F 319 43.53 15.92 29.39
CA PHE F 319 44.45 14.90 28.89
C PHE F 319 44.24 14.59 27.42
N GLU F 320 45.35 14.40 26.70
CA GLU F 320 45.29 14.01 25.30
C GLU F 320 46.23 12.81 25.14
N SER F 321 45.64 11.63 25.01
CA SER F 321 46.43 10.40 24.84
C SER F 321 46.63 10.22 23.33
N GLU F 322 47.87 10.21 22.88
CA GLU F 322 48.14 10.08 21.46
C GLU F 322 48.93 8.85 21.08
N ALA F 323 48.65 8.33 19.89
CA ALA F 323 49.37 7.17 19.38
C ALA F 323 50.76 7.70 19.06
N ALA F 324 51.74 7.29 19.87
CA ALA F 324 53.11 7.76 19.69
C ALA F 324 53.95 6.95 18.71
N HIS F 325 53.35 6.57 17.58
CA HIS F 325 54.08 5.81 16.57
C HIS F 325 53.60 6.18 15.18
N GLY F 326 54.36 7.02 14.51
CA GLY F 326 54.02 7.48 13.18
C GLY F 326 53.61 6.38 12.21
N THR F 327 52.71 6.73 11.29
CA THR F 327 52.24 5.79 10.29
C THR F 327 53.24 5.72 9.15
N VAL F 328 53.33 4.57 8.50
CA VAL F 328 54.26 4.40 7.38
C VAL F 328 53.52 4.26 6.07
N THR F 329 53.72 5.25 5.20
CA THR F 329 53.09 5.27 3.89
C THR F 329 53.32 3.97 3.13
N ARG F 330 54.48 3.37 3.32
CA ARG F 330 54.82 2.12 2.63
C ARG F 330 53.75 1.07 2.91
N HIS F 331 53.40 0.89 4.18
CA HIS F 331 52.38 -0.10 4.56
C HIS F 331 51.02 0.23 3.96
N TYR F 332 50.68 1.51 3.93
CA TYR F 332 49.41 1.95 3.40
C TYR F 332 49.28 1.62 1.91
N ARG F 333 50.34 1.88 1.16
CA ARG F 333 50.35 1.61 -0.27
C ARG F 333 50.05 0.13 -0.49
N LYS F 334 50.72 -0.73 0.28
CA LYS F 334 50.51 -2.17 0.17
C LYS F 334 49.08 -2.50 0.56
N TYR F 335 48.56 -1.79 1.55
CA TYR F 335 47.19 -2.02 2.01
C TYR F 335 46.21 -1.66 0.90
N GLN F 336 46.43 -0.52 0.27
CA GLN F 336 45.55 -0.06 -0.79
C GLN F 336 45.57 -1.02 -1.98
N LYS F 337 46.71 -1.68 -2.18
CA LYS F 337 46.88 -2.63 -3.28
C LYS F 337 46.36 -4.02 -2.91
N GLY F 338 45.72 -4.14 -1.75
CA GLY F 338 45.20 -5.42 -1.32
C GLY F 338 46.27 -6.42 -0.95
N GLU F 339 47.49 -5.94 -0.75
CA GLU F 339 48.62 -6.80 -0.37
C GLU F 339 48.67 -6.89 1.15
N GLU F 340 49.27 -7.96 1.67
CA GLU F 340 49.34 -8.14 3.11
C GLU F 340 50.27 -7.13 3.79
N THR F 341 49.95 -6.80 5.03
CA THR F 341 50.75 -5.88 5.81
C THR F 341 50.89 -6.47 7.20
N SER F 342 51.87 -5.98 7.95
CA SER F 342 52.09 -6.46 9.30
C SER F 342 52.50 -5.24 10.14
N THR F 343 51.54 -4.35 10.35
CA THR F 343 51.79 -3.14 11.11
C THR F 343 51.36 -3.28 12.55
N ASN F 344 52.25 -2.94 13.46
CA ASN F 344 51.96 -3.04 14.89
C ASN F 344 50.86 -2.06 15.29
N SER F 345 49.90 -2.54 16.06
CA SER F 345 48.80 -1.69 16.50
C SER F 345 48.82 -1.43 18.01
N ILE F 346 49.84 -1.94 18.70
CA ILE F 346 49.92 -1.77 20.14
C ILE F 346 49.92 -0.32 20.62
N ALA F 347 50.69 0.55 19.95
CA ALA F 347 50.73 1.96 20.35
C ALA F 347 49.33 2.58 20.28
N SER F 348 48.61 2.29 19.20
CA SER F 348 47.26 2.81 19.02
C SER F 348 46.31 2.30 20.11
N ILE F 349 46.41 1.01 20.43
CA ILE F 349 45.56 0.42 21.45
C ILE F 349 45.80 1.10 22.80
N PHE F 350 47.06 1.33 23.11
CA PHE F 350 47.38 1.95 24.39
C PHE F 350 46.95 3.40 24.45
N ALA F 351 46.93 4.08 23.30
CA ALA F 351 46.49 5.46 23.29
C ALA F 351 45.05 5.45 23.80
N TRP F 352 44.29 4.45 23.35
CA TRP F 352 42.90 4.31 23.78
C TRP F 352 42.75 4.00 25.26
N SER F 353 43.41 2.93 25.70
CA SER F 353 43.33 2.49 27.10
C SER F 353 43.77 3.58 28.07
N ARG F 354 44.91 4.22 27.78
CA ARG F 354 45.40 5.27 28.66
C ARG F 354 44.42 6.43 28.67
N GLY F 355 43.83 6.71 27.52
CA GLY F 355 42.86 7.79 27.43
C GLY F 355 41.65 7.44 28.27
N LEU F 356 41.19 6.21 28.13
CA LEU F 356 40.03 5.74 28.87
C LEU F 356 40.30 5.68 30.37
N LEU F 357 41.54 5.36 30.76
CA LEU F 357 41.88 5.31 32.17
C LEU F 357 41.67 6.68 32.79
N LYS F 358 42.11 7.72 32.09
CA LYS F 358 41.96 9.08 32.60
C LYS F 358 40.49 9.46 32.67
N ARG F 359 39.71 9.05 31.67
CA ARG F 359 38.28 9.32 31.65
C ARG F 359 37.63 8.70 32.89
N GLY F 360 37.91 7.43 33.12
CA GLY F 360 37.36 6.72 34.27
C GLY F 360 37.81 7.33 35.58
N GLU F 361 39.06 7.76 35.64
CA GLU F 361 39.59 8.37 36.86
C GLU F 361 38.89 9.69 37.14
N LEU F 362 38.71 10.50 36.10
CA LEU F 362 38.05 11.78 36.25
C LEU F 362 36.58 11.63 36.59
N ASP F 363 35.96 10.58 36.07
CA ASP F 363 34.53 10.36 36.34
C ASP F 363 34.30 9.43 37.52
N ASN F 364 35.37 8.85 38.05
CA ASN F 364 35.28 7.92 39.16
C ASN F 364 34.41 6.74 38.72
N THR F 365 34.81 6.13 37.61
CA THR F 365 34.12 4.97 37.05
C THR F 365 35.09 3.81 37.03
N PRO F 366 35.25 3.12 38.17
CA PRO F 366 36.16 1.98 38.30
C PRO F 366 35.96 0.90 37.24
N ALA F 367 34.73 0.77 36.75
CA ALA F 367 34.43 -0.22 35.73
C ALA F 367 35.25 0.07 34.47
N LEU F 368 35.30 1.34 34.07
CA LEU F 368 36.04 1.76 32.89
C LEU F 368 37.54 1.52 33.06
N CYS F 369 38.07 1.97 34.20
CA CYS F 369 39.48 1.78 34.49
C CYS F 369 39.84 0.30 34.42
N LYS F 370 38.96 -0.53 34.98
CA LYS F 370 39.19 -1.98 34.98
C LYS F 370 39.25 -2.47 33.53
N PHE F 371 38.29 -2.06 32.71
CA PHE F 371 38.27 -2.46 31.31
C PHE F 371 39.57 -2.02 30.64
N ALA F 372 39.95 -0.78 30.87
CA ALA F 372 41.16 -0.24 30.28
C ALA F 372 42.38 -1.12 30.60
N ASN F 373 42.50 -1.53 31.86
CA ASN F 373 43.62 -2.36 32.27
C ASN F 373 43.59 -3.74 31.60
N ILE F 374 42.43 -4.37 31.53
CA ILE F 374 42.36 -5.68 30.88
C ILE F 374 42.70 -5.56 29.39
N LEU F 375 42.34 -4.44 28.79
CA LEU F 375 42.62 -4.21 27.38
C LEU F 375 44.13 -4.23 27.17
N GLU F 376 44.85 -3.56 28.06
CA GLU F 376 46.31 -3.50 27.97
C GLU F 376 46.97 -4.85 28.18
N SER F 377 46.54 -5.60 29.18
CA SER F 377 47.13 -6.90 29.44
C SER F 377 46.79 -7.87 28.31
N ALA F 378 45.55 -7.85 27.84
CA ALA F 378 45.12 -8.72 26.76
C ALA F 378 46.02 -8.47 25.55
N THR F 379 46.36 -7.21 25.33
CA THR F 379 47.21 -6.81 24.22
C THR F 379 48.65 -7.28 24.43
N LEU F 380 49.17 -7.04 25.62
CA LEU F 380 50.55 -7.44 25.93
C LEU F 380 50.67 -8.96 25.98
N ASN F 381 49.74 -9.62 26.67
CA ASN F 381 49.79 -11.08 26.77
C ASN F 381 49.72 -11.77 25.42
N THR F 382 49.08 -11.12 24.45
CA THR F 382 48.99 -11.70 23.12
C THR F 382 50.40 -11.91 22.57
N VAL F 383 51.27 -10.94 22.82
CA VAL F 383 52.65 -11.01 22.37
C VAL F 383 53.50 -11.83 23.36
N GLN F 384 53.41 -11.45 24.63
CA GLN F 384 54.17 -12.10 25.69
C GLN F 384 53.89 -13.57 25.93
N GLN F 385 52.64 -13.88 26.28
CA GLN F 385 52.25 -15.25 26.57
C GLN F 385 51.86 -16.11 25.37
N ASP F 386 51.21 -15.50 24.37
CA ASP F 386 50.78 -16.23 23.18
C ASP F 386 51.76 -16.17 22.01
N GLY F 387 52.73 -15.26 22.09
CA GLY F 387 53.72 -15.15 21.03
C GLY F 387 53.22 -14.71 19.66
N ILE F 388 52.08 -14.04 19.61
CA ILE F 388 51.53 -13.57 18.34
C ILE F 388 51.93 -12.10 18.19
N MET F 389 52.62 -11.76 17.11
CA MET F 389 53.09 -10.40 16.93
C MET F 389 53.33 -10.00 15.48
N THR F 390 53.45 -8.69 15.24
CA THR F 390 53.69 -8.19 13.89
C THR F 390 55.18 -8.25 13.56
N LYS F 391 55.50 -8.16 12.28
CA LYS F 391 56.86 -8.24 11.77
C LYS F 391 57.91 -7.47 12.55
N ASP F 392 57.60 -6.23 12.92
CA ASP F 392 58.55 -5.40 13.66
C ASP F 392 59.02 -6.05 14.95
N LEU F 393 58.09 -6.53 15.77
CA LEU F 393 58.49 -7.17 17.02
C LEU F 393 59.17 -8.51 16.73
N ALA F 394 58.70 -9.22 15.71
CA ALA F 394 59.30 -10.50 15.35
C ALA F 394 60.78 -10.26 15.05
N LEU F 395 61.06 -9.26 14.22
CA LEU F 395 62.43 -8.90 13.86
C LEU F 395 63.24 -8.50 15.09
N ALA F 396 62.60 -7.74 15.99
CA ALA F 396 63.26 -7.29 17.20
C ALA F 396 63.74 -8.44 18.07
N CYS F 397 63.01 -9.56 18.04
CA CYS F 397 63.37 -10.72 18.83
C CYS F 397 64.38 -11.59 18.10
N GLY F 398 64.61 -11.28 16.82
CA GLY F 398 65.56 -12.06 16.04
C GLY F 398 64.91 -13.23 15.34
N ASN F 399 63.58 -13.19 15.21
CA ASN F 399 62.87 -14.26 14.53
C ASN F 399 62.68 -13.85 13.08
N ASN F 400 63.57 -14.32 12.22
CA ASN F 400 63.53 -13.98 10.80
C ASN F 400 62.65 -14.89 9.96
N GLU F 401 62.12 -15.94 10.58
CA GLU F 401 61.25 -16.88 9.89
C GLU F 401 59.96 -16.14 9.50
N ARG F 402 59.46 -16.38 8.29
CA ARG F 402 58.24 -15.71 7.85
C ARG F 402 57.10 -16.05 8.81
N SER F 403 57.03 -17.32 9.20
CA SER F 403 56.00 -17.78 10.12
C SER F 403 56.12 -17.17 11.51
N ALA F 404 57.14 -16.33 11.70
CA ALA F 404 57.38 -15.71 13.01
C ALA F 404 56.39 -14.60 13.39
N TYR F 405 55.71 -14.02 12.41
CA TYR F 405 54.75 -12.96 12.68
C TYR F 405 53.42 -13.14 11.94
N VAL F 406 52.41 -12.41 12.40
CA VAL F 406 51.09 -12.46 11.78
C VAL F 406 50.80 -11.13 11.11
N THR F 407 49.69 -11.06 10.39
CA THR F 407 49.32 -9.83 9.69
C THR F 407 48.75 -8.80 10.65
N THR F 408 48.57 -7.59 10.13
CA THR F 408 48.04 -6.48 10.91
C THR F 408 46.69 -6.87 11.50
N GLU F 409 45.83 -7.45 10.67
CA GLU F 409 44.51 -7.85 11.10
C GLU F 409 44.51 -9.10 11.98
N GLU F 410 45.43 -10.03 11.74
CA GLU F 410 45.49 -11.23 12.56
C GLU F 410 45.87 -10.88 13.99
N PHE F 411 46.78 -9.92 14.13
CA PHE F 411 47.20 -9.52 15.46
C PHE F 411 46.00 -8.93 16.21
N LEU F 412 45.24 -8.08 15.52
CA LEU F 412 44.08 -7.44 16.13
C LEU F 412 43.01 -8.47 16.50
N ASP F 413 42.82 -9.47 15.65
CA ASP F 413 41.83 -10.51 15.95
C ASP F 413 42.28 -11.29 17.18
N ALA F 414 43.59 -11.48 17.30
CA ALA F 414 44.14 -12.20 18.43
C ALA F 414 43.88 -11.42 19.71
N VAL F 415 44.11 -10.11 19.67
CA VAL F 415 43.86 -9.28 20.85
C VAL F 415 42.39 -9.34 21.23
N GLU F 416 41.52 -9.23 20.23
CA GLU F 416 40.07 -9.29 20.47
C GLU F 416 39.70 -10.60 21.18
N LYS F 417 40.20 -11.72 20.66
CA LYS F 417 39.93 -13.02 21.25
C LYS F 417 40.41 -13.04 22.71
N ARG F 418 41.61 -12.53 22.95
CA ARG F 418 42.18 -12.47 24.29
C ARG F 418 41.33 -11.59 25.17
N LEU F 419 40.87 -10.46 24.62
CA LEU F 419 40.05 -9.51 25.36
C LEU F 419 38.76 -10.20 25.83
N GLN F 420 38.08 -10.88 24.92
CA GLN F 420 36.84 -11.55 25.28
C GLN F 420 37.14 -12.58 26.37
N LYS F 421 38.24 -13.31 26.17
CA LYS F 421 38.66 -14.32 27.13
C LYS F 421 38.90 -13.70 28.51
N GLU F 422 39.82 -12.74 28.57
CA GLU F 422 40.14 -12.09 29.85
C GLU F 422 38.96 -11.37 30.49
N ILE F 423 38.03 -10.89 29.67
CA ILE F 423 36.86 -10.21 30.21
C ILE F 423 36.02 -11.21 31.00
N LYS F 424 36.10 -12.48 30.60
CA LYS F 424 35.36 -13.56 31.24
C LYS F 424 36.18 -14.30 32.29
N SER F 425 36.78 -13.56 33.22
CA SER F 425 37.59 -14.17 34.27
C SER F 425 37.60 -13.39 35.57
N ILE F 426 36.93 -12.24 35.58
CA ILE F 426 36.87 -11.40 36.77
C ILE F 426 36.12 -12.09 37.91
C1 AKG G . -13.35 -2.85 -6.52
O1 AKG G . -14.54 -3.15 -6.80
O2 AKG G . -12.41 -2.87 -7.34
C2 AKG G . -13.04 -2.45 -5.08
O5 AKG G . -11.89 -2.13 -4.78
C3 AKG G . -14.15 -2.43 -4.03
C4 AKG G . -14.71 -1.02 -3.85
C5 AKG G . -15.88 -1.02 -2.86
O3 AKG G . -16.73 -1.92 -2.98
O4 AKG G . -15.90 -0.10 -2.02
C1 AKG H . 13.39 6.86 3.07
O1 AKG H . 14.46 7.11 3.65
O2 AKG H . 12.84 7.62 2.24
C2 AKG H . 12.68 5.53 3.39
O5 AKG H . 11.62 5.26 2.83
C3 AKG H . 13.30 4.57 4.40
C4 AKG H . 13.89 3.35 3.69
C5 AKG H . 14.58 2.41 4.68
O3 AKG H . 15.38 2.93 5.50
O4 AKG H . 14.30 1.19 4.61
C1 AKG I . -56.13 -15.22 -14.97
O1 AKG I . -54.97 -14.90 -14.66
O2 AKG I . -57.05 -15.41 -14.15
C2 AKG I . -56.46 -15.42 -16.45
O5 AKG I . -57.62 -15.65 -16.80
C3 AKG I . -55.34 -15.30 -17.50
C4 AKG I . -55.45 -13.98 -18.26
C5 AKG I . -54.34 -13.85 -19.31
O3 AKG I . -53.21 -14.29 -19.00
O4 AKG I . -54.64 -13.31 -20.40
C1 AKG J . -83.08 -21.33 -25.75
O1 AKG J . -84.18 -21.67 -26.25
O2 AKG J . -82.86 -20.22 -25.23
C2 AKG J . -81.93 -22.34 -25.79
O5 AKG J . -80.86 -22.07 -25.24
C3 AKG J . -82.12 -23.69 -26.49
C4 AKG J . -82.47 -24.79 -25.49
C5 AKG J . -82.64 -26.14 -26.18
O3 AKG J . -83.19 -26.13 -27.31
O4 AKG J . -82.22 -27.14 -25.58
C1 AKG K . 83.68 19.34 25.50
O1 AKG K . 84.82 19.70 25.87
O2 AKG K . 83.46 18.26 24.89
C2 AKG K . 82.50 20.27 25.78
O5 AKG K . 81.38 19.95 25.38
C3 AKG K . 82.71 21.56 26.56
C4 AKG K . 82.42 21.36 28.05
C5 AKG K . 82.63 22.65 28.84
O3 AKG K . 83.62 23.35 28.52
O4 AKG K . 81.81 22.90 29.74
C1 AKG L . 55.21 13.20 18.85
O1 AKG L . 54.06 13.06 18.41
O2 AKG L . 55.72 12.48 19.75
C2 AKG L . 56.09 14.32 18.28
O5 AKG L . 57.23 14.47 18.69
C3 AKG L . 55.51 15.24 17.20
C4 AKG L . 55.77 14.68 15.80
C5 AKG L . 55.16 15.57 14.74
O3 AKG L . 53.93 15.81 14.82
O4 AKG L . 55.92 16.00 13.83
#